data_1R0Q
# 
_entry.id   1R0Q 
# 
_audit_conform.dict_name       mmcif_pdbx.dic 
_audit_conform.dict_version    5.398 
_audit_conform.dict_location   http://mmcif.pdb.org/dictionaries/ascii/mmcif_pdbx.dic 
# 
loop_
_database_2.database_id 
_database_2.database_code 
_database_2.pdbx_database_accession 
_database_2.pdbx_DOI 
PDB   1R0Q         pdb_00001r0q 10.2210/pdb1r0q/pdb 
RCSB  RCSB020298   ?            ?                   
WWPDB D_1000020298 ?            ?                   
# 
loop_
_pdbx_audit_revision_history.ordinal 
_pdbx_audit_revision_history.data_content_type 
_pdbx_audit_revision_history.major_revision 
_pdbx_audit_revision_history.minor_revision 
_pdbx_audit_revision_history.revision_date 
1 'Structure model' 1 0 2004-09-28 
2 'Structure model' 1 1 2008-04-29 
3 'Structure model' 1 2 2011-07-13 
4 'Structure model' 1 3 2024-11-13 
# 
_pdbx_audit_revision_details.ordinal             1 
_pdbx_audit_revision_details.revision_ordinal    1 
_pdbx_audit_revision_details.data_content_type   'Structure model' 
_pdbx_audit_revision_details.provider            repository 
_pdbx_audit_revision_details.type                'Initial release' 
_pdbx_audit_revision_details.description         ? 
_pdbx_audit_revision_details.details             ? 
# 
loop_
_pdbx_audit_revision_group.ordinal 
_pdbx_audit_revision_group.revision_ordinal 
_pdbx_audit_revision_group.data_content_type 
_pdbx_audit_revision_group.group 
1 2 'Structure model' 'Version format compliance' 
2 3 'Structure model' 'Version format compliance' 
3 4 'Structure model' 'Data collection'           
4 4 'Structure model' 'Database references'       
5 4 'Structure model' 'Derived calculations'      
6 4 'Structure model' 'Structure summary'         
# 
loop_
_pdbx_audit_revision_category.ordinal 
_pdbx_audit_revision_category.revision_ordinal 
_pdbx_audit_revision_category.data_content_type 
_pdbx_audit_revision_category.category 
1 4 'Structure model' chem_comp_atom            
2 4 'Structure model' chem_comp_bond            
3 4 'Structure model' database_2                
4 4 'Structure model' pdbx_entry_details        
5 4 'Structure model' pdbx_modification_feature 
6 4 'Structure model' struct_conn               
7 4 'Structure model' struct_conn_type          
8 4 'Structure model' struct_site               
# 
loop_
_pdbx_audit_revision_item.ordinal 
_pdbx_audit_revision_item.revision_ordinal 
_pdbx_audit_revision_item.data_content_type 
_pdbx_audit_revision_item.item 
1  4 'Structure model' '_database_2.pdbx_DOI'                
2  4 'Structure model' '_database_2.pdbx_database_accession' 
3  4 'Structure model' '_struct_conn.conn_type_id'           
4  4 'Structure model' '_struct_conn.id'                     
5  4 'Structure model' '_struct_conn.pdbx_dist_value'        
6  4 'Structure model' '_struct_conn.pdbx_leaving_atom_flag' 
7  4 'Structure model' '_struct_conn.ptnr1_auth_comp_id'     
8  4 'Structure model' '_struct_conn.ptnr1_auth_seq_id'      
9  4 'Structure model' '_struct_conn.ptnr1_label_atom_id'    
10 4 'Structure model' '_struct_conn.ptnr1_label_comp_id'    
11 4 'Structure model' '_struct_conn.ptnr1_label_seq_id'     
12 4 'Structure model' '_struct_conn.ptnr2_label_atom_id'    
13 4 'Structure model' '_struct_conn_type.id'                
14 4 'Structure model' '_struct_site.pdbx_auth_asym_id'      
15 4 'Structure model' '_struct_site.pdbx_auth_comp_id'      
16 4 'Structure model' '_struct_site.pdbx_auth_seq_id'       
# 
_pdbx_database_status.status_code                     REL 
_pdbx_database_status.entry_id                        1R0Q 
_pdbx_database_status.recvd_initial_deposition_date   2003-09-22 
_pdbx_database_status.deposit_site                    RCSB 
_pdbx_database_status.process_site                    RCSB 
_pdbx_database_status.status_code_sf                  REL 
_pdbx_database_status.SG_entry                        . 
_pdbx_database_status.pdb_format_compatible           Y 
_pdbx_database_status.status_code_mr                  ? 
_pdbx_database_status.status_code_cs                  ? 
_pdbx_database_status.status_code_nmr_data            ? 
_pdbx_database_status.methods_development_category    ? 
# 
_pdbx_database_related.db_name        PDB 
_pdbx_database_related.db_id          1QYZ 
_pdbx_database_related.details        'The same protein before heating at 343K for 1 hour' 
_pdbx_database_related.content_type   unspecified 
# 
loop_
_audit_author.name 
_audit_author.pdbx_ordinal 
'Fee, J.A.'            1  
'Todaro, T.R.'         2  
'Luna, E.'             3  
'Sanders, D.'          4  
'Hunsicker-Wang, L.M.' 5  
'Patel, K.M.'          6  
'Bren, K.L.'           7  
'Gomez-Moran, E.'      8  
'Hill, M.G.'           9  
'Ai, J.'               10 
'Loehr, T.M.'          11 
'Oertling, W.A.'       12 
'Williams, P.A.'       13 
'Stout, C.D.'          14 
'McRee, D.'            15 
'Pastuszyn, A.'        16 
# 
_citation.id                        primary 
_citation.title                     
;Cytochrome rC552, formed during expression of the truncated, Thermus thermophilus cytochrome c552 gene in the cytoplasm of Escherichia coli, reacts spontaneously to form protein-bound 2-formyl-4-vinyl (Spirographis) heme.
;
_citation.journal_abbrev            Biochemistry 
_citation.journal_volume            43 
_citation.page_first                12162 
_citation.page_last                 12176 
_citation.year                      2004 
_citation.journal_id_ASTM           BICHAW 
_citation.country                   US 
_citation.journal_id_ISSN           0006-2960 
_citation.journal_id_CSD            0033 
_citation.book_publisher            ? 
_citation.pdbx_database_id_PubMed   15379555 
_citation.pdbx_database_id_DOI      10.1021/bi048968l 
# 
loop_
_citation_author.citation_id 
_citation_author.name 
_citation_author.ordinal 
_citation_author.identifier_ORCID 
primary 'Fee, J.A.'            1  ? 
primary 'Todaro, T.R.'         2  ? 
primary 'Luna, E.'             3  ? 
primary 'Sanders, D.'          4  ? 
primary 'Hunsicker-Wang, L.M.' 5  ? 
primary 'Patel, K.M.'          6  ? 
primary 'Bren, K.L.'           7  ? 
primary 'Gomez-Moran, E.'      8  ? 
primary 'Hill, M.G.'           9  ? 
primary 'Ai, J.'               10 ? 
primary 'Loehr, T.M.'          11 ? 
primary 'Oertling, W.A.'       12 ? 
primary 'Williams, P.A.'       13 ? 
primary 'Stout, C.D.'          14 ? 
primary 'McRee, D.'            15 ? 
primary 'Pastuszyn, A.'        16 ? 
# 
loop_
_entity.id 
_entity.type 
_entity.src_method 
_entity.pdbx_description 
_entity.formula_weight 
_entity.pdbx_number_of_molecules 
_entity.pdbx_ec 
_entity.pdbx_mutation 
_entity.pdbx_fragment 
_entity.details 
1 polymer     man 'Cytochrome c-552'          14194.575 1   ? ? ? ? 
2 non-polymer syn '2-FORMYL-PROTOPORPHRYN IX' 620.476   1   ? ? ? ? 
3 water       nat water                       18.015    136 ? ? ? ? 
# 
_entity_name_com.entity_id   1 
_entity_name_com.name        C552 
# 
_entity_poly.entity_id                      1 
_entity_poly.type                           'polypeptide(L)' 
_entity_poly.nstd_linkage                   no 
_entity_poly.nstd_monomer                   no 
_entity_poly.pdbx_seq_one_letter_code       
;QADGAKIYAQCAGCHQQNGQGIPGAFPPLAGHVAEILAKEGGREYLILVLLYGLQGQIEVKGMKYNGVMSSFAQLKDEEI
AAVLNHIATAWGDAKKVKGFKPFTAEEVKKLRAKKLTPQQVLAERKKLGLK
;
_entity_poly.pdbx_seq_one_letter_code_can   
;QADGAKIYAQCAGCHQQNGQGIPGAFPPLAGHVAEILAKEGGREYLILVLLYGLQGQIEVKGMKYNGVMSSFAQLKDEEI
AAVLNHIATAWGDAKKVKGFKPFTAEEVKKLRAKKLTPQQVLAERKKLGLK
;
_entity_poly.pdbx_strand_id                 A 
_entity_poly.pdbx_target_identifier         ? 
# 
loop_
_pdbx_entity_nonpoly.entity_id 
_pdbx_entity_nonpoly.name 
_pdbx_entity_nonpoly.comp_id 
2 '2-FORMYL-PROTOPORPHRYN IX' HFM 
3 water                       HOH 
# 
loop_
_entity_poly_seq.entity_id 
_entity_poly_seq.num 
_entity_poly_seq.mon_id 
_entity_poly_seq.hetero 
1 1   GLN n 
1 2   ALA n 
1 3   ASP n 
1 4   GLY n 
1 5   ALA n 
1 6   LYS n 
1 7   ILE n 
1 8   TYR n 
1 9   ALA n 
1 10  GLN n 
1 11  CYS n 
1 12  ALA n 
1 13  GLY n 
1 14  CYS n 
1 15  HIS n 
1 16  GLN n 
1 17  GLN n 
1 18  ASN n 
1 19  GLY n 
1 20  GLN n 
1 21  GLY n 
1 22  ILE n 
1 23  PRO n 
1 24  GLY n 
1 25  ALA n 
1 26  PHE n 
1 27  PRO n 
1 28  PRO n 
1 29  LEU n 
1 30  ALA n 
1 31  GLY n 
1 32  HIS n 
1 33  VAL n 
1 34  ALA n 
1 35  GLU n 
1 36  ILE n 
1 37  LEU n 
1 38  ALA n 
1 39  LYS n 
1 40  GLU n 
1 41  GLY n 
1 42  GLY n 
1 43  ARG n 
1 44  GLU n 
1 45  TYR n 
1 46  LEU n 
1 47  ILE n 
1 48  LEU n 
1 49  VAL n 
1 50  LEU n 
1 51  LEU n 
1 52  TYR n 
1 53  GLY n 
1 54  LEU n 
1 55  GLN n 
1 56  GLY n 
1 57  GLN n 
1 58  ILE n 
1 59  GLU n 
1 60  VAL n 
1 61  LYS n 
1 62  GLY n 
1 63  MET n 
1 64  LYS n 
1 65  TYR n 
1 66  ASN n 
1 67  GLY n 
1 68  VAL n 
1 69  MET n 
1 70  SER n 
1 71  SER n 
1 72  PHE n 
1 73  ALA n 
1 74  GLN n 
1 75  LEU n 
1 76  LYS n 
1 77  ASP n 
1 78  GLU n 
1 79  GLU n 
1 80  ILE n 
1 81  ALA n 
1 82  ALA n 
1 83  VAL n 
1 84  LEU n 
1 85  ASN n 
1 86  HIS n 
1 87  ILE n 
1 88  ALA n 
1 89  THR n 
1 90  ALA n 
1 91  TRP n 
1 92  GLY n 
1 93  ASP n 
1 94  ALA n 
1 95  LYS n 
1 96  LYS n 
1 97  VAL n 
1 98  LYS n 
1 99  GLY n 
1 100 PHE n 
1 101 LYS n 
1 102 PRO n 
1 103 PHE n 
1 104 THR n 
1 105 ALA n 
1 106 GLU n 
1 107 GLU n 
1 108 VAL n 
1 109 LYS n 
1 110 LYS n 
1 111 LEU n 
1 112 ARG n 
1 113 ALA n 
1 114 LYS n 
1 115 LYS n 
1 116 LEU n 
1 117 THR n 
1 118 PRO n 
1 119 GLN n 
1 120 GLN n 
1 121 VAL n 
1 122 LEU n 
1 123 ALA n 
1 124 GLU n 
1 125 ARG n 
1 126 LYS n 
1 127 LYS n 
1 128 LEU n 
1 129 GLY n 
1 130 LEU n 
1 131 LYS n 
# 
_entity_src_gen.entity_id                          1 
_entity_src_gen.pdbx_src_id                        1 
_entity_src_gen.pdbx_alt_source_flag               sample 
_entity_src_gen.pdbx_seq_type                      ? 
_entity_src_gen.pdbx_beg_seq_num                   ? 
_entity_src_gen.pdbx_end_seq_num                   ? 
_entity_src_gen.gene_src_common_name               ? 
_entity_src_gen.gene_src_genus                     Thermus 
_entity_src_gen.pdbx_gene_src_gene                 CYCA 
_entity_src_gen.gene_src_species                   ? 
_entity_src_gen.gene_src_strain                    ? 
_entity_src_gen.gene_src_tissue                    ? 
_entity_src_gen.gene_src_tissue_fraction           ? 
_entity_src_gen.gene_src_details                   ? 
_entity_src_gen.pdbx_gene_src_fragment             ? 
_entity_src_gen.pdbx_gene_src_scientific_name      'Thermus thermophilus' 
_entity_src_gen.pdbx_gene_src_ncbi_taxonomy_id     274 
_entity_src_gen.pdbx_gene_src_variant              ? 
_entity_src_gen.pdbx_gene_src_cell_line            ? 
_entity_src_gen.pdbx_gene_src_atcc                 ? 
_entity_src_gen.pdbx_gene_src_organ                ? 
_entity_src_gen.pdbx_gene_src_organelle            ? 
_entity_src_gen.pdbx_gene_src_cell                 ? 
_entity_src_gen.pdbx_gene_src_cellular_location    ? 
_entity_src_gen.host_org_common_name               ? 
_entity_src_gen.pdbx_host_org_scientific_name      'Escherichia coli' 
_entity_src_gen.pdbx_host_org_ncbi_taxonomy_id     562 
_entity_src_gen.host_org_genus                     Escherichia 
_entity_src_gen.pdbx_host_org_gene                 ? 
_entity_src_gen.pdbx_host_org_organ                ? 
_entity_src_gen.host_org_species                   ? 
_entity_src_gen.pdbx_host_org_tissue               ? 
_entity_src_gen.pdbx_host_org_tissue_fraction      ? 
_entity_src_gen.pdbx_host_org_strain               ? 
_entity_src_gen.pdbx_host_org_variant              ? 
_entity_src_gen.pdbx_host_org_cell_line            ? 
_entity_src_gen.pdbx_host_org_atcc                 ? 
_entity_src_gen.pdbx_host_org_culture_collection   ? 
_entity_src_gen.pdbx_host_org_cell                 ? 
_entity_src_gen.pdbx_host_org_organelle            ? 
_entity_src_gen.pdbx_host_org_cellular_location    ? 
_entity_src_gen.pdbx_host_org_vector_type          ? 
_entity_src_gen.pdbx_host_org_vector               ? 
_entity_src_gen.host_org_details                   ? 
_entity_src_gen.expression_system_id               ? 
_entity_src_gen.plasmid_name                       ? 
_entity_src_gen.plasmid_details                    ? 
_entity_src_gen.pdbx_description                   ? 
# 
loop_
_chem_comp.id 
_chem_comp.type 
_chem_comp.mon_nstd_flag 
_chem_comp.name 
_chem_comp.pdbx_synonyms 
_chem_comp.formula 
_chem_comp.formula_weight 
ALA 'L-peptide linking' y ALANINE                     ? 'C3 H7 N O2'       89.093  
ARG 'L-peptide linking' y ARGININE                    ? 'C6 H15 N4 O2 1'   175.209 
ASN 'L-peptide linking' y ASPARAGINE                  ? 'C4 H8 N2 O3'      132.118 
ASP 'L-peptide linking' y 'ASPARTIC ACID'             ? 'C4 H7 N O4'       133.103 
CYS 'L-peptide linking' y CYSTEINE                    ? 'C3 H7 N O2 S'     121.158 
GLN 'L-peptide linking' y GLUTAMINE                   ? 'C5 H10 N2 O3'     146.144 
GLU 'L-peptide linking' y 'GLUTAMIC ACID'             ? 'C5 H9 N O4'       147.129 
GLY 'peptide linking'   y GLYCINE                     ? 'C2 H5 N O2'       75.067  
HFM non-polymer         . '2-FORMYL-PROTOPORPHRYN IX' ? 'C33 H32 Fe N4 O5' 620.476 
HIS 'L-peptide linking' y HISTIDINE                   ? 'C6 H10 N3 O2 1'   156.162 
HOH non-polymer         . WATER                       ? 'H2 O'             18.015  
ILE 'L-peptide linking' y ISOLEUCINE                  ? 'C6 H13 N O2'      131.173 
LEU 'L-peptide linking' y LEUCINE                     ? 'C6 H13 N O2'      131.173 
LYS 'L-peptide linking' y LYSINE                      ? 'C6 H15 N2 O2 1'   147.195 
MET 'L-peptide linking' y METHIONINE                  ? 'C5 H11 N O2 S'    149.211 
PHE 'L-peptide linking' y PHENYLALANINE               ? 'C9 H11 N O2'      165.189 
PRO 'L-peptide linking' y PROLINE                     ? 'C5 H9 N O2'       115.130 
SER 'L-peptide linking' y SERINE                      ? 'C3 H7 N O3'       105.093 
THR 'L-peptide linking' y THREONINE                   ? 'C4 H9 N O3'       119.119 
TRP 'L-peptide linking' y TRYPTOPHAN                  ? 'C11 H12 N2 O2'    204.225 
TYR 'L-peptide linking' y TYROSINE                    ? 'C9 H11 N O3'      181.189 
VAL 'L-peptide linking' y VALINE                      ? 'C5 H11 N O2'      117.146 
# 
loop_
_pdbx_poly_seq_scheme.asym_id 
_pdbx_poly_seq_scheme.entity_id 
_pdbx_poly_seq_scheme.seq_id 
_pdbx_poly_seq_scheme.mon_id 
_pdbx_poly_seq_scheme.ndb_seq_num 
_pdbx_poly_seq_scheme.pdb_seq_num 
_pdbx_poly_seq_scheme.auth_seq_num 
_pdbx_poly_seq_scheme.pdb_mon_id 
_pdbx_poly_seq_scheme.auth_mon_id 
_pdbx_poly_seq_scheme.pdb_strand_id 
_pdbx_poly_seq_scheme.pdb_ins_code 
_pdbx_poly_seq_scheme.hetero 
A 1 1   GLN 1   1   ?   ?   ?   A . n 
A 1 2   ALA 2   2   2   ALA ALA A . n 
A 1 3   ASP 3   3   3   ASP ASP A . n 
A 1 4   GLY 4   4   4   GLY GLY A . n 
A 1 5   ALA 5   5   5   ALA ALA A . n 
A 1 6   LYS 6   6   6   LYS LYS A . n 
A 1 7   ILE 7   7   7   ILE ILE A . n 
A 1 8   TYR 8   8   8   TYR TYR A . n 
A 1 9   ALA 9   9   9   ALA ALA A . n 
A 1 10  GLN 10  10  10  GLN GLN A . n 
A 1 11  CYS 11  11  11  CYS CYS A . n 
A 1 12  ALA 12  12  12  ALA ALA A . n 
A 1 13  GLY 13  13  13  GLY GLY A . n 
A 1 14  CYS 14  14  14  CYS CYS A . n 
A 1 15  HIS 15  15  15  HIS HIS A . n 
A 1 16  GLN 16  16  16  GLN GLN A . n 
A 1 17  GLN 17  17  17  GLN GLN A . n 
A 1 18  ASN 18  18  18  ASN ASN A . n 
A 1 19  GLY 19  19  19  GLY GLY A . n 
A 1 20  GLN 20  20  20  GLN GLN A . n 
A 1 21  GLY 21  21  21  GLY GLY A . n 
A 1 22  ILE 22  22  22  ILE ILE A . n 
A 1 23  PRO 23  23  23  PRO PRO A . n 
A 1 24  GLY 24  24  24  GLY GLY A . n 
A 1 25  ALA 25  25  25  ALA ALA A . n 
A 1 26  PHE 26  26  26  PHE PHE A . n 
A 1 27  PRO 27  27  27  PRO PRO A . n 
A 1 28  PRO 28  28  28  PRO PRO A . n 
A 1 29  LEU 29  29  29  LEU LEU A . n 
A 1 30  ALA 30  30  30  ALA ALA A . n 
A 1 31  GLY 31  31  31  GLY GLY A . n 
A 1 32  HIS 32  32  32  HIS HIS A . n 
A 1 33  VAL 33  33  33  VAL VAL A . n 
A 1 34  ALA 34  34  34  ALA ALA A . n 
A 1 35  GLU 35  35  35  GLU GLU A . n 
A 1 36  ILE 36  36  36  ILE ILE A . n 
A 1 37  LEU 37  37  37  LEU LEU A . n 
A 1 38  ALA 38  38  38  ALA ALA A . n 
A 1 39  LYS 39  39  39  LYS LYS A . n 
A 1 40  GLU 40  40  40  GLU GLU A . n 
A 1 41  GLY 41  41  41  GLY GLY A . n 
A 1 42  GLY 42  42  42  GLY GLY A . n 
A 1 43  ARG 43  43  43  ARG ARG A . n 
A 1 44  GLU 44  44  44  GLU GLU A . n 
A 1 45  TYR 45  45  45  TYR TYR A . n 
A 1 46  LEU 46  46  46  LEU LEU A . n 
A 1 47  ILE 47  47  47  ILE ILE A . n 
A 1 48  LEU 48  48  48  LEU LEU A . n 
A 1 49  VAL 49  49  49  VAL VAL A . n 
A 1 50  LEU 50  50  50  LEU LEU A . n 
A 1 51  LEU 51  51  51  LEU LEU A . n 
A 1 52  TYR 52  52  52  TYR TYR A . n 
A 1 53  GLY 53  53  53  GLY GLY A . n 
A 1 54  LEU 54  54  54  LEU LEU A . n 
A 1 55  GLN 55  55  55  GLN GLN A . n 
A 1 56  GLY 56  56  56  GLY GLY A . n 
A 1 57  GLN 57  57  57  GLN GLN A . n 
A 1 58  ILE 58  58  58  ILE ILE A . n 
A 1 59  GLU 59  59  59  GLU GLU A . n 
A 1 60  VAL 60  60  60  VAL VAL A . n 
A 1 61  LYS 61  61  61  LYS LYS A . n 
A 1 62  GLY 62  62  62  GLY GLY A . n 
A 1 63  MET 63  63  63  MET MET A . n 
A 1 64  LYS 64  64  64  LYS LYS A . n 
A 1 65  TYR 65  65  65  TYR TYR A . n 
A 1 66  ASN 66  66  66  ASN ASN A . n 
A 1 67  GLY 67  67  67  GLY GLY A . n 
A 1 68  VAL 68  68  68  VAL VAL A . n 
A 1 69  MET 69  69  69  MET MET A . n 
A 1 70  SER 70  70  70  SER SER A . n 
A 1 71  SER 71  71  71  SER SER A . n 
A 1 72  PHE 72  72  72  PHE PHE A . n 
A 1 73  ALA 73  73  73  ALA ALA A . n 
A 1 74  GLN 74  74  74  GLN GLN A . n 
A 1 75  LEU 75  75  75  LEU LEU A . n 
A 1 76  LYS 76  76  76  LYS LYS A . n 
A 1 77  ASP 77  77  77  ASP ASP A . n 
A 1 78  GLU 78  78  78  GLU GLU A . n 
A 1 79  GLU 79  79  79  GLU GLU A . n 
A 1 80  ILE 80  80  80  ILE ILE A . n 
A 1 81  ALA 81  81  81  ALA ALA A . n 
A 1 82  ALA 82  82  82  ALA ALA A . n 
A 1 83  VAL 83  83  83  VAL VAL A . n 
A 1 84  LEU 84  84  84  LEU LEU A . n 
A 1 85  ASN 85  85  85  ASN ASN A . n 
A 1 86  HIS 86  86  86  HIS HIS A . n 
A 1 87  ILE 87  87  87  ILE ILE A . n 
A 1 88  ALA 88  88  88  ALA ALA A . n 
A 1 89  THR 89  89  89  THR THR A . n 
A 1 90  ALA 90  90  90  ALA ALA A . n 
A 1 91  TRP 91  91  91  TRP TRP A . n 
A 1 92  GLY 92  92  92  GLY GLY A . n 
A 1 93  ASP 93  93  93  ASP ASP A . n 
A 1 94  ALA 94  94  94  ALA ALA A . n 
A 1 95  LYS 95  95  95  LYS LYS A . n 
A 1 96  LYS 96  96  96  LYS LYS A . n 
A 1 97  VAL 97  97  97  VAL VAL A . n 
A 1 98  LYS 98  98  98  LYS LYS A . n 
A 1 99  GLY 99  99  99  GLY GLY A . n 
A 1 100 PHE 100 100 100 PHE PHE A . n 
A 1 101 LYS 101 101 101 LYS LYS A . n 
A 1 102 PRO 102 102 102 PRO PRO A . n 
A 1 103 PHE 103 103 103 PHE PHE A . n 
A 1 104 THR 104 104 104 THR THR A . n 
A 1 105 ALA 105 105 105 ALA ALA A . n 
A 1 106 GLU 106 106 106 GLU GLU A . n 
A 1 107 GLU 107 107 107 GLU GLU A . n 
A 1 108 VAL 108 108 108 VAL VAL A . n 
A 1 109 LYS 109 109 109 LYS LYS A . n 
A 1 110 LYS 110 110 110 LYS LYS A . n 
A 1 111 LEU 111 111 111 LEU LEU A . n 
A 1 112 ARG 112 112 112 ARG ARG A . n 
A 1 113 ALA 113 113 113 ALA ALA A . n 
A 1 114 LYS 114 114 114 LYS LYS A . n 
A 1 115 LYS 115 115 115 LYS LYS A . n 
A 1 116 LEU 116 116 116 LEU LEU A . n 
A 1 117 THR 117 117 117 THR THR A . n 
A 1 118 PRO 118 118 118 PRO PRO A . n 
A 1 119 GLN 119 119 119 GLN GLN A . n 
A 1 120 GLN 120 120 120 GLN GLN A . n 
A 1 121 VAL 121 121 121 VAL VAL A . n 
A 1 122 LEU 122 122 122 LEU LEU A . n 
A 1 123 ALA 123 123 123 ALA ALA A . n 
A 1 124 GLU 124 124 124 GLU GLU A . n 
A 1 125 ARG 125 125 125 ARG ARG A . n 
A 1 126 LYS 126 126 126 LYS LYS A . n 
A 1 127 LYS 127 127 127 LYS LYS A . n 
A 1 128 LEU 128 128 128 LEU LEU A . n 
A 1 129 GLY 129 129 129 GLY GLY A . n 
A 1 130 LEU 130 130 130 LEU LEU A . n 
A 1 131 LYS 131 131 131 LYS LYS A . n 
# 
loop_
_pdbx_nonpoly_scheme.asym_id 
_pdbx_nonpoly_scheme.entity_id 
_pdbx_nonpoly_scheme.mon_id 
_pdbx_nonpoly_scheme.ndb_seq_num 
_pdbx_nonpoly_scheme.pdb_seq_num 
_pdbx_nonpoly_scheme.auth_seq_num 
_pdbx_nonpoly_scheme.pdb_mon_id 
_pdbx_nonpoly_scheme.auth_mon_id 
_pdbx_nonpoly_scheme.pdb_strand_id 
_pdbx_nonpoly_scheme.pdb_ins_code 
B 2 HFM 1   200  200  HFM HEM A . 
C 3 HOH 1   1001 1001 HOH HOH A . 
C 3 HOH 2   1002 1002 HOH HOH A . 
C 3 HOH 3   1003 1003 HOH HOH A . 
C 3 HOH 4   1004 1004 HOH HOH A . 
C 3 HOH 5   1005 1005 HOH HOH A . 
C 3 HOH 6   1006 1006 HOH HOH A . 
C 3 HOH 7   1007 1007 HOH HOH A . 
C 3 HOH 8   1008 1008 HOH HOH A . 
C 3 HOH 9   1009 1009 HOH HOH A . 
C 3 HOH 10  1010 1010 HOH HOH A . 
C 3 HOH 11  1011 1011 HOH HOH A . 
C 3 HOH 12  1012 1012 HOH HOH A . 
C 3 HOH 13  1013 1013 HOH HOH A . 
C 3 HOH 14  1014 1014 HOH HOH A . 
C 3 HOH 15  1015 1015 HOH HOH A . 
C 3 HOH 16  1016 1016 HOH HOH A . 
C 3 HOH 17  1017 1017 HOH HOH A . 
C 3 HOH 18  1018 1018 HOH HOH A . 
C 3 HOH 19  1019 1019 HOH HOH A . 
C 3 HOH 20  1020 1020 HOH HOH A . 
C 3 HOH 21  1021 1021 HOH HOH A . 
C 3 HOH 22  1022 1022 HOH HOH A . 
C 3 HOH 23  1023 1023 HOH HOH A . 
C 3 HOH 24  1024 1024 HOH HOH A . 
C 3 HOH 25  1025 1025 HOH HOH A . 
C 3 HOH 26  1026 1026 HOH HOH A . 
C 3 HOH 27  1027 1027 HOH HOH A . 
C 3 HOH 28  1028 1028 HOH HOH A . 
C 3 HOH 29  1029 1029 HOH HOH A . 
C 3 HOH 30  1030 1030 HOH HOH A . 
C 3 HOH 31  1031 1031 HOH HOH A . 
C 3 HOH 32  1032 1032 HOH HOH A . 
C 3 HOH 33  1033 1033 HOH HOH A . 
C 3 HOH 34  1034 1034 HOH HOH A . 
C 3 HOH 35  1035 1035 HOH HOH A . 
C 3 HOH 36  1036 1036 HOH HOH A . 
C 3 HOH 37  1037 1037 HOH HOH A . 
C 3 HOH 38  1038 1038 HOH HOH A . 
C 3 HOH 39  1039 1039 HOH HOH A . 
C 3 HOH 40  1040 1040 HOH HOH A . 
C 3 HOH 41  1041 1041 HOH HOH A . 
C 3 HOH 42  1042 1042 HOH HOH A . 
C 3 HOH 43  1043 1043 HOH HOH A . 
C 3 HOH 44  1044 1044 HOH HOH A . 
C 3 HOH 45  1045 1045 HOH HOH A . 
C 3 HOH 46  1046 1046 HOH HOH A . 
C 3 HOH 47  1047 1047 HOH HOH A . 
C 3 HOH 48  1048 1048 HOH HOH A . 
C 3 HOH 49  1049 1049 HOH HOH A . 
C 3 HOH 50  1050 1050 HOH HOH A . 
C 3 HOH 51  1051 1051 HOH HOH A . 
C 3 HOH 52  1052 1052 HOH HOH A . 
C 3 HOH 53  1053 1053 HOH HOH A . 
C 3 HOH 54  1054 1054 HOH HOH A . 
C 3 HOH 55  1055 1055 HOH HOH A . 
C 3 HOH 56  1056 1056 HOH HOH A . 
C 3 HOH 57  1057 1057 HOH HOH A . 
C 3 HOH 58  1058 1058 HOH HOH A . 
C 3 HOH 59  1059 1059 HOH HOH A . 
C 3 HOH 60  1060 1060 HOH HOH A . 
C 3 HOH 61  1061 1061 HOH HOH A . 
C 3 HOH 62  1062 1062 HOH HOH A . 
C 3 HOH 63  1063 1063 HOH HOH A . 
C 3 HOH 64  1064 1064 HOH HOH A . 
C 3 HOH 65  1066 1066 HOH HOH A . 
C 3 HOH 66  1067 1067 HOH HOH A . 
C 3 HOH 67  1068 1068 HOH HOH A . 
C 3 HOH 68  1069 1069 HOH HOH A . 
C 3 HOH 69  1070 1070 HOH HOH A . 
C 3 HOH 70  1071 1071 HOH HOH A . 
C 3 HOH 71  1072 1072 HOH HOH A . 
C 3 HOH 72  1073 1073 HOH HOH A . 
C 3 HOH 73  1074 1074 HOH HOH A . 
C 3 HOH 74  1075 1075 HOH HOH A . 
C 3 HOH 75  1076 1076 HOH HOH A . 
C 3 HOH 76  1077 1077 HOH HOH A . 
C 3 HOH 77  1078 1078 HOH HOH A . 
C 3 HOH 78  1079 1079 HOH HOH A . 
C 3 HOH 79  1080 1080 HOH HOH A . 
C 3 HOH 80  1081 1081 HOH HOH A . 
C 3 HOH 81  1082 1082 HOH HOH A . 
C 3 HOH 82  1083 1083 HOH HOH A . 
C 3 HOH 83  1084 1084 HOH HOH A . 
C 3 HOH 84  1085 1085 HOH HOH A . 
C 3 HOH 85  1086 1086 HOH HOH A . 
C 3 HOH 86  1087 1087 HOH HOH A . 
C 3 HOH 87  1088 1088 HOH HOH A . 
C 3 HOH 88  1089 1089 HOH HOH A . 
C 3 HOH 89  1090 1090 HOH HOH A . 
C 3 HOH 90  1091 1091 HOH HOH A . 
C 3 HOH 91  1092 1092 HOH HOH A . 
C 3 HOH 92  1093 1093 HOH HOH A . 
C 3 HOH 93  1094 1094 HOH HOH A . 
C 3 HOH 94  1095 1095 HOH HOH A . 
C 3 HOH 95  1096 1096 HOH HOH A . 
C 3 HOH 96  1097 1097 HOH HOH A . 
C 3 HOH 97  1098 1098 HOH HOH A . 
C 3 HOH 98  1099 1099 HOH HOH A . 
C 3 HOH 99  1100 1100 HOH HOH A . 
C 3 HOH 100 1101 1101 HOH HOH A . 
C 3 HOH 101 1102 1102 HOH HOH A . 
C 3 HOH 102 1103 1103 HOH HOH A . 
C 3 HOH 103 1104 1104 HOH HOH A . 
C 3 HOH 104 1105 1105 HOH HOH A . 
C 3 HOH 105 1106 1106 HOH HOH A . 
C 3 HOH 106 1107 1107 HOH HOH A . 
C 3 HOH 107 1108 1108 HOH HOH A . 
C 3 HOH 108 1109 1109 HOH HOH A . 
C 3 HOH 109 1110 1110 HOH HOH A . 
C 3 HOH 110 1111 1111 HOH HOH A . 
C 3 HOH 111 1112 1112 HOH HOH A . 
C 3 HOH 112 1113 1113 HOH HOH A . 
C 3 HOH 113 1114 1114 HOH HOH A . 
C 3 HOH 114 1115 1115 HOH HOH A . 
C 3 HOH 115 1116 1116 HOH HOH A . 
C 3 HOH 116 1118 1118 HOH HOH A . 
C 3 HOH 117 1119 1119 HOH HOH A . 
C 3 HOH 118 1120 1120 HOH HOH A . 
C 3 HOH 119 1121 1121 HOH HOH A . 
C 3 HOH 120 1122 1122 HOH HOH A . 
C 3 HOH 121 1123 1123 HOH HOH A . 
C 3 HOH 122 1124 1124 HOH HOH A . 
C 3 HOH 123 1126 1126 HOH HOH A . 
C 3 HOH 124 1128 1128 HOH HOH A . 
C 3 HOH 125 1135 1135 HOH HOH A . 
C 3 HOH 126 1141 1141 HOH HOH A . 
C 3 HOH 127 1143 1143 HOH HOH A . 
C 3 HOH 128 1144 1144 HOH HOH A . 
C 3 HOH 129 1145 1145 HOH HOH A . 
C 3 HOH 130 1146 1146 HOH HOH A . 
C 3 HOH 131 1147 1147 HOH HOH A . 
C 3 HOH 132 1153 1153 HOH HOH A . 
C 3 HOH 133 1214 1214 HOH HOH A . 
C 3 HOH 134 1215 1215 HOH HOH A . 
C 3 HOH 135 1218 1218 HOH HOH A . 
C 3 HOH 136 1225 1225 HOH HOH A . 
# 
loop_
_pdbx_unobs_or_zero_occ_atoms.id 
_pdbx_unobs_or_zero_occ_atoms.PDB_model_num 
_pdbx_unobs_or_zero_occ_atoms.polymer_flag 
_pdbx_unobs_or_zero_occ_atoms.occupancy_flag 
_pdbx_unobs_or_zero_occ_atoms.auth_asym_id 
_pdbx_unobs_or_zero_occ_atoms.auth_comp_id 
_pdbx_unobs_or_zero_occ_atoms.auth_seq_id 
_pdbx_unobs_or_zero_occ_atoms.PDB_ins_code 
_pdbx_unobs_or_zero_occ_atoms.auth_atom_id 
_pdbx_unobs_or_zero_occ_atoms.label_alt_id 
_pdbx_unobs_or_zero_occ_atoms.label_asym_id 
_pdbx_unobs_or_zero_occ_atoms.label_comp_id 
_pdbx_unobs_or_zero_occ_atoms.label_seq_id 
_pdbx_unobs_or_zero_occ_atoms.label_atom_id 
1 1 Y 1 A CYS 11 ? CB ? A CYS 11 CB 
2 1 Y 1 A CYS 11 ? SG ? A CYS 11 SG 
# 
loop_
_software.name 
_software.classification 
_software.version 
_software.citation_id 
_software.pdbx_ordinal 
SHELX     'model building' .         ? 1 
SHELXL-97 refinement       .         ? 2 
MOSFLM    'data reduction' .         ? 3 
CCP4      'data scaling'   '(SCALA)' ? 4 
SHELX     phasing          .         ? 5 
# 
_cell.entry_id           1R0Q 
_cell.length_a           86.770 
_cell.length_b           86.770 
_cell.length_c           31.840 
_cell.angle_alpha        90.00 
_cell.angle_beta         90.00 
_cell.angle_gamma        120.00 
_cell.Z_PDB              6 
_cell.pdbx_unique_axis   ? 
# 
_symmetry.entry_id                         1R0Q 
_symmetry.space_group_name_H-M             'P 65' 
_symmetry.pdbx_full_space_group_name_H-M   ? 
_symmetry.cell_setting                     ? 
_symmetry.Int_Tables_number                170 
_symmetry.space_group_name_Hall            ? 
# 
_exptl.entry_id          1R0Q 
_exptl.method            'X-RAY DIFFRACTION' 
_exptl.crystals_number   1 
# 
_exptl_crystal.id                    1 
_exptl_crystal.density_meas          ? 
_exptl_crystal.density_Matthews      1.77 
_exptl_crystal.density_percent_sol   49.54 
_exptl_crystal.description           ? 
_exptl_crystal.F_000                 ? 
_exptl_crystal.preparation           ? 
# 
_exptl_crystal_grow.crystal_id      1 
_exptl_crystal_grow.method          'VAPOR DIFFUSION, SITTING DROP' 
_exptl_crystal_grow.temp            298 
_exptl_crystal_grow.temp_details    ? 
_exptl_crystal_grow.pH              6.3 
_exptl_crystal_grow.pdbx_details    
'MPEG 5K, imidazole-malate buffer, NaCl, pH 6.3, VAPOR DIFFUSION, SITTING DROP, temperature 298K' 
_exptl_crystal_grow.pdbx_pH_range   . 
# 
_diffrn.id                     1 
_diffrn.ambient_temp           100 
_diffrn.ambient_temp_details   ? 
_diffrn.crystal_id             1 
# 
_diffrn_detector.diffrn_id              1 
_diffrn_detector.detector               CCD 
_diffrn_detector.type                   'ADSC QUANTUM 315' 
_diffrn_detector.pdbx_collection_date   1998-11-01 
_diffrn_detector.details                ? 
# 
_diffrn_radiation.diffrn_id                        1 
_diffrn_radiation.wavelength_id                    1 
_diffrn_radiation.pdbx_monochromatic_or_laue_m_l   M 
_diffrn_radiation.monochromator                    
'Flat mirror (vertical focusing), single crystal Si(311) bent monochromator (horizontal focusing)' 
_diffrn_radiation.pdbx_diffrn_protocol             'SINGLE WAVELENGTH' 
_diffrn_radiation.pdbx_scattering_type             x-ray 
# 
_diffrn_radiation_wavelength.id           1 
_diffrn_radiation_wavelength.wavelength   0.978 
_diffrn_radiation_wavelength.wt           1.0 
# 
_diffrn_source.diffrn_id                   1 
_diffrn_source.source                      SYNCHROTRON 
_diffrn_source.type                        'SSRL BEAMLINE BL9-1' 
_diffrn_source.pdbx_synchrotron_site       SSRL 
_diffrn_source.pdbx_synchrotron_beamline   BL9-1 
_diffrn_source.pdbx_wavelength             ? 
_diffrn_source.pdbx_wavelength_list        0.978 
# 
_reflns.entry_id                     1R0Q 
_reflns.observed_criterion_sigma_I   2 
_reflns.observed_criterion_sigma_F   2 
_reflns.d_resolution_low             30 
_reflns.d_resolution_high            1.61 
_reflns.number_obs                   16127 
_reflns.number_all                   17825 
_reflns.percent_possible_obs         90.5 
_reflns.pdbx_Rmerge_I_obs            ? 
_reflns.pdbx_Rsym_value              0.085 
_reflns.pdbx_netI_over_sigmaI        15.6 
_reflns.B_iso_Wilson_estimate        ? 
_reflns.pdbx_redundancy              7.1 
_reflns.R_free_details               ? 
_reflns.limit_h_max                  ? 
_reflns.limit_h_min                  ? 
_reflns.limit_k_max                  ? 
_reflns.limit_k_min                  ? 
_reflns.limit_l_max                  ? 
_reflns.limit_l_min                  ? 
_reflns.observed_criterion_F_max     ? 
_reflns.observed_criterion_F_min     ? 
_reflns.pdbx_chi_squared             ? 
_reflns.pdbx_scaling_rejects         ? 
_reflns.pdbx_diffrn_id               1 
_reflns.pdbx_ordinal                 1 
# 
_reflns_shell.d_res_high             1.61 
_reflns_shell.d_res_low              1.65 
_reflns_shell.percent_possible_all   87 
_reflns_shell.Rmerge_I_obs           ? 
_reflns_shell.pdbx_Rsym_value        0.42 
_reflns_shell.meanI_over_sigI_obs    4.0 
_reflns_shell.pdbx_redundancy        5.6 
_reflns_shell.percent_possible_obs   ? 
_reflns_shell.number_unique_all      1084 
_reflns_shell.number_measured_all    ? 
_reflns_shell.number_measured_obs    ? 
_reflns_shell.number_unique_obs      ? 
_reflns_shell.pdbx_chi_squared       ? 
_reflns_shell.pdbx_diffrn_id         ? 
_reflns_shell.pdbx_ordinal           1 
# 
_refine.entry_id                                 1R0Q 
_refine.ls_number_reflns_obs                     15332 
_refine.ls_number_reflns_all                     15338 
_refine.pdbx_ls_sigma_I                          ? 
_refine.pdbx_ls_sigma_F                          0.0 
_refine.pdbx_data_cutoff_high_absF               ? 
_refine.pdbx_data_cutoff_low_absF                ? 
_refine.pdbx_data_cutoff_high_rms_absF           ? 
_refine.ls_d_res_low                             30.00 
_refine.ls_d_res_high                            1.61 
_refine.ls_percent_reflns_obs                    84.8 
_refine.ls_R_factor_obs                          0.1893 
_refine.ls_R_factor_all                          ? 
_refine.ls_R_factor_R_work                       0.187 
_refine.ls_R_factor_R_free                       0.2548 
_refine.ls_R_factor_R_free_error                 ? 
_refine.ls_R_factor_R_free_error_details         ? 
_refine.ls_percent_reflns_R_free                 5.1 
_refine.ls_number_reflns_R_free                  789 
_refine.ls_number_parameters                     4713 
_refine.ls_number_restraints                     4206 
_refine.occupancy_min                            ? 
_refine.occupancy_max                            ? 
_refine.correlation_coeff_Fo_to_Fc               ? 
_refine.correlation_coeff_Fo_to_Fc_free          ? 
_refine.B_iso_mean                               ? 
_refine.aniso_B[1][1]                            ? 
_refine.aniso_B[2][2]                            ? 
_refine.aniso_B[3][3]                            ? 
_refine.aniso_B[1][2]                            ? 
_refine.aniso_B[1][3]                            ? 
_refine.aniso_B[2][3]                            ? 
_refine.solvent_model_details                    ? 
_refine.solvent_model_param_ksol                 ? 
_refine.solvent_model_param_bsol                 ? 
_refine.pdbx_solvent_vdw_probe_radii             ? 
_refine.pdbx_solvent_ion_probe_radii             ? 
_refine.pdbx_solvent_shrinkage_radii             ? 
_refine.pdbx_ls_cross_valid_method               'FREE R' 
_refine.details                                  'ANISOTROPIC REFINEMENT REDUCED FREE R (NO CUTOFF) BY 1%' 
_refine.pdbx_starting_model                      ? 
_refine.pdbx_method_to_determine_struct          'MOLECULAR REPLACEMENT' 
_refine.pdbx_isotropic_thermal_model             ? 
_refine.pdbx_stereochemistry_target_values       'ENGH AND HUBER' 
_refine.pdbx_stereochem_target_val_spec_case     ? 
_refine.pdbx_R_Free_selection_details            RANDOM 
_refine.pdbx_overall_ESU_R                       ? 
_refine.pdbx_overall_ESU_R_Free                  ? 
_refine.overall_SU_ML                            ? 
_refine.overall_SU_B                             ? 
_refine.ls_redundancy_reflns_obs                 ? 
_refine.B_iso_min                                ? 
_refine.B_iso_max                                ? 
_refine.overall_SU_R_Cruickshank_DPI             ? 
_refine.overall_SU_R_free                        ? 
_refine.ls_wR_factor_R_free                      ? 
_refine.ls_wR_factor_R_work                      ? 
_refine.overall_FOM_free_R_set                   ? 
_refine.overall_FOM_work_R_set                   ? 
_refine.pdbx_refine_id                           'X-RAY DIFFRACTION' 
_refine.pdbx_diffrn_id                           1 
_refine.pdbx_TLS_residual_ADP_flag               ? 
_refine.pdbx_overall_phase_error                 ? 
_refine.pdbx_overall_SU_R_free_Cruickshank_DPI   ? 
_refine.pdbx_overall_SU_R_Blow_DPI               ? 
_refine.pdbx_overall_SU_R_free_Blow_DPI          ? 
# 
_refine_analyze.entry_id                        1R0Q 
_refine_analyze.Luzzati_coordinate_error_obs    ? 
_refine_analyze.Luzzati_sigma_a_obs             ? 
_refine_analyze.Luzzati_d_res_low_obs           ? 
_refine_analyze.Luzzati_coordinate_error_free   ? 
_refine_analyze.Luzzati_sigma_a_free            ? 
_refine_analyze.Luzzati_d_res_low_free          ? 
_refine_analyze.number_disordered_residues      2 
_refine_analyze.occupancy_sum_hydrogen          0.00 
_refine_analyze.occupancy_sum_non_hydrogen      1167.00 
_refine_analyze.pdbx_Luzzati_d_res_high_obs     ? 
_refine_analyze.pdbx_refine_id                  'X-RAY DIFFRACTION' 
# 
_refine_hist.pdbx_refine_id                   'X-RAY DIFFRACTION' 
_refine_hist.cycle_id                         LAST 
_refine_hist.pdbx_number_atoms_protein        992 
_refine_hist.pdbx_number_atoms_nucleic_acid   0 
_refine_hist.pdbx_number_atoms_ligand         43 
_refine_hist.number_atoms_solvent             136 
_refine_hist.number_atoms_total               1171 
_refine_hist.d_res_high                       1.61 
_refine_hist.d_res_low                        30.00 
# 
loop_
_refine_ls_restr.type 
_refine_ls_restr.dev_ideal 
_refine_ls_restr.dev_ideal_target 
_refine_ls_restr.weight 
_refine_ls_restr.number 
_refine_ls_restr.pdbx_refine_id 
_refine_ls_restr.pdbx_restraint_function 
s_bond_d               0.010  ? ? ? 'X-RAY DIFFRACTION' ? 
s_angle_d              0.022  ? ? ? 'X-RAY DIFFRACTION' ? 
s_similar_dist         0.000  ? ? ? 'X-RAY DIFFRACTION' ? 
s_from_restr_planes    0.0252 ? ? ? 'X-RAY DIFFRACTION' ? 
s_zero_chiral_vol      0.034  ? ? ? 'X-RAY DIFFRACTION' ? 
s_non_zero_chiral_vol  0.041  ? ? ? 'X-RAY DIFFRACTION' ? 
s_anti_bump_dis_restr  0.005  ? ? ? 'X-RAY DIFFRACTION' ? 
s_rigid_bond_adp_cmpnt 0.000  ? ? ? 'X-RAY DIFFRACTION' ? 
s_similar_adp_cmpnt    0.069  ? ? ? 'X-RAY DIFFRACTION' ? 
s_approx_iso_adps      0.000  ? ? ? 'X-RAY DIFFRACTION' ? 
# 
_pdbx_refine.entry_id                                    1R0Q 
_pdbx_refine.R_factor_all_no_cutoff                      0.187 
_pdbx_refine.R_factor_obs_no_cutoff                      0.1863 
_pdbx_refine.free_R_factor_no_cutoff                     0.2548 
_pdbx_refine.free_R_val_test_set_size_perc_no_cutoff     5.1 
_pdbx_refine.free_R_val_test_set_ct_no_cutoff            789 
_pdbx_refine.R_factor_all_4sig_cutoff                    0.1706 
_pdbx_refine.R_factor_obs_4sig_cutoff                    0.1699 
_pdbx_refine.free_R_factor_4sig_cutoff                   0.2303 
_pdbx_refine.free_R_val_test_set_size_perc_4sig_cutoff   5.1 
_pdbx_refine.free_R_val_test_set_ct_4sig_cutoff          680 
_pdbx_refine.number_reflns_obs_4sig_cutoff               13314 
_pdbx_refine.number_reflns_obs_no_cutoff                 ? 
_pdbx_refine.pdbx_refine_id                              'X-RAY DIFFRACTION' 
_pdbx_refine.free_R_error_no_cutoff                      ? 
# 
_struct.entry_id                  1R0Q 
_struct.title                     
'Characterization of the conversion of the malformed, recombinant cytochrome rc552 to a 2-formyl-4-vinyl (Spirographis) heme' 
_struct.pdbx_model_details        ? 
_struct.pdbx_CASP_flag            ? 
_struct.pdbx_model_type_details   ? 
# 
_struct_keywords.entry_id        1R0Q 
_struct_keywords.pdbx_keywords   OXIDOREDUCTASE 
_struct_keywords.text            'malformed cytochrome c, OXIDOREDUCTASE' 
# 
loop_
_struct_asym.id 
_struct_asym.pdbx_blank_PDB_chainid_flag 
_struct_asym.pdbx_modified 
_struct_asym.entity_id 
_struct_asym.details 
A N N 1 ? 
B N N 2 ? 
C N N 3 ? 
# 
_struct_ref.id                         1 
_struct_ref.db_name                    UNP 
_struct_ref.db_code                    C552_THETH 
_struct_ref.pdbx_db_accession          P04164 
_struct_ref.entity_id                  1 
_struct_ref.pdbx_seq_one_letter_code   
;QADGAKIYAQCAGCHQQNGQGIPGAFPPLAGHVAEILAKEGGREYLILVLLYGLQGQIEVKGMKYNGVMSSFAQLKDEEI
AAVLNHIATAWGDAKKVKGFKPFTAEEVKKLRAKKLTPQQVLAERKKLGLK
;
_struct_ref.pdbx_align_begin           18 
_struct_ref.pdbx_db_isoform            ? 
# 
_struct_ref_seq.align_id                      1 
_struct_ref_seq.ref_id                        1 
_struct_ref_seq.pdbx_PDB_id_code              1R0Q 
_struct_ref_seq.pdbx_strand_id                A 
_struct_ref_seq.seq_align_beg                 1 
_struct_ref_seq.pdbx_seq_align_beg_ins_code   ? 
_struct_ref_seq.seq_align_end                 131 
_struct_ref_seq.pdbx_seq_align_end_ins_code   ? 
_struct_ref_seq.pdbx_db_accession             P04164 
_struct_ref_seq.db_align_beg                  18 
_struct_ref_seq.pdbx_db_align_beg_ins_code    ? 
_struct_ref_seq.db_align_end                  148 
_struct_ref_seq.pdbx_db_align_end_ins_code    ? 
_struct_ref_seq.pdbx_auth_seq_align_beg       1 
_struct_ref_seq.pdbx_auth_seq_align_end       131 
# 
_pdbx_struct_assembly.id                   1 
_pdbx_struct_assembly.details              author_defined_assembly 
_pdbx_struct_assembly.method_details       ? 
_pdbx_struct_assembly.oligomeric_details   monomeric 
_pdbx_struct_assembly.oligomeric_count     1 
# 
_pdbx_struct_assembly_gen.assembly_id       1 
_pdbx_struct_assembly_gen.oper_expression   1 
_pdbx_struct_assembly_gen.asym_id_list      A,B,C 
# 
_pdbx_struct_oper_list.id                   1 
_pdbx_struct_oper_list.type                 'identity operation' 
_pdbx_struct_oper_list.name                 1_555 
_pdbx_struct_oper_list.symmetry_operation   x,y,z 
_pdbx_struct_oper_list.matrix[1][1]         1.0000000000 
_pdbx_struct_oper_list.matrix[1][2]         0.0000000000 
_pdbx_struct_oper_list.matrix[1][3]         0.0000000000 
_pdbx_struct_oper_list.vector[1]            0.0000000000 
_pdbx_struct_oper_list.matrix[2][1]         0.0000000000 
_pdbx_struct_oper_list.matrix[2][2]         1.0000000000 
_pdbx_struct_oper_list.matrix[2][3]         0.0000000000 
_pdbx_struct_oper_list.vector[2]            0.0000000000 
_pdbx_struct_oper_list.matrix[3][1]         0.0000000000 
_pdbx_struct_oper_list.matrix[3][2]         0.0000000000 
_pdbx_struct_oper_list.matrix[3][3]         1.0000000000 
_pdbx_struct_oper_list.vector[3]            0.0000000000 
# 
_struct_biol.id                    1 
_struct_biol.pdbx_parent_biol_id   ? 
_struct_biol.details               ? 
# 
loop_
_struct_conf.conf_type_id 
_struct_conf.id 
_struct_conf.pdbx_PDB_helix_id 
_struct_conf.beg_label_comp_id 
_struct_conf.beg_label_asym_id 
_struct_conf.beg_label_seq_id 
_struct_conf.pdbx_beg_PDB_ins_code 
_struct_conf.end_label_comp_id 
_struct_conf.end_label_asym_id 
_struct_conf.end_label_seq_id 
_struct_conf.pdbx_end_PDB_ins_code 
_struct_conf.beg_auth_comp_id 
_struct_conf.beg_auth_asym_id 
_struct_conf.beg_auth_seq_id 
_struct_conf.end_auth_comp_id 
_struct_conf.end_auth_asym_id 
_struct_conf.end_auth_seq_id 
_struct_conf.pdbx_PDB_helix_class 
_struct_conf.details 
_struct_conf.pdbx_PDB_helix_length 
HELX_P HELX_P1 1 ASP A 3   ? GLN A 10  ? ASP A 3   GLN A 10  1 ? 8  
HELX_P HELX_P2 2 HIS A 32  ? ALA A 38  ? HIS A 32  ALA A 38  1 ? 7  
HELX_P HELX_P3 3 GLY A 41  ? GLY A 53  ? GLY A 41  GLY A 53  1 ? 13 
HELX_P HELX_P4 4 LYS A 76  ? ALA A 90  ? LYS A 76  ALA A 90  1 ? 15 
HELX_P HELX_P5 5 GLY A 92  ? LYS A 96  ? GLY A 92  LYS A 96  5 ? 5  
HELX_P HELX_P6 6 THR A 104 ? ALA A 113 ? THR A 104 ALA A 113 1 ? 10 
HELX_P HELX_P7 7 THR A 117 ? LEU A 128 ? THR A 117 LEU A 128 1 ? 12 
# 
_struct_conf_type.id          HELX_P 
_struct_conf_type.criteria    ? 
_struct_conf_type.reference   ? 
# 
loop_
_struct_conn.id 
_struct_conn.conn_type_id 
_struct_conn.pdbx_leaving_atom_flag 
_struct_conn.pdbx_PDB_id 
_struct_conn.ptnr1_label_asym_id 
_struct_conn.ptnr1_label_comp_id 
_struct_conn.ptnr1_label_seq_id 
_struct_conn.ptnr1_label_atom_id 
_struct_conn.pdbx_ptnr1_label_alt_id 
_struct_conn.pdbx_ptnr1_PDB_ins_code 
_struct_conn.pdbx_ptnr1_standard_comp_id 
_struct_conn.ptnr1_symmetry 
_struct_conn.ptnr2_label_asym_id 
_struct_conn.ptnr2_label_comp_id 
_struct_conn.ptnr2_label_seq_id 
_struct_conn.ptnr2_label_atom_id 
_struct_conn.pdbx_ptnr2_label_alt_id 
_struct_conn.pdbx_ptnr2_PDB_ins_code 
_struct_conn.ptnr1_auth_asym_id 
_struct_conn.ptnr1_auth_comp_id 
_struct_conn.ptnr1_auth_seq_id 
_struct_conn.ptnr2_auth_asym_id 
_struct_conn.ptnr2_auth_comp_id 
_struct_conn.ptnr2_auth_seq_id 
_struct_conn.ptnr2_symmetry 
_struct_conn.pdbx_ptnr3_label_atom_id 
_struct_conn.pdbx_ptnr3_label_seq_id 
_struct_conn.pdbx_ptnr3_label_comp_id 
_struct_conn.pdbx_ptnr3_label_asym_id 
_struct_conn.pdbx_ptnr3_label_alt_id 
_struct_conn.pdbx_ptnr3_PDB_ins_code 
_struct_conn.details 
_struct_conn.pdbx_dist_value 
_struct_conn.pdbx_value_order 
_struct_conn.pdbx_role 
covale1 covale none ? A CYS 14 SG  ? ? ? 1_555 B HFM . CAC ? ? A CYS 14 A HFM 200 1_555 ? ? ? ? ? ? ? 1.904 ? ? 
metalc1 metalc ?    ? A HIS 15 NE2 ? ? ? 1_555 B HFM . FE  ? ? A HIS 15 A HFM 200 1_555 ? ? ? ? ? ? ? 2.039 ? ? 
metalc2 metalc ?    ? A MET 69 SD  ? ? ? 1_555 B HFM . FE  ? ? A MET 69 A HFM 200 1_555 ? ? ? ? ? ? ? 2.307 ? ? 
# 
loop_
_struct_conn_type.id 
_struct_conn_type.criteria 
_struct_conn_type.reference 
covale ? ? 
metalc ? ? 
# 
loop_
_pdbx_struct_conn_angle.id 
_pdbx_struct_conn_angle.ptnr1_label_atom_id 
_pdbx_struct_conn_angle.ptnr1_label_alt_id 
_pdbx_struct_conn_angle.ptnr1_label_asym_id 
_pdbx_struct_conn_angle.ptnr1_label_comp_id 
_pdbx_struct_conn_angle.ptnr1_label_seq_id 
_pdbx_struct_conn_angle.ptnr1_auth_atom_id 
_pdbx_struct_conn_angle.ptnr1_auth_asym_id 
_pdbx_struct_conn_angle.ptnr1_auth_comp_id 
_pdbx_struct_conn_angle.ptnr1_auth_seq_id 
_pdbx_struct_conn_angle.ptnr1_PDB_ins_code 
_pdbx_struct_conn_angle.ptnr1_symmetry 
_pdbx_struct_conn_angle.ptnr2_label_atom_id 
_pdbx_struct_conn_angle.ptnr2_label_alt_id 
_pdbx_struct_conn_angle.ptnr2_label_asym_id 
_pdbx_struct_conn_angle.ptnr2_label_comp_id 
_pdbx_struct_conn_angle.ptnr2_label_seq_id 
_pdbx_struct_conn_angle.ptnr2_auth_atom_id 
_pdbx_struct_conn_angle.ptnr2_auth_asym_id 
_pdbx_struct_conn_angle.ptnr2_auth_comp_id 
_pdbx_struct_conn_angle.ptnr2_auth_seq_id 
_pdbx_struct_conn_angle.ptnr2_PDB_ins_code 
_pdbx_struct_conn_angle.ptnr2_symmetry 
_pdbx_struct_conn_angle.ptnr3_label_atom_id 
_pdbx_struct_conn_angle.ptnr3_label_alt_id 
_pdbx_struct_conn_angle.ptnr3_label_asym_id 
_pdbx_struct_conn_angle.ptnr3_label_comp_id 
_pdbx_struct_conn_angle.ptnr3_label_seq_id 
_pdbx_struct_conn_angle.ptnr3_auth_atom_id 
_pdbx_struct_conn_angle.ptnr3_auth_asym_id 
_pdbx_struct_conn_angle.ptnr3_auth_comp_id 
_pdbx_struct_conn_angle.ptnr3_auth_seq_id 
_pdbx_struct_conn_angle.ptnr3_PDB_ins_code 
_pdbx_struct_conn_angle.ptnr3_symmetry 
_pdbx_struct_conn_angle.value 
_pdbx_struct_conn_angle.value_esd 
1  NE2 ? A HIS 15 ? A HIS 15  ? 1_555 FE ? B HFM . ? A HFM 200 ? 1_555 NA ? B HFM .  ? A HFM 200 ? 1_555 90.0  ? 
2  NE2 ? A HIS 15 ? A HIS 15  ? 1_555 FE ? B HFM . ? A HFM 200 ? 1_555 NB ? B HFM .  ? A HFM 200 ? 1_555 86.4  ? 
3  NA  ? B HFM .  ? A HFM 200 ? 1_555 FE ? B HFM . ? A HFM 200 ? 1_555 NB ? B HFM .  ? A HFM 200 ? 1_555 90.5  ? 
4  NE2 ? A HIS 15 ? A HIS 15  ? 1_555 FE ? B HFM . ? A HFM 200 ? 1_555 NC ? B HFM .  ? A HFM 200 ? 1_555 89.8  ? 
5  NA  ? B HFM .  ? A HFM 200 ? 1_555 FE ? B HFM . ? A HFM 200 ? 1_555 NC ? B HFM .  ? A HFM 200 ? 1_555 178.1 ? 
6  NB  ? B HFM .  ? A HFM 200 ? 1_555 FE ? B HFM . ? A HFM 200 ? 1_555 NC ? B HFM .  ? A HFM 200 ? 1_555 91.3  ? 
7  NE2 ? A HIS 15 ? A HIS 15  ? 1_555 FE ? B HFM . ? A HFM 200 ? 1_555 ND ? B HFM .  ? A HFM 200 ? 1_555 93.7  ? 
8  NA  ? B HFM .  ? A HFM 200 ? 1_555 FE ? B HFM . ? A HFM 200 ? 1_555 ND ? B HFM .  ? A HFM 200 ? 1_555 89.1  ? 
9  NB  ? B HFM .  ? A HFM 200 ? 1_555 FE ? B HFM . ? A HFM 200 ? 1_555 ND ? B HFM .  ? A HFM 200 ? 1_555 179.6 ? 
10 NC  ? B HFM .  ? A HFM 200 ? 1_555 FE ? B HFM . ? A HFM 200 ? 1_555 ND ? B HFM .  ? A HFM 200 ? 1_555 89.0  ? 
11 NE2 ? A HIS 15 ? A HIS 15  ? 1_555 FE ? B HFM . ? A HFM 200 ? 1_555 SD ? A MET 69 ? A MET 69  ? 1_555 173.2 ? 
12 NA  ? B HFM .  ? A HFM 200 ? 1_555 FE ? B HFM . ? A HFM 200 ? 1_555 SD ? A MET 69 ? A MET 69  ? 1_555 83.2  ? 
13 NB  ? B HFM .  ? A HFM 200 ? 1_555 FE ? B HFM . ? A HFM 200 ? 1_555 SD ? A MET 69 ? A MET 69  ? 1_555 93.4  ? 
14 NC  ? B HFM .  ? A HFM 200 ? 1_555 FE ? B HFM . ? A HFM 200 ? 1_555 SD ? A MET 69 ? A MET 69  ? 1_555 97.1  ? 
15 ND  ? B HFM .  ? A HFM 200 ? 1_555 FE ? B HFM . ? A HFM 200 ? 1_555 SD ? A MET 69 ? A MET 69  ? 1_555 86.5  ? 
# 
_pdbx_modification_feature.ordinal                            1 
_pdbx_modification_feature.label_comp_id                      HFM 
_pdbx_modification_feature.label_asym_id                      B 
_pdbx_modification_feature.label_seq_id                       . 
_pdbx_modification_feature.label_alt_id                       ? 
_pdbx_modification_feature.modified_residue_label_comp_id     CYS 
_pdbx_modification_feature.modified_residue_label_asym_id     A 
_pdbx_modification_feature.modified_residue_label_seq_id      14 
_pdbx_modification_feature.modified_residue_label_alt_id      ? 
_pdbx_modification_feature.auth_comp_id                       HFM 
_pdbx_modification_feature.auth_asym_id                       A 
_pdbx_modification_feature.auth_seq_id                        200 
_pdbx_modification_feature.PDB_ins_code                       ? 
_pdbx_modification_feature.symmetry                           1_555 
_pdbx_modification_feature.modified_residue_auth_comp_id      CYS 
_pdbx_modification_feature.modified_residue_auth_asym_id      A 
_pdbx_modification_feature.modified_residue_auth_seq_id       14 
_pdbx_modification_feature.modified_residue_PDB_ins_code      ? 
_pdbx_modification_feature.modified_residue_symmetry          1_555 
_pdbx_modification_feature.comp_id_linking_atom               CAC 
_pdbx_modification_feature.modified_residue_id_linking_atom   SG 
_pdbx_modification_feature.modified_residue_id                CYS 
_pdbx_modification_feature.ref_pcm_id                         1 
_pdbx_modification_feature.ref_comp_id                        HFM 
_pdbx_modification_feature.type                               None 
_pdbx_modification_feature.category                           Heme/heme-like 
# 
_struct_sheet.id               A 
_struct_sheet.type             ? 
_struct_sheet.number_strands   2 
_struct_sheet.details          ? 
# 
_struct_sheet_order.sheet_id     A 
_struct_sheet_order.range_id_1   1 
_struct_sheet_order.range_id_2   2 
_struct_sheet_order.offset       ? 
_struct_sheet_order.sense        anti-parallel 
# 
loop_
_struct_sheet_range.sheet_id 
_struct_sheet_range.id 
_struct_sheet_range.beg_label_comp_id 
_struct_sheet_range.beg_label_asym_id 
_struct_sheet_range.beg_label_seq_id 
_struct_sheet_range.pdbx_beg_PDB_ins_code 
_struct_sheet_range.end_label_comp_id 
_struct_sheet_range.end_label_asym_id 
_struct_sheet_range.end_label_seq_id 
_struct_sheet_range.pdbx_end_PDB_ins_code 
_struct_sheet_range.beg_auth_comp_id 
_struct_sheet_range.beg_auth_asym_id 
_struct_sheet_range.beg_auth_seq_id 
_struct_sheet_range.end_auth_comp_id 
_struct_sheet_range.end_auth_asym_id 
_struct_sheet_range.end_auth_seq_id 
A 1 LEU A 54 ? VAL A 60 ? LEU A 54 VAL A 60 
A 2 MET A 63 ? MET A 69 ? MET A 63 MET A 69 
# 
_pdbx_struct_sheet_hbond.sheet_id                A 
_pdbx_struct_sheet_hbond.range_id_1              1 
_pdbx_struct_sheet_hbond.range_id_2              2 
_pdbx_struct_sheet_hbond.range_1_label_atom_id   N 
_pdbx_struct_sheet_hbond.range_1_label_comp_id   LEU 
_pdbx_struct_sheet_hbond.range_1_label_asym_id   A 
_pdbx_struct_sheet_hbond.range_1_label_seq_id    54 
_pdbx_struct_sheet_hbond.range_1_PDB_ins_code    ? 
_pdbx_struct_sheet_hbond.range_1_auth_atom_id    N 
_pdbx_struct_sheet_hbond.range_1_auth_comp_id    LEU 
_pdbx_struct_sheet_hbond.range_1_auth_asym_id    A 
_pdbx_struct_sheet_hbond.range_1_auth_seq_id     54 
_pdbx_struct_sheet_hbond.range_2_label_atom_id   O 
_pdbx_struct_sheet_hbond.range_2_label_comp_id   MET 
_pdbx_struct_sheet_hbond.range_2_label_asym_id   A 
_pdbx_struct_sheet_hbond.range_2_label_seq_id    69 
_pdbx_struct_sheet_hbond.range_2_PDB_ins_code    ? 
_pdbx_struct_sheet_hbond.range_2_auth_atom_id    O 
_pdbx_struct_sheet_hbond.range_2_auth_comp_id    MET 
_pdbx_struct_sheet_hbond.range_2_auth_asym_id    A 
_pdbx_struct_sheet_hbond.range_2_auth_seq_id     69 
# 
_struct_site.id                   AC1 
_struct_site.pdbx_evidence_code   Software 
_struct_site.pdbx_auth_asym_id    A 
_struct_site.pdbx_auth_comp_id    HFM 
_struct_site.pdbx_auth_seq_id     200 
_struct_site.pdbx_auth_ins_code   ? 
_struct_site.pdbx_num_residues    17 
_struct_site.details              'BINDING SITE FOR RESIDUE HFM A 200' 
# 
loop_
_struct_site_gen.id 
_struct_site_gen.site_id 
_struct_site_gen.pdbx_num_res 
_struct_site_gen.label_comp_id 
_struct_site_gen.label_asym_id 
_struct_site_gen.label_seq_id 
_struct_site_gen.pdbx_auth_ins_code 
_struct_site_gen.auth_comp_id 
_struct_site_gen.auth_asym_id 
_struct_site_gen.auth_seq_id 
_struct_site_gen.label_atom_id 
_struct_site_gen.label_alt_id 
_struct_site_gen.symmetry 
_struct_site_gen.details 
1  AC1 17 TYR A 8   ? TYR A 8   . ? 1_555 ? 
2  AC1 17 CYS A 14  ? CYS A 14  . ? 1_555 ? 
3  AC1 17 HIS A 15  ? HIS A 15  . ? 1_555 ? 
4  AC1 17 ALA A 25  ? ALA A 25  . ? 1_555 ? 
5  AC1 17 PRO A 27  ? PRO A 27  . ? 1_555 ? 
6  AC1 17 HIS A 32  ? HIS A 32  . ? 1_555 ? 
7  AC1 17 TYR A 45  ? TYR A 45  . ? 1_555 ? 
8  AC1 17 LEU A 46  ? LEU A 46  . ? 1_555 ? 
9  AC1 17 GLN A 55  ? GLN A 55  . ? 1_555 ? 
10 AC1 17 GLY A 56  ? GLY A 56  . ? 1_555 ? 
11 AC1 17 VAL A 60  ? VAL A 60  . ? 1_555 ? 
12 AC1 17 GLY A 67  ? GLY A 67  . ? 1_555 ? 
13 AC1 17 VAL A 68  ? VAL A 68  . ? 1_555 ? 
14 AC1 17 MET A 69  ? MET A 69  . ? 1_555 ? 
15 AC1 17 VAL A 83  ? VAL A 83  . ? 1_555 ? 
16 AC1 17 GLU A 106 ? GLU A 106 . ? 1_556 ? 
17 AC1 17 ARG A 125 ? ARG A 125 . ? 1_555 ? 
# 
_pdbx_entry_details.entry_id                   1R0Q 
_pdbx_entry_details.compound_details           ? 
_pdbx_entry_details.source_details             ? 
_pdbx_entry_details.nonpolymer_details         ? 
_pdbx_entry_details.sequence_details           ? 
_pdbx_entry_details.has_ligand_of_interest     ? 
_pdbx_entry_details.has_protein_modification   Y 
# 
_pdbx_validate_rmsd_bond.id                        1 
_pdbx_validate_rmsd_bond.PDB_model_num             1 
_pdbx_validate_rmsd_bond.auth_atom_id_1            C 
_pdbx_validate_rmsd_bond.auth_asym_id_1            A 
_pdbx_validate_rmsd_bond.auth_comp_id_1            GLN 
_pdbx_validate_rmsd_bond.auth_seq_id_1             10 
_pdbx_validate_rmsd_bond.PDB_ins_code_1            ? 
_pdbx_validate_rmsd_bond.label_alt_id_1            ? 
_pdbx_validate_rmsd_bond.auth_atom_id_2            O 
_pdbx_validate_rmsd_bond.auth_asym_id_2            A 
_pdbx_validate_rmsd_bond.auth_comp_id_2            GLN 
_pdbx_validate_rmsd_bond.auth_seq_id_2             10 
_pdbx_validate_rmsd_bond.PDB_ins_code_2            ? 
_pdbx_validate_rmsd_bond.label_alt_id_2            ? 
_pdbx_validate_rmsd_bond.bond_value                1.584 
_pdbx_validate_rmsd_bond.bond_target_value         1.229 
_pdbx_validate_rmsd_bond.bond_deviation            0.355 
_pdbx_validate_rmsd_bond.bond_standard_deviation   0.019 
_pdbx_validate_rmsd_bond.linker_flag               N 
# 
loop_
_pdbx_validate_rmsd_angle.id 
_pdbx_validate_rmsd_angle.PDB_model_num 
_pdbx_validate_rmsd_angle.auth_atom_id_1 
_pdbx_validate_rmsd_angle.auth_asym_id_1 
_pdbx_validate_rmsd_angle.auth_comp_id_1 
_pdbx_validate_rmsd_angle.auth_seq_id_1 
_pdbx_validate_rmsd_angle.PDB_ins_code_1 
_pdbx_validate_rmsd_angle.label_alt_id_1 
_pdbx_validate_rmsd_angle.auth_atom_id_2 
_pdbx_validate_rmsd_angle.auth_asym_id_2 
_pdbx_validate_rmsd_angle.auth_comp_id_2 
_pdbx_validate_rmsd_angle.auth_seq_id_2 
_pdbx_validate_rmsd_angle.PDB_ins_code_2 
_pdbx_validate_rmsd_angle.label_alt_id_2 
_pdbx_validate_rmsd_angle.auth_atom_id_3 
_pdbx_validate_rmsd_angle.auth_asym_id_3 
_pdbx_validate_rmsd_angle.auth_comp_id_3 
_pdbx_validate_rmsd_angle.auth_seq_id_3 
_pdbx_validate_rmsd_angle.PDB_ins_code_3 
_pdbx_validate_rmsd_angle.label_alt_id_3 
_pdbx_validate_rmsd_angle.angle_value 
_pdbx_validate_rmsd_angle.angle_target_value 
_pdbx_validate_rmsd_angle.angle_deviation 
_pdbx_validate_rmsd_angle.angle_standard_deviation 
_pdbx_validate_rmsd_angle.linker_flag 
1 1 CA A GLN 10 ? ? C  A GLN 10 ? ? O   A GLN 10 ? ? 94.75  120.10 -25.35 2.10 N 
2 1 O  A GLN 10 ? ? C  A GLN 10 ? ? N   A CYS 11 ? ? 146.58 122.70 23.88  1.60 Y 
3 1 NE A ARG 43 ? ? CZ A ARG 43 ? ? NH2 A ARG 43 ? ? 116.84 120.30 -3.46  0.50 N 
# 
loop_
_pdbx_validate_torsion.id 
_pdbx_validate_torsion.PDB_model_num 
_pdbx_validate_torsion.auth_comp_id 
_pdbx_validate_torsion.auth_asym_id 
_pdbx_validate_torsion.auth_seq_id 
_pdbx_validate_torsion.PDB_ins_code 
_pdbx_validate_torsion.label_alt_id 
_pdbx_validate_torsion.phi 
_pdbx_validate_torsion.psi 
1 1 GLN A 16 ? ? 82.70  156.82 
2 1 LYS A 96 ? ? -89.60 -71.44 
# 
_pdbx_unobs_or_zero_occ_residues.id               1 
_pdbx_unobs_or_zero_occ_residues.PDB_model_num    1 
_pdbx_unobs_or_zero_occ_residues.polymer_flag     Y 
_pdbx_unobs_or_zero_occ_residues.occupancy_flag   1 
_pdbx_unobs_or_zero_occ_residues.auth_asym_id     A 
_pdbx_unobs_or_zero_occ_residues.auth_comp_id     GLN 
_pdbx_unobs_or_zero_occ_residues.auth_seq_id      1 
_pdbx_unobs_or_zero_occ_residues.PDB_ins_code     ? 
_pdbx_unobs_or_zero_occ_residues.label_asym_id    A 
_pdbx_unobs_or_zero_occ_residues.label_comp_id    GLN 
_pdbx_unobs_or_zero_occ_residues.label_seq_id     1 
# 
loop_
_chem_comp_atom.comp_id 
_chem_comp_atom.atom_id 
_chem_comp_atom.type_symbol 
_chem_comp_atom.pdbx_aromatic_flag 
_chem_comp_atom.pdbx_stereo_config 
_chem_comp_atom.pdbx_ordinal 
ALA N    N  N N 1   
ALA CA   C  N S 2   
ALA C    C  N N 3   
ALA O    O  N N 4   
ALA CB   C  N N 5   
ALA OXT  O  N N 6   
ALA H    H  N N 7   
ALA H2   H  N N 8   
ALA HA   H  N N 9   
ALA HB1  H  N N 10  
ALA HB2  H  N N 11  
ALA HB3  H  N N 12  
ALA HXT  H  N N 13  
ARG N    N  N N 14  
ARG CA   C  N S 15  
ARG C    C  N N 16  
ARG O    O  N N 17  
ARG CB   C  N N 18  
ARG CG   C  N N 19  
ARG CD   C  N N 20  
ARG NE   N  N N 21  
ARG CZ   C  N N 22  
ARG NH1  N  N N 23  
ARG NH2  N  N N 24  
ARG OXT  O  N N 25  
ARG H    H  N N 26  
ARG H2   H  N N 27  
ARG HA   H  N N 28  
ARG HB2  H  N N 29  
ARG HB3  H  N N 30  
ARG HG2  H  N N 31  
ARG HG3  H  N N 32  
ARG HD2  H  N N 33  
ARG HD3  H  N N 34  
ARG HE   H  N N 35  
ARG HH11 H  N N 36  
ARG HH12 H  N N 37  
ARG HH21 H  N N 38  
ARG HH22 H  N N 39  
ARG HXT  H  N N 40  
ASN N    N  N N 41  
ASN CA   C  N S 42  
ASN C    C  N N 43  
ASN O    O  N N 44  
ASN CB   C  N N 45  
ASN CG   C  N N 46  
ASN OD1  O  N N 47  
ASN ND2  N  N N 48  
ASN OXT  O  N N 49  
ASN H    H  N N 50  
ASN H2   H  N N 51  
ASN HA   H  N N 52  
ASN HB2  H  N N 53  
ASN HB3  H  N N 54  
ASN HD21 H  N N 55  
ASN HD22 H  N N 56  
ASN HXT  H  N N 57  
ASP N    N  N N 58  
ASP CA   C  N S 59  
ASP C    C  N N 60  
ASP O    O  N N 61  
ASP CB   C  N N 62  
ASP CG   C  N N 63  
ASP OD1  O  N N 64  
ASP OD2  O  N N 65  
ASP OXT  O  N N 66  
ASP H    H  N N 67  
ASP H2   H  N N 68  
ASP HA   H  N N 69  
ASP HB2  H  N N 70  
ASP HB3  H  N N 71  
ASP HD2  H  N N 72  
ASP HXT  H  N N 73  
CYS N    N  N N 74  
CYS CA   C  N R 75  
CYS C    C  N N 76  
CYS O    O  N N 77  
CYS CB   C  N N 78  
CYS SG   S  N N 79  
CYS OXT  O  N N 80  
CYS H    H  N N 81  
CYS H2   H  N N 82  
CYS HA   H  N N 83  
CYS HB2  H  N N 84  
CYS HB3  H  N N 85  
CYS HG   H  N N 86  
CYS HXT  H  N N 87  
GLN N    N  N N 88  
GLN CA   C  N S 89  
GLN C    C  N N 90  
GLN O    O  N N 91  
GLN CB   C  N N 92  
GLN CG   C  N N 93  
GLN CD   C  N N 94  
GLN OE1  O  N N 95  
GLN NE2  N  N N 96  
GLN OXT  O  N N 97  
GLN H    H  N N 98  
GLN H2   H  N N 99  
GLN HA   H  N N 100 
GLN HB2  H  N N 101 
GLN HB3  H  N N 102 
GLN HG2  H  N N 103 
GLN HG3  H  N N 104 
GLN HE21 H  N N 105 
GLN HE22 H  N N 106 
GLN HXT  H  N N 107 
GLU N    N  N N 108 
GLU CA   C  N S 109 
GLU C    C  N N 110 
GLU O    O  N N 111 
GLU CB   C  N N 112 
GLU CG   C  N N 113 
GLU CD   C  N N 114 
GLU OE1  O  N N 115 
GLU OE2  O  N N 116 
GLU OXT  O  N N 117 
GLU H    H  N N 118 
GLU H2   H  N N 119 
GLU HA   H  N N 120 
GLU HB2  H  N N 121 
GLU HB3  H  N N 122 
GLU HG2  H  N N 123 
GLU HG3  H  N N 124 
GLU HE2  H  N N 125 
GLU HXT  H  N N 126 
GLY N    N  N N 127 
GLY CA   C  N N 128 
GLY C    C  N N 129 
GLY O    O  N N 130 
GLY OXT  O  N N 131 
GLY H    H  N N 132 
GLY H2   H  N N 133 
GLY HA2  H  N N 134 
GLY HA3  H  N N 135 
GLY HXT  H  N N 136 
HFM FE   FE N N 137 
HFM CHA  C  N N 138 
HFM CHB  C  N N 139 
HFM CHC  C  N N 140 
HFM CHD  C  N N 141 
HFM NA   N  Y N 142 
HFM NB   N  Y N 143 
HFM NC   N  N N 144 
HFM ND   N  Y N 145 
HFM C1A  C  Y N 146 
HFM C2A  C  Y N 147 
HFM C3A  C  Y N 148 
HFM C4A  C  Y N 149 
HFM CMA  C  N N 150 
HFM CAA  C  N N 151 
HFM CBA  C  N N 152 
HFM CGA  C  N N 153 
HFM O1A  O  N N 154 
HFM O2A  O  N N 155 
HFM C1B  C  Y N 156 
HFM C2B  C  Y N 157 
HFM C3B  C  Y N 158 
HFM C4B  C  Y N 159 
HFM CMB  C  N N 160 
HFM CAB  C  N N 161 
HFM OAB  O  N N 162 
HFM C1C  C  N N 163 
HFM C2C  C  N N 164 
HFM C3C  C  N R 165 
HFM C4C  C  N N 166 
HFM CMC  C  N N 167 
HFM CAC  C  N N 168 
HFM CBC  C  N N 169 
HFM C1D  C  Y N 170 
HFM C2D  C  Y N 171 
HFM C3D  C  Y N 172 
HFM C4D  C  Y N 173 
HFM CMD  C  N N 174 
HFM CAD  C  N N 175 
HFM CBD  C  N N 176 
HFM CGD  C  N N 177 
HFM O1D  O  N N 178 
HFM O2D  O  N N 179 
HFM HHA  H  N N 180 
HFM HHB  H  N N 181 
HFM HHC  H  N N 182 
HFM HHD  H  N N 183 
HFM HMA1 H  N N 184 
HFM HMA2 H  N N 185 
HFM HMA3 H  N N 186 
HFM HAA1 H  N N 187 
HFM HAA2 H  N N 188 
HFM HBA1 H  N N 189 
HFM HBA2 H  N N 190 
HFM H2A  H  N N 191 
HFM HMB1 H  N N 192 
HFM HMB2 H  N N 193 
HFM HMB3 H  N N 194 
HFM HAB  H  N N 195 
HFM HOB  H  N N 196 
HFM H3C3 H  N N 197 
HFM HMC1 H  N N 198 
HFM HMC2 H  N N 199 
HFM HMC3 H  N N 200 
HFM HAC  H  N N 201 
HFM HBC1 H  N N 202 
HFM HBC2 H  N N 203 
HFM HMD1 H  N N 204 
HFM HMD2 H  N N 205 
HFM HMD3 H  N N 206 
HFM HAD1 H  N N 207 
HFM HAD2 H  N N 208 
HFM HBD1 H  N N 209 
HFM HBD2 H  N N 210 
HFM H2D  H  N N 211 
HIS N    N  N N 212 
HIS CA   C  N S 213 
HIS C    C  N N 214 
HIS O    O  N N 215 
HIS CB   C  N N 216 
HIS CG   C  Y N 217 
HIS ND1  N  Y N 218 
HIS CD2  C  Y N 219 
HIS CE1  C  Y N 220 
HIS NE2  N  Y N 221 
HIS OXT  O  N N 222 
HIS H    H  N N 223 
HIS H2   H  N N 224 
HIS HA   H  N N 225 
HIS HB2  H  N N 226 
HIS HB3  H  N N 227 
HIS HD1  H  N N 228 
HIS HD2  H  N N 229 
HIS HE1  H  N N 230 
HIS HE2  H  N N 231 
HIS HXT  H  N N 232 
HOH O    O  N N 233 
HOH H1   H  N N 234 
HOH H2   H  N N 235 
ILE N    N  N N 236 
ILE CA   C  N S 237 
ILE C    C  N N 238 
ILE O    O  N N 239 
ILE CB   C  N S 240 
ILE CG1  C  N N 241 
ILE CG2  C  N N 242 
ILE CD1  C  N N 243 
ILE OXT  O  N N 244 
ILE H    H  N N 245 
ILE H2   H  N N 246 
ILE HA   H  N N 247 
ILE HB   H  N N 248 
ILE HG12 H  N N 249 
ILE HG13 H  N N 250 
ILE HG21 H  N N 251 
ILE HG22 H  N N 252 
ILE HG23 H  N N 253 
ILE HD11 H  N N 254 
ILE HD12 H  N N 255 
ILE HD13 H  N N 256 
ILE HXT  H  N N 257 
LEU N    N  N N 258 
LEU CA   C  N S 259 
LEU C    C  N N 260 
LEU O    O  N N 261 
LEU CB   C  N N 262 
LEU CG   C  N N 263 
LEU CD1  C  N N 264 
LEU CD2  C  N N 265 
LEU OXT  O  N N 266 
LEU H    H  N N 267 
LEU H2   H  N N 268 
LEU HA   H  N N 269 
LEU HB2  H  N N 270 
LEU HB3  H  N N 271 
LEU HG   H  N N 272 
LEU HD11 H  N N 273 
LEU HD12 H  N N 274 
LEU HD13 H  N N 275 
LEU HD21 H  N N 276 
LEU HD22 H  N N 277 
LEU HD23 H  N N 278 
LEU HXT  H  N N 279 
LYS N    N  N N 280 
LYS CA   C  N S 281 
LYS C    C  N N 282 
LYS O    O  N N 283 
LYS CB   C  N N 284 
LYS CG   C  N N 285 
LYS CD   C  N N 286 
LYS CE   C  N N 287 
LYS NZ   N  N N 288 
LYS OXT  O  N N 289 
LYS H    H  N N 290 
LYS H2   H  N N 291 
LYS HA   H  N N 292 
LYS HB2  H  N N 293 
LYS HB3  H  N N 294 
LYS HG2  H  N N 295 
LYS HG3  H  N N 296 
LYS HD2  H  N N 297 
LYS HD3  H  N N 298 
LYS HE2  H  N N 299 
LYS HE3  H  N N 300 
LYS HZ1  H  N N 301 
LYS HZ2  H  N N 302 
LYS HZ3  H  N N 303 
LYS HXT  H  N N 304 
MET N    N  N N 305 
MET CA   C  N S 306 
MET C    C  N N 307 
MET O    O  N N 308 
MET CB   C  N N 309 
MET CG   C  N N 310 
MET SD   S  N N 311 
MET CE   C  N N 312 
MET OXT  O  N N 313 
MET H    H  N N 314 
MET H2   H  N N 315 
MET HA   H  N N 316 
MET HB2  H  N N 317 
MET HB3  H  N N 318 
MET HG2  H  N N 319 
MET HG3  H  N N 320 
MET HE1  H  N N 321 
MET HE2  H  N N 322 
MET HE3  H  N N 323 
MET HXT  H  N N 324 
PHE N    N  N N 325 
PHE CA   C  N S 326 
PHE C    C  N N 327 
PHE O    O  N N 328 
PHE CB   C  N N 329 
PHE CG   C  Y N 330 
PHE CD1  C  Y N 331 
PHE CD2  C  Y N 332 
PHE CE1  C  Y N 333 
PHE CE2  C  Y N 334 
PHE CZ   C  Y N 335 
PHE OXT  O  N N 336 
PHE H    H  N N 337 
PHE H2   H  N N 338 
PHE HA   H  N N 339 
PHE HB2  H  N N 340 
PHE HB3  H  N N 341 
PHE HD1  H  N N 342 
PHE HD2  H  N N 343 
PHE HE1  H  N N 344 
PHE HE2  H  N N 345 
PHE HZ   H  N N 346 
PHE HXT  H  N N 347 
PRO N    N  N N 348 
PRO CA   C  N S 349 
PRO C    C  N N 350 
PRO O    O  N N 351 
PRO CB   C  N N 352 
PRO CG   C  N N 353 
PRO CD   C  N N 354 
PRO OXT  O  N N 355 
PRO H    H  N N 356 
PRO HA   H  N N 357 
PRO HB2  H  N N 358 
PRO HB3  H  N N 359 
PRO HG2  H  N N 360 
PRO HG3  H  N N 361 
PRO HD2  H  N N 362 
PRO HD3  H  N N 363 
PRO HXT  H  N N 364 
SER N    N  N N 365 
SER CA   C  N S 366 
SER C    C  N N 367 
SER O    O  N N 368 
SER CB   C  N N 369 
SER OG   O  N N 370 
SER OXT  O  N N 371 
SER H    H  N N 372 
SER H2   H  N N 373 
SER HA   H  N N 374 
SER HB2  H  N N 375 
SER HB3  H  N N 376 
SER HG   H  N N 377 
SER HXT  H  N N 378 
THR N    N  N N 379 
THR CA   C  N S 380 
THR C    C  N N 381 
THR O    O  N N 382 
THR CB   C  N R 383 
THR OG1  O  N N 384 
THR CG2  C  N N 385 
THR OXT  O  N N 386 
THR H    H  N N 387 
THR H2   H  N N 388 
THR HA   H  N N 389 
THR HB   H  N N 390 
THR HG1  H  N N 391 
THR HG21 H  N N 392 
THR HG22 H  N N 393 
THR HG23 H  N N 394 
THR HXT  H  N N 395 
TRP N    N  N N 396 
TRP CA   C  N S 397 
TRP C    C  N N 398 
TRP O    O  N N 399 
TRP CB   C  N N 400 
TRP CG   C  Y N 401 
TRP CD1  C  Y N 402 
TRP CD2  C  Y N 403 
TRP NE1  N  Y N 404 
TRP CE2  C  Y N 405 
TRP CE3  C  Y N 406 
TRP CZ2  C  Y N 407 
TRP CZ3  C  Y N 408 
TRP CH2  C  Y N 409 
TRP OXT  O  N N 410 
TRP H    H  N N 411 
TRP H2   H  N N 412 
TRP HA   H  N N 413 
TRP HB2  H  N N 414 
TRP HB3  H  N N 415 
TRP HD1  H  N N 416 
TRP HE1  H  N N 417 
TRP HE3  H  N N 418 
TRP HZ2  H  N N 419 
TRP HZ3  H  N N 420 
TRP HH2  H  N N 421 
TRP HXT  H  N N 422 
TYR N    N  N N 423 
TYR CA   C  N S 424 
TYR C    C  N N 425 
TYR O    O  N N 426 
TYR CB   C  N N 427 
TYR CG   C  Y N 428 
TYR CD1  C  Y N 429 
TYR CD2  C  Y N 430 
TYR CE1  C  Y N 431 
TYR CE2  C  Y N 432 
TYR CZ   C  Y N 433 
TYR OH   O  N N 434 
TYR OXT  O  N N 435 
TYR H    H  N N 436 
TYR H2   H  N N 437 
TYR HA   H  N N 438 
TYR HB2  H  N N 439 
TYR HB3  H  N N 440 
TYR HD1  H  N N 441 
TYR HD2  H  N N 442 
TYR HE1  H  N N 443 
TYR HE2  H  N N 444 
TYR HH   H  N N 445 
TYR HXT  H  N N 446 
VAL N    N  N N 447 
VAL CA   C  N S 448 
VAL C    C  N N 449 
VAL O    O  N N 450 
VAL CB   C  N N 451 
VAL CG1  C  N N 452 
VAL CG2  C  N N 453 
VAL OXT  O  N N 454 
VAL H    H  N N 455 
VAL H2   H  N N 456 
VAL HA   H  N N 457 
VAL HB   H  N N 458 
VAL HG11 H  N N 459 
VAL HG12 H  N N 460 
VAL HG13 H  N N 461 
VAL HG21 H  N N 462 
VAL HG22 H  N N 463 
VAL HG23 H  N N 464 
VAL HXT  H  N N 465 
# 
loop_
_chem_comp_bond.comp_id 
_chem_comp_bond.atom_id_1 
_chem_comp_bond.atom_id_2 
_chem_comp_bond.value_order 
_chem_comp_bond.pdbx_aromatic_flag 
_chem_comp_bond.pdbx_stereo_config 
_chem_comp_bond.pdbx_ordinal 
ALA N   CA   sing N N 1   
ALA N   H    sing N N 2   
ALA N   H2   sing N N 3   
ALA CA  C    sing N N 4   
ALA CA  CB   sing N N 5   
ALA CA  HA   sing N N 6   
ALA C   O    doub N N 7   
ALA C   OXT  sing N N 8   
ALA CB  HB1  sing N N 9   
ALA CB  HB2  sing N N 10  
ALA CB  HB3  sing N N 11  
ALA OXT HXT  sing N N 12  
ARG N   CA   sing N N 13  
ARG N   H    sing N N 14  
ARG N   H2   sing N N 15  
ARG CA  C    sing N N 16  
ARG CA  CB   sing N N 17  
ARG CA  HA   sing N N 18  
ARG C   O    doub N N 19  
ARG C   OXT  sing N N 20  
ARG CB  CG   sing N N 21  
ARG CB  HB2  sing N N 22  
ARG CB  HB3  sing N N 23  
ARG CG  CD   sing N N 24  
ARG CG  HG2  sing N N 25  
ARG CG  HG3  sing N N 26  
ARG CD  NE   sing N N 27  
ARG CD  HD2  sing N N 28  
ARG CD  HD3  sing N N 29  
ARG NE  CZ   sing N N 30  
ARG NE  HE   sing N N 31  
ARG CZ  NH1  sing N N 32  
ARG CZ  NH2  doub N N 33  
ARG NH1 HH11 sing N N 34  
ARG NH1 HH12 sing N N 35  
ARG NH2 HH21 sing N N 36  
ARG NH2 HH22 sing N N 37  
ARG OXT HXT  sing N N 38  
ASN N   CA   sing N N 39  
ASN N   H    sing N N 40  
ASN N   H2   sing N N 41  
ASN CA  C    sing N N 42  
ASN CA  CB   sing N N 43  
ASN CA  HA   sing N N 44  
ASN C   O    doub N N 45  
ASN C   OXT  sing N N 46  
ASN CB  CG   sing N N 47  
ASN CB  HB2  sing N N 48  
ASN CB  HB3  sing N N 49  
ASN CG  OD1  doub N N 50  
ASN CG  ND2  sing N N 51  
ASN ND2 HD21 sing N N 52  
ASN ND2 HD22 sing N N 53  
ASN OXT HXT  sing N N 54  
ASP N   CA   sing N N 55  
ASP N   H    sing N N 56  
ASP N   H2   sing N N 57  
ASP CA  C    sing N N 58  
ASP CA  CB   sing N N 59  
ASP CA  HA   sing N N 60  
ASP C   O    doub N N 61  
ASP C   OXT  sing N N 62  
ASP CB  CG   sing N N 63  
ASP CB  HB2  sing N N 64  
ASP CB  HB3  sing N N 65  
ASP CG  OD1  doub N N 66  
ASP CG  OD2  sing N N 67  
ASP OD2 HD2  sing N N 68  
ASP OXT HXT  sing N N 69  
CYS N   CA   sing N N 70  
CYS N   H    sing N N 71  
CYS N   H2   sing N N 72  
CYS CA  C    sing N N 73  
CYS CA  CB   sing N N 74  
CYS CA  HA   sing N N 75  
CYS C   O    doub N N 76  
CYS C   OXT  sing N N 77  
CYS CB  SG   sing N N 78  
CYS CB  HB2  sing N N 79  
CYS CB  HB3  sing N N 80  
CYS SG  HG   sing N N 81  
CYS OXT HXT  sing N N 82  
GLN N   CA   sing N N 83  
GLN N   H    sing N N 84  
GLN N   H2   sing N N 85  
GLN CA  C    sing N N 86  
GLN CA  CB   sing N N 87  
GLN CA  HA   sing N N 88  
GLN C   O    doub N N 89  
GLN C   OXT  sing N N 90  
GLN CB  CG   sing N N 91  
GLN CB  HB2  sing N N 92  
GLN CB  HB3  sing N N 93  
GLN CG  CD   sing N N 94  
GLN CG  HG2  sing N N 95  
GLN CG  HG3  sing N N 96  
GLN CD  OE1  doub N N 97  
GLN CD  NE2  sing N N 98  
GLN NE2 HE21 sing N N 99  
GLN NE2 HE22 sing N N 100 
GLN OXT HXT  sing N N 101 
GLU N   CA   sing N N 102 
GLU N   H    sing N N 103 
GLU N   H2   sing N N 104 
GLU CA  C    sing N N 105 
GLU CA  CB   sing N N 106 
GLU CA  HA   sing N N 107 
GLU C   O    doub N N 108 
GLU C   OXT  sing N N 109 
GLU CB  CG   sing N N 110 
GLU CB  HB2  sing N N 111 
GLU CB  HB3  sing N N 112 
GLU CG  CD   sing N N 113 
GLU CG  HG2  sing N N 114 
GLU CG  HG3  sing N N 115 
GLU CD  OE1  doub N N 116 
GLU CD  OE2  sing N N 117 
GLU OE2 HE2  sing N N 118 
GLU OXT HXT  sing N N 119 
GLY N   CA   sing N N 120 
GLY N   H    sing N N 121 
GLY N   H2   sing N N 122 
GLY CA  C    sing N N 123 
GLY CA  HA2  sing N N 124 
GLY CA  HA3  sing N N 125 
GLY C   O    doub N N 126 
GLY C   OXT  sing N N 127 
GLY OXT HXT  sing N N 128 
HFM FE  NA   sing N N 129 
HFM FE  NB   sing N N 130 
HFM FE  NC   sing N N 131 
HFM FE  ND   sing N N 132 
HFM CHA C1A  doub N N 133 
HFM CHA C4D  sing N N 134 
HFM CHA HHA  sing N N 135 
HFM CHB C4A  doub N N 136 
HFM CHB C1B  sing N N 137 
HFM CHB HHB  sing N N 138 
HFM CHC C4B  doub N N 139 
HFM CHC C1C  sing N N 140 
HFM CHC HHC  sing N N 141 
HFM CHD C4C  doub N N 142 
HFM CHD C1D  sing N N 143 
HFM CHD HHD  sing N N 144 
HFM NA  C1A  sing Y N 145 
HFM NA  C4A  sing Y N 146 
HFM NB  C1B  sing Y N 147 
HFM NB  C4B  sing Y N 148 
HFM NC  C1C  sing N N 149 
HFM NC  C4C  sing N N 150 
HFM ND  C1D  sing Y N 151 
HFM ND  C4D  sing Y N 152 
HFM C1A C2A  sing Y N 153 
HFM C2A C3A  doub Y N 154 
HFM C2A CAA  sing N N 155 
HFM C3A C4A  sing Y N 156 
HFM C3A CMA  sing N N 157 
HFM CMA HMA1 sing N N 158 
HFM CMA HMA2 sing N N 159 
HFM CMA HMA3 sing N N 160 
HFM CAA CBA  sing N N 161 
HFM CAA HAA1 sing N N 162 
HFM CAA HAA2 sing N N 163 
HFM CBA CGA  sing N N 164 
HFM CBA HBA1 sing N N 165 
HFM CBA HBA2 sing N N 166 
HFM CGA O1A  doub N N 167 
HFM CGA O2A  sing N N 168 
HFM O2A H2A  sing N N 169 
HFM C1B C2B  doub Y N 170 
HFM C2B C3B  sing Y N 171 
HFM C2B CMB  sing N N 172 
HFM C3B C4B  sing Y N 173 
HFM C3B CAB  doub N Z 174 
HFM CMB HMB1 sing N N 175 
HFM CMB HMB2 sing N N 176 
HFM CMB HMB3 sing N N 177 
HFM CAB OAB  sing N N 178 
HFM CAB HAB  sing N N 179 
HFM OAB HOB  sing N N 180 
HFM C1C C2C  doub N N 181 
HFM C2C C3C  sing N N 182 
HFM C2C CMC  sing N N 183 
HFM C3C C4C  sing N N 184 
HFM C3C CAC  sing N N 185 
HFM C3C H3C3 sing N N 186 
HFM CMC HMC1 sing N N 187 
HFM CMC HMC2 sing N N 188 
HFM CMC HMC3 sing N N 189 
HFM CAC CBC  doub N N 190 
HFM CAC HAC  sing N N 191 
HFM CBC HBC1 sing N N 192 
HFM CBC HBC2 sing N N 193 
HFM C1D C2D  doub Y N 194 
HFM C2D C3D  sing Y N 195 
HFM C2D CMD  sing N N 196 
HFM C3D C4D  doub Y N 197 
HFM C3D CAD  sing N N 198 
HFM CMD HMD1 sing N N 199 
HFM CMD HMD2 sing N N 200 
HFM CMD HMD3 sing N N 201 
HFM CAD CBD  sing N N 202 
HFM CAD HAD1 sing N N 203 
HFM CAD HAD2 sing N N 204 
HFM CBD CGD  sing N N 205 
HFM CBD HBD1 sing N N 206 
HFM CBD HBD2 sing N N 207 
HFM CGD O1D  doub N N 208 
HFM CGD O2D  sing N N 209 
HFM O2D H2D  sing N N 210 
HIS N   CA   sing N N 211 
HIS N   H    sing N N 212 
HIS N   H2   sing N N 213 
HIS CA  C    sing N N 214 
HIS CA  CB   sing N N 215 
HIS CA  HA   sing N N 216 
HIS C   O    doub N N 217 
HIS C   OXT  sing N N 218 
HIS CB  CG   sing N N 219 
HIS CB  HB2  sing N N 220 
HIS CB  HB3  sing N N 221 
HIS CG  ND1  sing Y N 222 
HIS CG  CD2  doub Y N 223 
HIS ND1 CE1  doub Y N 224 
HIS ND1 HD1  sing N N 225 
HIS CD2 NE2  sing Y N 226 
HIS CD2 HD2  sing N N 227 
HIS CE1 NE2  sing Y N 228 
HIS CE1 HE1  sing N N 229 
HIS NE2 HE2  sing N N 230 
HIS OXT HXT  sing N N 231 
HOH O   H1   sing N N 232 
HOH O   H2   sing N N 233 
ILE N   CA   sing N N 234 
ILE N   H    sing N N 235 
ILE N   H2   sing N N 236 
ILE CA  C    sing N N 237 
ILE CA  CB   sing N N 238 
ILE CA  HA   sing N N 239 
ILE C   O    doub N N 240 
ILE C   OXT  sing N N 241 
ILE CB  CG1  sing N N 242 
ILE CB  CG2  sing N N 243 
ILE CB  HB   sing N N 244 
ILE CG1 CD1  sing N N 245 
ILE CG1 HG12 sing N N 246 
ILE CG1 HG13 sing N N 247 
ILE CG2 HG21 sing N N 248 
ILE CG2 HG22 sing N N 249 
ILE CG2 HG23 sing N N 250 
ILE CD1 HD11 sing N N 251 
ILE CD1 HD12 sing N N 252 
ILE CD1 HD13 sing N N 253 
ILE OXT HXT  sing N N 254 
LEU N   CA   sing N N 255 
LEU N   H    sing N N 256 
LEU N   H2   sing N N 257 
LEU CA  C    sing N N 258 
LEU CA  CB   sing N N 259 
LEU CA  HA   sing N N 260 
LEU C   O    doub N N 261 
LEU C   OXT  sing N N 262 
LEU CB  CG   sing N N 263 
LEU CB  HB2  sing N N 264 
LEU CB  HB3  sing N N 265 
LEU CG  CD1  sing N N 266 
LEU CG  CD2  sing N N 267 
LEU CG  HG   sing N N 268 
LEU CD1 HD11 sing N N 269 
LEU CD1 HD12 sing N N 270 
LEU CD1 HD13 sing N N 271 
LEU CD2 HD21 sing N N 272 
LEU CD2 HD22 sing N N 273 
LEU CD2 HD23 sing N N 274 
LEU OXT HXT  sing N N 275 
LYS N   CA   sing N N 276 
LYS N   H    sing N N 277 
LYS N   H2   sing N N 278 
LYS CA  C    sing N N 279 
LYS CA  CB   sing N N 280 
LYS CA  HA   sing N N 281 
LYS C   O    doub N N 282 
LYS C   OXT  sing N N 283 
LYS CB  CG   sing N N 284 
LYS CB  HB2  sing N N 285 
LYS CB  HB3  sing N N 286 
LYS CG  CD   sing N N 287 
LYS CG  HG2  sing N N 288 
LYS CG  HG3  sing N N 289 
LYS CD  CE   sing N N 290 
LYS CD  HD2  sing N N 291 
LYS CD  HD3  sing N N 292 
LYS CE  NZ   sing N N 293 
LYS CE  HE2  sing N N 294 
LYS CE  HE3  sing N N 295 
LYS NZ  HZ1  sing N N 296 
LYS NZ  HZ2  sing N N 297 
LYS NZ  HZ3  sing N N 298 
LYS OXT HXT  sing N N 299 
MET N   CA   sing N N 300 
MET N   H    sing N N 301 
MET N   H2   sing N N 302 
MET CA  C    sing N N 303 
MET CA  CB   sing N N 304 
MET CA  HA   sing N N 305 
MET C   O    doub N N 306 
MET C   OXT  sing N N 307 
MET CB  CG   sing N N 308 
MET CB  HB2  sing N N 309 
MET CB  HB3  sing N N 310 
MET CG  SD   sing N N 311 
MET CG  HG2  sing N N 312 
MET CG  HG3  sing N N 313 
MET SD  CE   sing N N 314 
MET CE  HE1  sing N N 315 
MET CE  HE2  sing N N 316 
MET CE  HE3  sing N N 317 
MET OXT HXT  sing N N 318 
PHE N   CA   sing N N 319 
PHE N   H    sing N N 320 
PHE N   H2   sing N N 321 
PHE CA  C    sing N N 322 
PHE CA  CB   sing N N 323 
PHE CA  HA   sing N N 324 
PHE C   O    doub N N 325 
PHE C   OXT  sing N N 326 
PHE CB  CG   sing N N 327 
PHE CB  HB2  sing N N 328 
PHE CB  HB3  sing N N 329 
PHE CG  CD1  doub Y N 330 
PHE CG  CD2  sing Y N 331 
PHE CD1 CE1  sing Y N 332 
PHE CD1 HD1  sing N N 333 
PHE CD2 CE2  doub Y N 334 
PHE CD2 HD2  sing N N 335 
PHE CE1 CZ   doub Y N 336 
PHE CE1 HE1  sing N N 337 
PHE CE2 CZ   sing Y N 338 
PHE CE2 HE2  sing N N 339 
PHE CZ  HZ   sing N N 340 
PHE OXT HXT  sing N N 341 
PRO N   CA   sing N N 342 
PRO N   CD   sing N N 343 
PRO N   H    sing N N 344 
PRO CA  C    sing N N 345 
PRO CA  CB   sing N N 346 
PRO CA  HA   sing N N 347 
PRO C   O    doub N N 348 
PRO C   OXT  sing N N 349 
PRO CB  CG   sing N N 350 
PRO CB  HB2  sing N N 351 
PRO CB  HB3  sing N N 352 
PRO CG  CD   sing N N 353 
PRO CG  HG2  sing N N 354 
PRO CG  HG3  sing N N 355 
PRO CD  HD2  sing N N 356 
PRO CD  HD3  sing N N 357 
PRO OXT HXT  sing N N 358 
SER N   CA   sing N N 359 
SER N   H    sing N N 360 
SER N   H2   sing N N 361 
SER CA  C    sing N N 362 
SER CA  CB   sing N N 363 
SER CA  HA   sing N N 364 
SER C   O    doub N N 365 
SER C   OXT  sing N N 366 
SER CB  OG   sing N N 367 
SER CB  HB2  sing N N 368 
SER CB  HB3  sing N N 369 
SER OG  HG   sing N N 370 
SER OXT HXT  sing N N 371 
THR N   CA   sing N N 372 
THR N   H    sing N N 373 
THR N   H2   sing N N 374 
THR CA  C    sing N N 375 
THR CA  CB   sing N N 376 
THR CA  HA   sing N N 377 
THR C   O    doub N N 378 
THR C   OXT  sing N N 379 
THR CB  OG1  sing N N 380 
THR CB  CG2  sing N N 381 
THR CB  HB   sing N N 382 
THR OG1 HG1  sing N N 383 
THR CG2 HG21 sing N N 384 
THR CG2 HG22 sing N N 385 
THR CG2 HG23 sing N N 386 
THR OXT HXT  sing N N 387 
TRP N   CA   sing N N 388 
TRP N   H    sing N N 389 
TRP N   H2   sing N N 390 
TRP CA  C    sing N N 391 
TRP CA  CB   sing N N 392 
TRP CA  HA   sing N N 393 
TRP C   O    doub N N 394 
TRP C   OXT  sing N N 395 
TRP CB  CG   sing N N 396 
TRP CB  HB2  sing N N 397 
TRP CB  HB3  sing N N 398 
TRP CG  CD1  doub Y N 399 
TRP CG  CD2  sing Y N 400 
TRP CD1 NE1  sing Y N 401 
TRP CD1 HD1  sing N N 402 
TRP CD2 CE2  doub Y N 403 
TRP CD2 CE3  sing Y N 404 
TRP NE1 CE2  sing Y N 405 
TRP NE1 HE1  sing N N 406 
TRP CE2 CZ2  sing Y N 407 
TRP CE3 CZ3  doub Y N 408 
TRP CE3 HE3  sing N N 409 
TRP CZ2 CH2  doub Y N 410 
TRP CZ2 HZ2  sing N N 411 
TRP CZ3 CH2  sing Y N 412 
TRP CZ3 HZ3  sing N N 413 
TRP CH2 HH2  sing N N 414 
TRP OXT HXT  sing N N 415 
TYR N   CA   sing N N 416 
TYR N   H    sing N N 417 
TYR N   H2   sing N N 418 
TYR CA  C    sing N N 419 
TYR CA  CB   sing N N 420 
TYR CA  HA   sing N N 421 
TYR C   O    doub N N 422 
TYR C   OXT  sing N N 423 
TYR CB  CG   sing N N 424 
TYR CB  HB2  sing N N 425 
TYR CB  HB3  sing N N 426 
TYR CG  CD1  doub Y N 427 
TYR CG  CD2  sing Y N 428 
TYR CD1 CE1  sing Y N 429 
TYR CD1 HD1  sing N N 430 
TYR CD2 CE2  doub Y N 431 
TYR CD2 HD2  sing N N 432 
TYR CE1 CZ   doub Y N 433 
TYR CE1 HE1  sing N N 434 
TYR CE2 CZ   sing Y N 435 
TYR CE2 HE2  sing N N 436 
TYR CZ  OH   sing N N 437 
TYR OH  HH   sing N N 438 
TYR OXT HXT  sing N N 439 
VAL N   CA   sing N N 440 
VAL N   H    sing N N 441 
VAL N   H2   sing N N 442 
VAL CA  C    sing N N 443 
VAL CA  CB   sing N N 444 
VAL CA  HA   sing N N 445 
VAL C   O    doub N N 446 
VAL C   OXT  sing N N 447 
VAL CB  CG1  sing N N 448 
VAL CB  CG2  sing N N 449 
VAL CB  HB   sing N N 450 
VAL CG1 HG11 sing N N 451 
VAL CG1 HG12 sing N N 452 
VAL CG1 HG13 sing N N 453 
VAL CG2 HG21 sing N N 454 
VAL CG2 HG22 sing N N 455 
VAL CG2 HG23 sing N N 456 
VAL OXT HXT  sing N N 457 
# 
_atom_sites.entry_id                    1R0Q 
_atom_sites.fract_transf_matrix[1][1]   0.00259591 
_atom_sites.fract_transf_matrix[1][2]   -0.00958277 
_atom_sites.fract_transf_matrix[1][3]   -0.00886189 
_atom_sites.fract_transf_matrix[2][1]   -0.00145006 
_atom_sites.fract_transf_matrix[2][2]   -0.01278289 
_atom_sites.fract_transf_matrix[2][3]   0.00340558 
_atom_sites.fract_transf_matrix[3][1]   -0.02987954 
_atom_sites.fract_transf_matrix[3][2]   0.00082108 
_atom_sites.fract_transf_matrix[3][3]   -0.00964047 
_atom_sites.fract_transf_vector[1]      0.413444 
_atom_sites.fract_transf_vector[2]      0.293629 
_atom_sites.fract_transf_vector[3]      -0.186088 
# 
loop_
_atom_type.symbol 
C  
FE 
N  
O  
S  
# 
loop_
_atom_site.group_PDB 
_atom_site.id 
_atom_site.type_symbol 
_atom_site.label_atom_id 
_atom_site.label_alt_id 
_atom_site.label_comp_id 
_atom_site.label_asym_id 
_atom_site.label_entity_id 
_atom_site.label_seq_id 
_atom_site.pdbx_PDB_ins_code 
_atom_site.Cartn_x 
_atom_site.Cartn_y 
_atom_site.Cartn_z 
_atom_site.occupancy 
_atom_site.B_iso_or_equiv 
_atom_site.pdbx_formal_charge 
_atom_site.auth_seq_id 
_atom_site.auth_comp_id 
_atom_site.auth_asym_id 
_atom_site.auth_atom_id 
_atom_site.pdbx_PDB_model_num 
ATOM   1    N  N   . ALA A 1 2   ? 11.970  -2.511  -13.406 1.00 42.30  ? 2    ALA A N   1 
ATOM   2    C  CA  . ALA A 1 2   ? 10.516  -2.633  -13.339 1.00 35.54  ? 2    ALA A CA  1 
ATOM   3    C  C   . ALA A 1 2   ? 9.854   -1.269  -13.489 1.00 30.61  ? 2    ALA A C   1 
ATOM   4    O  O   . ALA A 1 2   ? 10.334  -0.262  -12.957 1.00 26.58  ? 2    ALA A O   1 
ATOM   5    C  CB  . ALA A 1 2   ? 10.077  -3.291  -12.035 1.00 18.10  ? 2    ALA A CB  1 
ATOM   6    N  N   . ASP A 1 3   ? 8.736   -1.230  -14.212 1.00 22.85  ? 3    ASP A N   1 
ATOM   7    C  CA  . ASP A 1 3   ? 8.086   0.085   -14.406 1.00 26.57  ? 3    ASP A CA  1 
ATOM   8    C  C   . ASP A 1 3   ? 6.832   0.168   -13.554 1.00 21.21  ? 3    ASP A C   1 
ATOM   9    O  O   . ASP A 1 3   ? 5.774   -0.387  -13.834 1.00 14.58  ? 3    ASP A O   1 
ATOM   10   C  CB  . ASP A 1 3   ? 7.892   0.247   -15.904 1.00 22.84  ? 3    ASP A CB  1 
ATOM   11   C  CG  . ASP A 1 3   ? 7.038   1.400   -16.370 1.00 44.79  ? 3    ASP A CG  1 
ATOM   12   O  OD1 . ASP A 1 3   ? 7.047   1.644   -17.604 1.00 62.50  ? 3    ASP A OD1 1 
ATOM   13   O  OD2 . ASP A 1 3   ? 6.353   2.058   -15.554 1.00 34.42  ? 3    ASP A OD2 1 
ATOM   14   N  N   . GLY A 1 4   ? 6.908   0.893   -12.436 1.00 16.35  ? 4    GLY A N   1 
ATOM   15   C  CA  . GLY A 1 4   ? 5.776   0.888   -11.510 1.00 14.40  ? 4    GLY A CA  1 
ATOM   16   C  C   . GLY A 1 4   ? 4.502   1.463   -12.086 1.00 14.80  ? 4    GLY A C   1 
ATOM   17   O  O   . GLY A 1 4   ? 3.398   1.038   -11.721 1.00 10.24  ? 4    GLY A O   1 
ATOM   18   N  N   . ALA A 1 5   ? 4.582   2.421   -13.016 1.00 13.58  ? 5    ALA A N   1 
ATOM   19   C  CA  . ALA A 1 5   ? 3.343   2.921   -13.629 1.00 13.22  ? 5    ALA A CA  1 
ATOM   20   C  C   . ALA A 1 5   ? 2.612   1.848   -14.416 1.00 17.01  ? 5    ALA A C   1 
ATOM   21   O  O   . ALA A 1 5   ? 1.394   1.661   -14.362 1.00 14.31  ? 5    ALA A O   1 
ATOM   22   C  CB  . ALA A 1 5   ? 3.673   4.100   -14.541 1.00 16.60  ? 5    ALA A CB  1 
ATOM   23   N  N   . LYS A 1 6   ? 3.384   1.075   -15.185 1.00 15.28  ? 6    LYS A N   1 
ATOM   24   C  CA  . LYS A 1 6   ? 2.760   0.027   -15.991 1.00 17.72  ? 6    LYS A CA  1 
ATOM   25   C  C   . LYS A 1 6   ? 2.257   -1.098  -15.096 1.00 21.80  ? 6    LYS A C   1 
ATOM   26   O  O   . LYS A 1 6   ? 1.177   -1.631  -15.339 1.00 20.21  ? 6    LYS A O   1 
ATOM   27   C  CB  . LYS A 1 6   ? 3.743   -0.498  -17.041 1.00 20.81  ? 6    LYS A CB  1 
ATOM   28   C  CG  . LYS A 1 6   ? 4.949   -1.149  -16.394 1.00 41.92  ? 6    LYS A CG  1 
ATOM   29   C  CD  . LYS A 1 6   ? 5.525   -2.300  -17.190 1.00 55.14  ? 6    LYS A CD  1 
ATOM   30   C  CE  . LYS A 1 6   ? 5.915   -3.449  -16.265 1.00 55.25  ? 6    LYS A CE  1 
ATOM   31   N  NZ  . LYS A 1 6   ? 4.938   -4.573  -16.376 1.00 45.07  ? 6    LYS A NZ  1 
ATOM   32   N  N   . ILE A 1 7   ? 3.024   -1.447  -14.060 1.00 14.72  ? 7    ILE A N   1 
ATOM   33   C  CA  . ILE A 1 7   ? 2.538   -2.495  -13.156 1.00 12.88  ? 7    ILE A CA  1 
ATOM   34   C  C   . ILE A 1 7   ? 1.231   -2.072  -12.503 1.00 16.70  ? 7    ILE A C   1 
ATOM   35   O  O   . ILE A 1 7   ? 0.221   -2.781  -12.442 1.00 17.98  ? 7    ILE A O   1 
ATOM   36   C  CB  . ILE A 1 7   ? 3.569   -2.823  -12.060 1.00 23.43  ? 7    ILE A CB  1 
ATOM   37   C  CG1 . ILE A 1 7   ? 4.882   -3.396  -12.611 1.00 24.95  ? 7    ILE A CG1 1 
ATOM   38   C  CG2 . ILE A 1 7   ? 2.981   -3.756  -11.013 1.00 28.54  ? 7    ILE A CG2 1 
ATOM   39   C  CD1 . ILE A 1 7   ? 6.068   -3.112  -11.715 1.00 21.84  ? 7    ILE A CD1 1 
ATOM   40   N  N   . TYR A 1 8   ? 1.211   -0.848  -11.981 1.00 12.21  ? 8    TYR A N   1 
ATOM   41   C  CA  . TYR A 1 8   ? -0.022  -0.397  -11.347 1.00 11.64  ? 8    TYR A CA  1 
ATOM   42   C  C   . TYR A 1 8   ? -1.187  -0.366  -12.329 1.00 19.86  ? 8    TYR A C   1 
ATOM   43   O  O   . TYR A 1 8   ? -2.320  -0.691  -11.974 1.00 20.65  ? 8    TYR A O   1 
ATOM   44   C  CB  . TYR A 1 8   ? 0.199   0.994   -10.739 1.00 10.34  ? 8    TYR A CB  1 
ATOM   45   C  CG  . TYR A 1 8   ? -1.077  1.509   -10.106 1.00 15.36  ? 8    TYR A CG  1 
ATOM   46   C  CD1 . TYR A 1 8   ? -1.855  2.495   -10.705 1.00 13.57  ? 8    TYR A CD1 1 
ATOM   47   C  CD2 . TYR A 1 8   ? -1.498  0.975   -8.888  1.00 12.20  ? 8    TYR A CD2 1 
ATOM   48   C  CE1 . TYR A 1 8   ? -3.025  2.944   -10.093 1.00 15.50  ? 8    TYR A CE1 1 
ATOM   49   C  CE2 . TYR A 1 8   ? -2.662  1.427   -8.289  1.00 14.39  ? 8    TYR A CE2 1 
ATOM   50   C  CZ  . TYR A 1 8   ? -3.427  2.404   -8.881  1.00 15.06  ? 8    TYR A CZ  1 
ATOM   51   O  OH  . TYR A 1 8   ? -4.580  2.818   -8.246  1.00 15.15  ? 8    TYR A OH  1 
ATOM   52   N  N   . ALA A 1 9   ? -0.892  0.033   -13.570 1.00 16.85  ? 9    ALA A N   1 
ATOM   53   C  CA  . ALA A 1 9   ? -1.962  0.175   -14.559 1.00 19.65  ? 9    ALA A CA  1 
ATOM   54   C  C   . ALA A 1 9   ? -2.708  -1.144  -14.723 1.00 24.09  ? 9    ALA A C   1 
ATOM   55   O  O   . ALA A 1 9   ? -3.925  -1.175  -14.854 1.00 33.44  ? 9    ALA A O   1 
ATOM   56   C  CB  . ALA A 1 9   ? -1.392  0.637   -15.889 1.00 23.65  ? 9    ALA A CB  1 
ATOM   57   N  N   . GLN A 1 10  ? -1.912  -2.201  -14.710 1.00 23.25  ? 10   GLN A N   1 
ATOM   58   C  CA  . GLN A 1 10  ? -2.363  -3.576  -14.811 1.00 36.40  ? 10   GLN A CA  1 
ATOM   59   C  C   . GLN A 1 10  ? -3.032  -4.041  -13.520 1.00 30.35  ? 10   GLN A C   1 
ATOM   60   O  O   . GLN A 1 10  ? -3.585  -5.391  -14.138 1.00 42.91  ? 10   GLN A O   1 
ATOM   61   C  CB  . GLN A 1 10  ? -1.199  -4.510  -15.141 1.00 41.95  ? 10   GLN A CB  1 
ATOM   62   C  CG  . GLN A 1 10  ? -0.316  -4.061  -16.292 1.00 59.74  ? 10   GLN A CG  1 
ATOM   63   C  CD  . GLN A 1 10  ? 0.647   -5.162  -16.708 1.00 73.39  ? 10   GLN A CD  1 
ATOM   64   O  OE1 . GLN A 1 10  ? 0.660   -6.234  -16.097 1.00 90.38  ? 10   GLN A OE1 1 
ATOM   65   N  NE2 . GLN A 1 10  ? 1.442   -4.896  -17.738 1.00 85.64  ? 10   GLN A NE2 1 
ATOM   66   N  N   . CYS A 1 11  ? -2.946  -3.267  -12.442 1.00 26.94  ? 11   CYS A N   1 
ATOM   67   C  CA  . CYS A 1 11  ? -3.707  -3.655  -11.240 1.00 20.12  ? 11   CYS A CA  1 
ATOM   68   C  C   . CYS A 1 11  ? -4.559  -2.491  -10.768 1.00 25.99  ? 11   CYS A C   1 
ATOM   69   O  O   . CYS A 1 11  ? -4.812  -2.373  -9.568  1.00 44.07  ? 11   CYS A O   1 
ATOM   70   N  N   . ALA A 1 12  ? -5.010  -1.608  -11.672 1.00 19.88  ? 12   ALA A N   1 
ATOM   71   C  CA  . ALA A 1 12  ? -5.691  -0.383  -11.247 1.00 21.63  ? 12   ALA A CA  1 
ATOM   72   C  C   . ALA A 1 12  ? -7.213  -0.463  -11.205 1.00 23.53  ? 12   ALA A C   1 
ATOM   73   O  O   . ALA A 1 12  ? -7.889  0.556   -11.000 1.00 15.29  ? 12   ALA A O   1 
ATOM   74   C  CB  . ALA A 1 12  ? -5.250  0.753   -12.178 1.00 15.23  ? 12   ALA A CB  1 
ATOM   75   N  N   . GLY A 1 13  ? -7.787  -1.654  -11.399 1.00 16.30  ? 13   GLY A N   1 
ATOM   76   C  CA  . GLY A 1 13  ? -9.229  -1.771  -11.543 1.00 22.14  ? 13   GLY A CA  1 
ATOM   77   C  C   . GLY A 1 13  ? -9.990  -1.374  -10.297 1.00 23.16  ? 13   GLY A C   1 
ATOM   78   O  O   . GLY A 1 13  ? -11.198 -1.075  -10.331 1.00 12.94  ? 13   GLY A O   1 
ATOM   79   N  N   . CYS A 1 14  ? -9.272  -1.372  -9.168  1.00 10.45  ? 14   CYS A N   1 
ATOM   80   C  CA  . CYS A 1 14  ? -9.941  -1.072  -7.913  1.00 10.64  ? 14   CYS A CA  1 
ATOM   81   C  C   . CYS A 1 14  ? -9.653  0.328   -7.415  1.00 12.57  ? 14   CYS A C   1 
ATOM   82   O  O   . CYS A 1 14  ? -10.569 1.133   -7.230  1.00 12.93  ? 14   CYS A O   1 
ATOM   83   C  CB  . CYS A 1 14  ? -9.523  -2.120  -6.859  1.00 7.91   ? 14   CYS A CB  1 
ATOM   84   S  SG  . CYS A 1 14  ? -10.142 -3.782  -7.318  1.00 11.71  ? 14   CYS A SG  1 
ATOM   85   N  N   . HIS A 1 15  ? -8.370  0.630   -7.194  1.00 12.85  ? 15   HIS A N   1 
ATOM   86   C  CA  . HIS A 1 15  ? -8.039  1.966   -6.681  1.00 12.65  ? 15   HIS A CA  1 
ATOM   87   C  C   . HIS A 1 15  ? -8.099  3.032   -7.783  1.00 16.32  ? 15   HIS A C   1 
ATOM   88   O  O   . HIS A 1 15  ? -8.107  4.217   -7.430  1.00 13.04  ? 15   HIS A O   1 
ATOM   89   C  CB  . HIS A 1 15  ? -6.667  1.973   -6.008  1.00 8.25   ? 15   HIS A CB  1 
ATOM   90   C  CG  . HIS A 1 15  ? -6.604  0.963   -4.879  1.00 9.11   ? 15   HIS A CG  1 
ATOM   91   N  ND1 . HIS A 1 15  ? -7.182  1.191   -3.660  1.00 6.76   ? 15   HIS A ND1 1 
ATOM   92   C  CD2 . HIS A 1 15  ? -6.032  -0.264  -4.846  1.00 7.61   ? 15   HIS A CD2 1 
ATOM   93   C  CE1 . HIS A 1 15  ? -6.957  0.128   -2.888  1.00 8.26   ? 15   HIS A CE1 1 
ATOM   94   N  NE2 . HIS A 1 15  ? -6.266  -0.755  -3.572  1.00 8.86   ? 15   HIS A NE2 1 
ATOM   95   N  N   . GLN A 1 16  ? -8.182  2.560   -9.017  1.00 11.76  ? 16   GLN A N   1 
ATOM   96   C  CA  . GLN A 1 16  ? -8.399  3.392   -10.189 1.00 19.04  ? 16   GLN A CA  1 
ATOM   97   C  C   . GLN A 1 16  ? -7.117  4.022   -10.712 1.00 21.96  ? 16   GLN A C   1 
ATOM   98   O  O   . GLN A 1 16  ? -6.144  4.198   -9.984  1.00 15.38  ? 16   GLN A O   1 
ATOM   99   C  CB  . GLN A 1 16  ? -9.394  4.524   -9.900  1.00 16.11  ? 16   GLN A CB  1 
ATOM   100  C  CG  . GLN A 1 16  ? -10.764 4.018   -9.443  1.00 18.49  ? 16   GLN A CG  1 
ATOM   101  C  CD  . GLN A 1 16  ? -11.235 2.913   -10.361 1.00 19.91  ? 16   GLN A CD  1 
ATOM   102  O  OE1 . GLN A 1 16  ? -11.381 3.168   -11.551 1.00 28.95  ? 16   GLN A OE1 1 
ATOM   103  N  NE2 . GLN A 1 16  ? -11.466 1.721   -9.830  1.00 21.49  ? 16   GLN A NE2 1 
ATOM   104  N  N   . GLN A 1 17  ? -7.125  4.381   -11.997 1.00 18.13  ? 17   GLN A N   1 
ATOM   105  C  CA  . GLN A 1 17  ? -5.902  4.929   -12.590 1.00 19.91  ? 17   GLN A CA  1 
ATOM   106  C  C   . GLN A 1 17  ? -5.507  6.224   -11.897 1.00 17.48  ? 17   GLN A C   1 
ATOM   107  O  O   . GLN A 1 17  ? -4.300  6.497   -11.798 1.00 17.70  ? 17   GLN A O   1 
ATOM   108  C  CB  . GLN A 1 17  ? -6.060  5.129   -14.097 1.00 29.13  ? 17   GLN A CB  1 
ATOM   109  C  CG  . GLN A 1 17  ? -6.309  3.865   -14.902 1.00 41.90  ? 17   GLN A CG  1 
ATOM   110  C  CD  . GLN A 1 17  ? -5.116  2.935   -15.012 1.00 51.15  ? 17   GLN A CD  1 
ATOM   111  O  OE1 . GLN A 1 17  ? -5.212  1.807   -15.513 1.00 54.54  ? 17   GLN A OE1 1 
ATOM   112  N  NE2 . GLN A 1 17  ? -3.957  3.385   -14.535 1.00 41.71  ? 17   GLN A NE2 1 
ATOM   113  N  N   . ASN A 1 18  ? -6.439  7.021   -11.394 1.00 18.70  ? 18   ASN A N   1 
ATOM   114  C  CA  . ASN A 1 18  ? -6.094  8.277   -10.731 1.00 20.29  ? 18   ASN A CA  1 
ATOM   115  C  C   . ASN A 1 18  ? -5.780  8.096   -9.249  1.00 16.44  ? 18   ASN A C   1 
ATOM   116  O  O   . ASN A 1 18  ? -5.504  9.070   -8.532  1.00 16.98  ? 18   ASN A O   1 
ATOM   117  C  CB  . ASN A 1 18  ? -7.208  9.329   -10.859 1.00 21.03  ? 18   ASN A CB  1 
ATOM   118  C  CG  . ASN A 1 18  ? -8.546  8.923   -10.279 1.00 32.13  ? 18   ASN A CG  1 
ATOM   119  O  OD1 . ASN A 1 18  ? -8.690  7.947   -9.538  1.00 19.75  ? 18   ASN A OD1 1 
ATOM   120  N  ND2 . ASN A 1 18  ? -9.594  9.680   -10.607 1.00 26.21  ? 18   ASN A ND2 1 
ATOM   121  N  N   . GLY A 1 19  ? -5.839  6.853   -8.775  1.00 19.29  ? 19   GLY A N   1 
ATOM   122  C  CA  . GLY A 1 19  ? -5.544  6.563   -7.380  1.00 12.54  ? 19   GLY A CA  1 
ATOM   123  C  C   . GLY A 1 19  ? -6.562  7.029   -6.384  1.00 16.32  ? 19   GLY A C   1 
ATOM   124  O  O   . GLY A 1 19  ? -6.360  6.968   -5.155  1.00 13.51  ? 19   GLY A O   1 
ATOM   125  N  N   . GLN A 1 20  ? -7.713  7.536   -6.837  1.00 13.58  ? 20   GLN A N   1 
ATOM   126  C  CA  . GLN A 1 20  ? -8.620  8.145   -5.868  1.00 14.07  ? 20   GLN A CA  1 
ATOM   127  C  C   . GLN A 1 20  ? -9.649  7.166   -5.324  1.00 14.36  ? 20   GLN A C   1 
ATOM   128  O  O   . GLN A 1 20  ? -10.445 7.514   -4.453  1.00 17.55  ? 20   GLN A O   1 
ATOM   129  C  CB  . GLN A 1 20  ? -9.311  9.353   -6.519  1.00 23.34  ? 20   GLN A CB  1 
ATOM   130  C  CG  . GLN A 1 20  ? -8.304  10.420  -6.954  1.00 30.11  ? 20   GLN A CG  1 
ATOM   131  C  CD  . GLN A 1 20  ? -8.939  11.420  -7.905  1.00 39.77  ? 20   GLN A CD  1 
ATOM   132  O  OE1 . GLN A 1 20  ? -9.996  11.954  -7.570  1.00 33.78  ? 20   GLN A OE1 1 
ATOM   133  N  NE2 . GLN A 1 20  ? -8.318  11.651  -9.052  1.00 61.42  ? 20   GLN A NE2 1 
ATOM   134  N  N   . GLY A 1 21  ? -9.612  5.940   -5.826  1.00 11.66  ? 21   GLY A N   1 
ATOM   135  C  CA  . GLY A 1 21  ? -10.435 4.868   -5.270  1.00 16.32  ? 21   GLY A CA  1 
ATOM   136  C  C   . GLY A 1 21  ? -11.901 4.971   -5.662  1.00 18.04  ? 21   GLY A C   1 
ATOM   137  O  O   . GLY A 1 21  ? -12.228 5.708   -6.589  1.00 13.71  ? 21   GLY A O   1 
ATOM   138  N  N   . ILE A 1 22  ? -12.733 4.209   -4.963  1.00 16.15  ? 22   ILE A N   1 
ATOM   139  C  CA  . ILE A 1 22  ? -14.181 4.219   -5.137  1.00 20.19  ? 22   ILE A CA  1 
ATOM   140  C  C   . ILE A 1 22  ? -14.834 4.273   -3.759  1.00 21.28  ? 22   ILE A C   1 
ATOM   141  O  O   . ILE A 1 22  ? -14.579 3.413   -2.917  1.00 15.45  ? 22   ILE A O   1 
ATOM   142  C  CB  . ILE A 1 22  ? -14.716 3.010   -5.927  1.00 17.75  ? 22   ILE A CB  1 
ATOM   143  C  CG1 . ILE A 1 22  ? -14.119 2.859   -7.319  1.00 13.46  ? 22   ILE A CG1 1 
ATOM   144  C  CG2 . ILE A 1 22  ? -16.238 3.048   -6.012  1.00 16.76  ? 22   ILE A CG2 1 
ATOM   145  C  CD1 . ILE A 1 22  ? -14.604 3.903   -8.307  1.00 18.23  ? 22   ILE A CD1 1 
ATOM   146  N  N   . PRO A 1 23  ? -15.681 5.272   -3.543  1.00 26.81  ? 23   PRO A N   1 
ATOM   147  C  CA  . PRO A 1 23  ? -16.289 5.463   -2.223  1.00 26.35  ? 23   PRO A CA  1 
ATOM   148  C  C   . PRO A 1 23  ? -17.006 4.189   -1.770  1.00 17.79  ? 23   PRO A C   1 
ATOM   149  O  O   . PRO A 1 23  ? -17.682 3.491   -2.536  1.00 28.34  ? 23   PRO A O   1 
ATOM   150  C  CB  . PRO A 1 23  ? -17.277 6.606   -2.437  1.00 32.31  ? 23   PRO A CB  1 
ATOM   151  C  CG  . PRO A 1 23  ? -16.845 7.287   -3.686  1.00 33.52  ? 23   PRO A CG  1 
ATOM   152  C  CD  . PRO A 1 23  ? -16.142 6.266   -4.529  1.00 26.26  ? 23   PRO A CD  1 
ATOM   153  N  N   . GLY A 1 24  ? -16.815 3.864   -0.494  1.00 21.68  ? 24   GLY A N   1 
ATOM   154  C  CA  . GLY A 1 24  ? -17.382 2.678   0.106   1.00 22.60  ? 24   GLY A CA  1 
ATOM   155  C  C   . GLY A 1 24  ? -16.660 1.400   -0.262  1.00 27.09  ? 24   GLY A C   1 
ATOM   156  O  O   . GLY A 1 24  ? -16.671 0.445   0.529   1.00 23.03  ? 24   GLY A O   1 
ATOM   157  N  N   . ALA A 1 25  ? -16.032 1.342   -1.436  1.00 18.03  ? 25   ALA A N   1 
ATOM   158  C  CA  . ALA A 1 25  ? -15.558 0.067   -1.945  1.00 16.44  ? 25   ALA A CA  1 
ATOM   159  C  C   . ALA A 1 25  ? -14.052 -0.144  -1.895  1.00 15.88  ? 25   ALA A C   1 
ATOM   160  O  O   . ALA A 1 25  ? -13.532 -1.133  -1.375  1.00 13.99  ? 25   ALA A O   1 
ATOM   161  C  CB  . ALA A 1 25  ? -16.017 -0.030  -3.410  1.00 15.87  ? 25   ALA A CB  1 
ATOM   162  N  N   . PHE A 1 26  ? -13.337 0.796   -2.500  1.00 12.87  ? 26   PHE A N   1 
ATOM   163  C  CA  . PHE A 1 26  ? -11.888 0.667   -2.685  1.00 13.11  ? 26   PHE A CA  1 
ATOM   164  C  C   . PHE A 1 26  ? -11.246 1.940   -2.145  1.00 18.77  ? 26   PHE A C   1 
ATOM   165  O  O   . PHE A 1 26  ? -11.526 3.041   -2.647  1.00 14.09  ? 26   PHE A O   1 
ATOM   166  C  CB  . PHE A 1 26  ? -11.592 0.427   -4.161  1.00 10.04  ? 26   PHE A CB  1 
ATOM   167  C  CG  . PHE A 1 26  ? -12.332 -0.759  -4.760  1.00 16.05  ? 26   PHE A CG  1 
ATOM   168  C  CD1 . PHE A 1 26  ? -12.250 -2.024  -4.183  1.00 10.26  ? 26   PHE A CD1 1 
ATOM   169  C  CD2 . PHE A 1 26  ? -13.107 -0.599  -5.902  1.00 12.08  ? 26   PHE A CD2 1 
ATOM   170  C  CE1 . PHE A 1 26  ? -12.919 -3.107  -4.709  1.00 10.06  ? 26   PHE A CE1 1 
ATOM   171  C  CE2 . PHE A 1 26  ? -13.782 -1.688  -6.416  1.00 10.82  ? 26   PHE A CE2 1 
ATOM   172  C  CZ  . PHE A 1 26  ? -13.703 -2.945  -5.841  1.00 10.75  ? 26   PHE A CZ  1 
ATOM   173  N  N   . PRO A 1 27  ? -10.430 1.881   -1.098  1.00 11.30  ? 27   PRO A N   1 
ATOM   174  C  CA  . PRO A 1 27  ? -9.977  3.154   -0.517  1.00 7.96   ? 27   PRO A CA  1 
ATOM   175  C  C   . PRO A 1 27  ? -9.038  3.876   -1.465  1.00 11.13  ? 27   PRO A C   1 
ATOM   176  O  O   . PRO A 1 27  ? -8.364  3.317   -2.334  1.00 12.21  ? 27   PRO A O   1 
ATOM   177  C  CB  . PRO A 1 27  ? -9.243  2.736   0.753   1.00 12.56  ? 27   PRO A CB  1 
ATOM   178  C  CG  . PRO A 1 27  ? -8.788  1.347   0.466   1.00 12.66  ? 27   PRO A CG  1 
ATOM   179  C  CD  . PRO A 1 27  ? -9.888  0.722   -0.369  1.00 12.86  ? 27   PRO A CD  1 
ATOM   180  N  N   . PRO A 1 28  ? -9.004  5.188   -1.281  1.00 11.74  ? 28   PRO A N   1 
ATOM   181  C  CA  . PRO A 1 28  ? -8.129  6.012   -2.106  1.00 11.99  ? 28   PRO A CA  1 
ATOM   182  C  C   . PRO A 1 28  ? -6.659  5.736   -1.757  1.00 8.79   ? 28   PRO A C   1 
ATOM   183  O  O   . PRO A 1 28  ? -6.388  5.464   -0.578  1.00 11.11  ? 28   PRO A O   1 
ATOM   184  C  CB  . PRO A 1 28  ? -8.475  7.432   -1.659  1.00 10.69  ? 28   PRO A CB  1 
ATOM   185  C  CG  . PRO A 1 28  ? -9.000  7.269   -0.269  1.00 18.88  ? 28   PRO A CG  1 
ATOM   186  C  CD  . PRO A 1 28  ? -9.764  5.959   -0.289  1.00 18.02  ? 28   PRO A CD  1 
ATOM   187  N  N   . LEU A 1 29  ? -5.789  5.851   -2.741  1.00 9.77   ? 29   LEU A N   1 
ATOM   188  C  CA  . LEU A 1 29  ? -4.344  5.854   -2.508  1.00 8.96   ? 29   LEU A CA  1 
ATOM   189  C  C   . LEU A 1 29  ? -3.829  7.281   -2.584  1.00 14.41  ? 29   LEU A C   1 
ATOM   190  O  O   . LEU A 1 29  ? -3.098  7.773   -1.725  1.00 13.34  ? 29   LEU A O   1 
ATOM   191  C  CB  . LEU A 1 29  ? -3.676  4.938   -3.528  1.00 8.33   ? 29   LEU A CB  1 
ATOM   192  C  CG  . LEU A 1 29  ? -4.098  3.457   -3.469  1.00 9.00   ? 29   LEU A CG  1 
ATOM   193  C  CD1 . LEU A 1 29  ? -3.414  2.661   -4.560  1.00 9.66   ? 29   LEU A CD1 1 
ATOM   194  C  CD2 . LEU A 1 29  ? -3.800  2.883   -2.094  1.00 14.88  ? 29   LEU A CD2 1 
ATOM   195  N  N   . ALA A 1 30  ? -4.224  7.997   -3.636  1.00 11.71  ? 30   ALA A N   1 
ATOM   196  C  CA  . ALA A 1 30  ? -3.863  9.416   -3.743  1.00 13.19  ? 30   ALA A CA  1 
ATOM   197  C  C   . ALA A 1 30  ? -4.250  10.198  -2.503  1.00 18.98  ? 30   ALA A C   1 
ATOM   198  O  O   . ALA A 1 30  ? -5.390  10.189  -2.038  1.00 15.90  ? 30   ALA A O   1 
ATOM   199  C  CB  . ALA A 1 30  ? -4.504  9.993   -5.004  1.00 14.60  ? 30   ALA A CB  1 
ATOM   200  N  N   . GLY A 1 31  ? -3.266  10.896  -1.926  1.00 11.08  ? 31   GLY A N   1 
ATOM   201  C  CA  . GLY A 1 31  ? -3.471  11.633  -0.707  1.00 14.56  ? 31   GLY A CA  1 
ATOM   202  C  C   . GLY A 1 31  ? -3.484  10.814  0.564   1.00 18.27  ? 31   GLY A C   1 
ATOM   203  O  O   . GLY A 1 31  ? -3.436  11.368  1.665   1.00 20.50  ? 31   GLY A O   1 
ATOM   204  N  N   . HIS A 1 32  ? -3.550  9.490   0.452   1.00 12.17  ? 32   HIS A N   1 
ATOM   205  C  CA  . HIS A 1 32  ? -3.641  8.643   1.655   1.00 10.94  ? 32   HIS A CA  1 
ATOM   206  C  C   . HIS A 1 32  ? -2.371  7.847   1.906   1.00 10.64  ? 32   HIS A C   1 
ATOM   207  O  O   . HIS A 1 32  ? -2.016  7.489   3.024   1.00 13.54  ? 32   HIS A O   1 
ATOM   208  C  CB  . HIS A 1 32  ? -4.855  7.727   1.484   1.00 15.05  ? 32   HIS A CB  1 
ATOM   209  C  CG  . HIS A 1 32  ? -4.990  6.647   2.508   1.00 11.23  ? 32   HIS A CG  1 
ATOM   210  N  ND1 . HIS A 1 32  ? -4.966  6.899   3.861   1.00 10.24  ? 32   HIS A ND1 1 
ATOM   211  C  CD2 . HIS A 1 32  ? -5.139  5.309   2.376   1.00 11.64  ? 32   HIS A CD2 1 
ATOM   212  C  CE1 . HIS A 1 32  ? -5.097  5.766   4.539   1.00 14.52  ? 32   HIS A CE1 1 
ATOM   213  N  NE2 . HIS A 1 32  ? -5.208  4.782   3.654   1.00 12.80  ? 32   HIS A NE2 1 
ATOM   214  N  N   . VAL A 1 33  ? -1.618  7.554   0.840   1.00 10.80  ? 33   VAL A N   1 
ATOM   215  C  CA  . VAL A 1 33  ? -0.309  6.950   1.054   1.00 8.76   ? 33   VAL A CA  1 
ATOM   216  C  C   . VAL A 1 33  ? 0.549   7.806   1.974   1.00 12.67  ? 33   VAL A C   1 
ATOM   217  O  O   . VAL A 1 33  ? 1.234   7.277   2.855   1.00 12.11  ? 33   VAL A O   1 
ATOM   218  C  CB  . VAL A 1 33  ? 0.393   6.702   -0.293  1.00 11.49  ? 33   VAL A CB  1 
ATOM   219  C  CG1 . VAL A 1 33  ? 1.852   6.332   -0.081  1.00 8.59   ? 33   VAL A CG1 1 
ATOM   220  C  CG2 . VAL A 1 33  ? -0.324  5.604   -1.068  1.00 9.61   ? 33   VAL A CG2 1 
ATOM   221  N  N   . ALA A 1 34  ? 0.521   9.135   1.815   1.00 12.29  ? 34   ALA A N   1 
ATOM   222  C  CA  . ALA A 1 34  ? 1.294   9.982   2.728   1.00 11.30  ? 34   ALA A CA  1 
ATOM   223  C  C   . ALA A 1 34  ? 0.906   9.797   4.191   1.00 12.75  ? 34   ALA A C   1 
ATOM   224  O  O   . ALA A 1 34  ? 1.754   9.869   5.082   1.00 12.11  ? 34   ALA A O   1 
ATOM   225  C  CB  . ALA A 1 34  ? 1.108   11.443  2.344   1.00 15.11  ? 34   ALA A CB  1 
ATOM   226  N  N   . GLU A 1 35  ? -0.370  9.550   4.465   1.00 7.68   ? 35   GLU A N   1 
ATOM   227  C  CA  . GLU A 1 35  ? -0.828  9.367   5.837   1.00 12.01  ? 35   GLU A CA  1 
ATOM   228  C  C   . GLU A 1 35  ? -0.224  8.112   6.454   1.00 14.15  ? 35   GLU A C   1 
ATOM   229  O  O   . GLU A 1 35  ? 0.148   8.089   7.625   1.00 13.64  ? 35   GLU A O   1 
ATOM   230  C  CB  . GLU A 1 35  ? -2.362  9.300   5.833   1.00 18.34  ? 35   GLU A CB  1 
ATOM   231  C  CG  . GLU A 1 35  ? -3.002  10.628  5.439   1.00 28.38  ? 35   GLU A CG  1 
ATOM   232  C  CD  . GLU A 1 35  ? -4.479  10.581  5.124   1.00 35.87  ? 35   GLU A CD  1 
ATOM   233  O  OE1 . GLU A 1 35  ? -5.074  9.504   4.894   1.00 20.43  ? 35   GLU A OE1 1 
ATOM   234  O  OE2 . GLU A 1 35  ? -5.097  11.673  5.080   1.00 39.62  ? 35   GLU A OE2 1 
ATOM   235  N  N   . ILE A 1 36  ? -0.138  7.060   5.638   1.00 12.00  ? 36   ILE A N   1 
ATOM   236  C  CA  . ILE A 1 36  ? 0.462   5.810   6.122   1.00 9.10   ? 36   ILE A CA  1 
ATOM   237  C  C   . ILE A 1 36  ? 1.960   5.999   6.282   1.00 11.59  ? 36   ILE A C   1 
ATOM   238  O  O   . ILE A 1 36  ? 2.544   5.567   7.263   1.00 11.34  ? 36   ILE A O   1 
ATOM   239  C  CB  . ILE A 1 36  ? 0.164   4.673   5.144   1.00 6.51   ? 36   ILE A CB  1 
ATOM   240  C  CG1 . ILE A 1 36  ? -1.327  4.289   5.127   1.00 16.76  ? 36   ILE A CG1 1 
ATOM   241  C  CG2 . ILE A 1 36  ? 0.989   3.425   5.403   1.00 10.29  ? 36   ILE A CG2 1 
ATOM   242  C  CD1 . ILE A 1 36  ? -1.704  3.404   3.954   1.00 9.17   ? 36   ILE A CD1 1 
ATOM   243  N  N   . LEU A 1 37  ? 2.574   6.649   5.294   1.00 12.64  ? 37   LEU A N   1 
ATOM   244  C  CA  . LEU A 1 37  ? 4.027   6.829   5.376   1.00 12.51  ? 37   LEU A CA  1 
ATOM   245  C  C   . LEU A 1 37  ? 4.409   7.661   6.595   1.00 11.46  ? 37   LEU A C   1 
ATOM   246  O  O   . LEU A 1 37  ? 5.521   7.515   7.101   1.00 15.73  ? 37   LEU A O   1 
ATOM   247  C  CB  . LEU A 1 37  ? 4.524   7.492   4.092   1.00 9.51   ? 37   LEU A CB  1 
ATOM   248  C  CG  . LEU A 1 37  ? 4.507   6.605   2.840   1.00 9.89   ? 37   LEU A CG  1 
ATOM   249  C  CD1 . LEU A 1 37  ? 4.851   7.431   1.602   1.00 10.88  ? 37   LEU A CD1 1 
ATOM   250  C  CD2 . LEU A 1 37  ? 5.482   5.448   2.966   1.00 13.42  ? 37   LEU A CD2 1 
ATOM   251  N  N   . ALA A 1 38  ? 3.512   8.527   7.068   1.00 10.03  ? 38   ALA A N   1 
ATOM   252  C  CA  . ALA A 1 38  ? 3.899   9.384   8.194   1.00 15.17  ? 38   ALA A CA  1 
ATOM   253  C  C   . ALA A 1 38  ? 3.942   8.571   9.484   1.00 22.31  ? 38   ALA A C   1 
ATOM   254  O  O   . ALA A 1 38  ? 4.442   9.065   10.495  1.00 20.39  ? 38   ALA A O   1 
ATOM   255  C  CB  . ALA A 1 38  ? 2.969   10.567  8.375   1.00 13.48  ? 38   ALA A CB  1 
ATOM   256  N  N   . LYS A 1 39  ? 3.414   7.349   9.445   1.00 11.98  ? 39   LYS A N   1 
ATOM   257  C  CA  . LYS A 1 39  ? 3.476   6.518   10.644  1.00 10.81  ? 39   LYS A CA  1 
ATOM   258  C  C   . LYS A 1 39  ? 4.800   5.768   10.710  1.00 9.65   ? 39   LYS A C   1 
ATOM   259  O  O   . LYS A 1 39  ? 5.320   5.285   9.705   1.00 13.47  ? 39   LYS A O   1 
ATOM   260  C  CB  . LYS A 1 39  ? 2.336   5.504   10.690  1.00 13.30  ? 39   LYS A CB  1 
ATOM   261  C  CG  . LYS A 1 39  ? 0.948   6.107   10.682  1.00 11.54  ? 39   LYS A CG  1 
ATOM   262  C  CD  . LYS A 1 39  ? 0.756   7.056   11.847  1.00 12.05  ? 39   LYS A CD  1 
ATOM   263  C  CE  . LYS A 1 39  ? -0.714  7.379   12.097  1.00 16.68  ? 39   LYS A CE  1 
ATOM   264  N  NZ  . LYS A 1 39  ? -0.878  8.173   13.350  1.00 35.67  ? 39   LYS A NZ  1 
ATOM   265  N  N   . GLU A 1 40  ? 5.343   5.630   11.913  1.00 10.79  ? 40   GLU A N   1 
ATOM   266  C  CA  . GLU A 1 40  ? 6.486   4.720   12.051  1.00 11.01  ? 40   GLU A CA  1 
ATOM   267  C  C   . GLU A 1 40  ? 6.046   3.296   11.779  1.00 9.10   ? 40   GLU A C   1 
ATOM   268  O  O   . GLU A 1 40  ? 5.063   2.837   12.391  1.00 12.99  ? 40   GLU A O   1 
ATOM   269  C  CB  . GLU A 1 40  ? 7.084   4.879   13.453  1.00 14.36  ? 40   GLU A CB  1 
ATOM   270  C  CG  . GLU A 1 40  ? 8.141   3.829   13.780  1.00 26.81  ? 40   GLU A CG  1 
ATOM   271  C  CD  . GLU A 1 40  ? 8.440   3.804   15.273  1.00 43.50  ? 40   GLU A CD  1 
ATOM   272  O  OE1 . GLU A 1 40  ? 8.572   2.700   15.840  1.00 65.90  ? 40   GLU A OE1 1 
ATOM   273  O  OE2 . GLU A 1 40  ? 8.528   4.914   15.846  1.00 40.07  ? 40   GLU A OE2 1 
ATOM   274  N  N   . GLY A 1 41  ? 6.735   2.604   10.883  1.00 10.79  ? 41   GLY A N   1 
ATOM   275  C  CA  . GLY A 1 41  ? 6.322   1.295   10.386  1.00 10.46  ? 41   GLY A CA  1 
ATOM   276  C  C   . GLY A 1 41  ? 5.444   1.352   9.154   1.00 9.16   ? 41   GLY A C   1 
ATOM   277  O  O   . GLY A 1 41  ? 5.092   0.344   8.557   1.00 7.64   ? 41   GLY A O   1 
ATOM   278  N  N   . GLY A 1 42  ? 5.027   2.542   8.703   1.00 8.98   ? 42   GLY A N   1 
ATOM   279  C  CA  . GLY A 1 42  ? 4.193   2.707   7.528   1.00 9.23   ? 42   GLY A CA  1 
ATOM   280  C  C   . GLY A 1 42  ? 4.749   2.185   6.228   1.00 11.19  ? 42   GLY A C   1 
ATOM   281  O  O   . GLY A 1 42  ? 4.024   1.536   5.461   1.00 8.66   ? 42   GLY A O   1 
ATOM   282  N  N   . ARG A 1 43  ? 6.025   2.427   5.920   1.00 16.08  ? 43   ARG A N   1 
ATOM   283  C  CA  . ARG A 1 43  ? 6.654   1.850   4.742   1.00 11.23  ? 43   ARG A CA  1 
ATOM   284  C  C   . ARG A 1 43  ? 6.532   0.336   4.701   1.00 6.16   ? 43   ARG A C   1 
ATOM   285  O  O   . ARG A 1 43  ? 6.235   -0.311  3.700   1.00 10.40  ? 43   ARG A O   1 
ATOM   286  C  CB  . ARG A 1 43  ? 8.164   2.095   4.732   1.00 19.54  ? 43   ARG A CB  1 
ATOM   287  C  CG  . ARG A 1 43  ? 8.694   3.404   4.237   1.00 27.39  ? 43   ARG A CG  1 
ATOM   288  C  CD  . ARG A 1 43  ? 10.217  3.398   4.369   1.00 22.13  ? 43   ARG A CD  1 
ATOM   289  N  NE  . ARG A 1 43  ? 10.844  2.833   3.165   1.00 15.48  ? 43   ARG A NE  1 
ATOM   290  C  CZ  . ARG A 1 43  ? 11.052  3.616   2.106   1.00 18.73  ? 43   ARG A CZ  1 
ATOM   291  N  NH1 . ARG A 1 43  ? 11.614  3.179   0.991   1.00 13.69  ? 43   ARG A NH1 1 
ATOM   292  N  NH2 . ARG A 1 43  ? 10.666  4.890   2.213   1.00 20.30  ? 43   ARG A NH2 1 
ATOM   293  N  N   . GLU A 1 44  ? 6.823   -0.288  5.837   1.00 6.40   ? 44   GLU A N   1 
ATOM   294  C  CA  . GLU A 1 44  ? 6.783   -1.748  5.907   1.00 8.75   ? 44   GLU A CA  1 
ATOM   295  C  C   . GLU A 1 44  ? 5.349   -2.250  5.703   1.00 7.80   ? 44   GLU A C   1 
ATOM   296  O  O   . GLU A 1 44  ? 5.133   -3.249  5.026   1.00 7.19   ? 44   GLU A O   1 
ATOM   297  C  CB  . GLU A 1 44  ? 7.372   -2.188  7.249   1.00 12.25  ? 44   GLU A CB  1 
ATOM   298  C  CG  . GLU A 1 44  ? 8.861   -1.934  7.371   1.00 18.47  ? 44   GLU A CG  1 
ATOM   299  C  CD  . GLU A 1 44  ? 9.303   -0.496  7.538   1.00 27.49  ? 44   GLU A CD  1 
ATOM   300  O  OE1 . GLU A 1 44  ? 8.573   0.362   8.092   1.00 19.60  ? 44   GLU A OE1 1 
ATOM   301  O  OE2 . GLU A 1 44  ? 10.443  -0.150  7.107   1.00 26.35  ? 44   GLU A OE2 1 
ATOM   302  N  N   . TYR A 1 45  ? 4.390   -1.536  6.276   1.00 9.11   ? 45   TYR A N   1 
ATOM   303  C  CA  . TYR A 1 45  ? 2.971   -1.888  6.197   1.00 12.00  ? 45   TYR A CA  1 
ATOM   304  C  C   . TYR A 1 45  ? 2.546   -1.909  4.729   1.00 7.44   ? 45   TYR A C   1 
ATOM   305  O  O   . TYR A 1 45  ? 1.876   -2.854  4.276   1.00 5.25   ? 45   TYR A O   1 
ATOM   306  C  CB  . TYR A 1 45  ? 2.107   -0.939  7.065   1.00 9.23   ? 45   TYR A CB  1 
ATOM   307  C  CG  . TYR A 1 45  ? 0.645   -1.159  6.711   1.00 7.81   ? 45   TYR A CG  1 
ATOM   308  C  CD1 . TYR A 1 45  ? -0.008  -2.307  7.160   1.00 8.02   ? 45   TYR A CD1 1 
ATOM   309  C  CD2 . TYR A 1 45  ? -0.030  -0.233  5.930   1.00 7.28   ? 45   TYR A CD2 1 
ATOM   310  C  CE1 . TYR A 1 45  ? -1.346  -2.527  6.842   1.00 11.33  ? 45   TYR A CE1 1 
ATOM   311  C  CE2 . TYR A 1 45  ? -1.361  -0.464  5.606   1.00 10.44  ? 45   TYR A CE2 1 
ATOM   312  C  CZ  . TYR A 1 45  ? -1.999  -1.593  6.060   1.00 13.35  ? 45   TYR A CZ  1 
ATOM   313  O  OH  . TYR A 1 45  ? -3.319  -1.777  5.705   1.00 10.01  ? 45   TYR A OH  1 
ATOM   314  N  N   . LEU A 1 46  ? 2.955   -0.888  3.978   1.00 6.18   ? 46   LEU A N   1 
ATOM   315  C  CA  . LEU A 1 46  ? 2.594   -0.852  2.554   1.00 4.47   ? 46   LEU A CA  1 
ATOM   316  C  C   . LEU A 1 46  ? 3.166   -2.045  1.814   1.00 5.30   ? 46   LEU A C   1 
ATOM   317  O  O   . LEU A 1 46  ? 2.518   -2.578  0.920   1.00 8.90   ? 46   LEU A O   1 
ATOM   318  C  CB  . LEU A 1 46  ? 3.078   0.435   1.891   1.00 6.42   ? 46   LEU A CB  1 
ATOM   319  C  CG  . LEU A 1 46  ? 2.385   1.712   2.387   1.00 7.57   ? 46   LEU A CG  1 
ATOM   320  C  CD1 . LEU A 1 46  ? 3.157   2.930   1.879   1.00 10.35  ? 46   LEU A CD1 1 
ATOM   321  C  CD2 . LEU A 1 46  ? 0.935   1.807   1.951   1.00 9.38   ? 46   LEU A CD2 1 
ATOM   322  N  N   . ILE A 1 47  ? 4.387   -2.476  2.137   1.00 4.86   ? 47   ILE A N   1 
ATOM   323  C  CA  . ILE A 1 47  ? 4.912   -3.666  1.486   1.00 5.21   ? 47   ILE A CA  1 
ATOM   324  C  C   . ILE A 1 47  ? 4.102   -4.890  1.889   1.00 11.83  ? 47   ILE A C   1 
ATOM   325  O  O   . ILE A 1 47  ? 3.798   -5.730  1.039   1.00 7.64   ? 47   ILE A O   1 
ATOM   326  C  CB  . ILE A 1 47  ? 6.403   -3.829  1.838   1.00 7.85   ? 47   ILE A CB  1 
ATOM   327  C  CG1 . ILE A 1 47  ? 7.258   -2.717  1.212   1.00 6.26   ? 47   ILE A CG1 1 
ATOM   328  C  CG2 . ILE A 1 47  ? 6.948   -5.200  1.479   1.00 6.91   ? 47   ILE A CG2 1 
ATOM   329  C  CD1 . ILE A 1 47  ? 8.619   -2.618  1.863   1.00 8.69   ? 47   ILE A CD1 1 
ATOM   330  N  N   . LEU A 1 48  ? 3.748   -5.028  3.180   1.00 6.50   ? 48   LEU A N   1 
ATOM   331  C  CA  . LEU A 1 48  ? 2.966   -6.161  3.610   1.00 3.07   ? 48   LEU A CA  1 
ATOM   332  C  C   . LEU A 1 48  ? 1.628   -6.254  2.883   1.00 4.11   ? 48   LEU A C   1 
ATOM   333  O  O   . LEU A 1 48  ? 1.246   -7.384  2.557   1.00 6.71   ? 48   LEU A O   1 
ATOM   334  C  CB  . LEU A 1 48  ? 2.676   -6.085  5.123   1.00 7.94   ? 48   LEU A CB  1 
ATOM   335  C  CG  . LEU A 1 48  ? 3.906   -6.189  6.025   1.00 7.38   ? 48   LEU A CG  1 
ATOM   336  C  CD1 . LEU A 1 48  ? 3.523   -5.946  7.487   1.00 7.60   ? 48   LEU A CD1 1 
ATOM   337  C  CD2 . LEU A 1 48  ? 4.567   -7.554  5.846   1.00 9.79   ? 48   LEU A CD2 1 
ATOM   338  N  N   . VAL A 1 49  ? 0.950   -5.126  2.696   1.00 6.55   ? 49   VAL A N   1 
ATOM   339  C  CA  . VAL A 1 49  ? -0.328  -5.201  1.964   1.00 7.83   ? 49   VAL A CA  1 
ATOM   340  C  C   . VAL A 1 49  ? -0.148  -5.790  0.585   1.00 4.87   ? 49   VAL A C   1 
ATOM   341  O  O   . VAL A 1 49  ? -0.878  -6.679  0.124   1.00 9.24   ? 49   VAL A O   1 
ATOM   342  C  CB  . VAL A 1 49  ? -0.974  -3.809  1.838   1.00 10.05  ? 49   VAL A CB  1 
ATOM   343  C  CG1 . VAL A 1 49  ? -2.174  -3.837  0.900   1.00 6.57   ? 49   VAL A CG1 1 
ATOM   344  C  CG2 . VAL A 1 49  ? -1.395  -3.272  3.204   1.00 7.80   ? 49   VAL A CG2 1 
ATOM   345  N  N   . LEU A 1 50  ? 0.873   -5.305  -0.140  1.00 5.31   ? 50   LEU A N   1 
ATOM   346  C  CA  . LEU A 1 50  ? 1.116   -5.894  -1.462  1.00 5.36   ? 50   LEU A CA  1 
ATOM   347  C  C   . LEU A 1 50  ? 1.535   -7.355  -1.427  1.00 6.25   ? 50   LEU A C   1 
ATOM   348  O  O   . LEU A 1 50  ? 1.119   -8.176  -2.259  1.00 6.38   ? 50   LEU A O   1 
ATOM   349  C  CB  . LEU A 1 50  ? 2.184   -5.070  -2.210  1.00 5.28   ? 50   LEU A CB  1 
ATOM   350  C  CG  . LEU A 1 50  ? 1.593   -3.924  -3.042  1.00 8.53   ? 50   LEU A CG  1 
ATOM   351  C  CD1 . LEU A 1 50  ? 0.818   -4.482  -4.235  1.00 10.50  ? 50   LEU A CD1 1 
ATOM   352  C  CD2 . LEU A 1 50  ? 0.718   -3.029  -2.175  1.00 8.12   ? 50   LEU A CD2 1 
ATOM   353  N  N   . LEU A 1 51  ? 2.380   -7.773  -0.472  1.00 6.21   ? 51   LEU A N   1 
ATOM   354  C  CA  . LEU A 1 51  ? 2.790   -9.167  -0.454  1.00 4.27   ? 51   LEU A CA  1 
ATOM   355  C  C   . LEU A 1 51  ? 1.694   -10.097 0.040   1.00 6.57   ? 51   LEU A C   1 
ATOM   356  O  O   . LEU A 1 51  ? 1.630   -11.235 -0.438  1.00 9.00   ? 51   LEU A O   1 
ATOM   357  C  CB  . LEU A 1 51  ? 3.965   -9.373  0.515   1.00 9.92   ? 51   LEU A CB  1 
ATOM   358  C  CG  . LEU A 1 51  ? 5.372   -8.955  0.088   1.00 7.62   ? 51   LEU A CG  1 
ATOM   359  C  CD1 . LEU A 1 51  ? 6.263   -8.877  1.331   1.00 5.92   ? 51   LEU A CD1 1 
ATOM   360  C  CD2 . LEU A 1 51  ? 5.920   -9.929  -0.931  1.00 8.69   ? 51   LEU A CD2 1 
ATOM   361  N  N   . TYR A 1 52  ? 0.881   -9.633  1.008   1.00 6.89   ? 52   TYR A N   1 
ATOM   362  C  CA  . TYR A 1 52  ? 0.026   -10.558 1.747   1.00 5.29   ? 52   TYR A CA  1 
ATOM   363  C  C   . TYR A 1 52  ? -1.452  -10.231 1.691   1.00 9.76   ? 52   TYR A C   1 
ATOM   364  O  O   . TYR A 1 52  ? -2.256  -11.050 2.161   1.00 7.84   ? 52   TYR A O   1 
ATOM   365  C  CB  . TYR A 1 52  ? 0.459   -10.639 3.245   1.00 4.13   ? 52   TYR A CB  1 
ATOM   366  C  CG  . TYR A 1 52  ? 1.934   -11.063 3.305   1.00 6.54   ? 52   TYR A CG  1 
ATOM   367  C  CD1 . TYR A 1 52  ? 2.355   -12.211 2.646   1.00 7.19   ? 52   TYR A CD1 1 
ATOM   368  C  CD2 . TYR A 1 52  ? 2.894   -10.332 4.000   1.00 7.38   ? 52   TYR A CD2 1 
ATOM   369  C  CE1 . TYR A 1 52  ? 3.675   -12.649 2.661   1.00 5.69   ? 52   TYR A CE1 1 
ATOM   370  C  CE2 . TYR A 1 52  ? 4.219   -10.761 4.017   1.00 7.74   ? 52   TYR A CE2 1 
ATOM   371  C  CZ  . TYR A 1 52  ? 4.601   -11.905 3.353   1.00 7.65   ? 52   TYR A CZ  1 
ATOM   372  O  OH  . TYR A 1 52  ? 5.918   -12.317 3.378   1.00 8.09   ? 52   TYR A OH  1 
ATOM   373  N  N   . GLY A 1 53  ? -1.837  -9.092  1.129   1.00 5.45   ? 53   GLY A N   1 
ATOM   374  C  CA  . GLY A 1 53  ? -3.274  -8.788  1.129   1.00 7.45   ? 53   GLY A CA  1 
ATOM   375  C  C   . GLY A 1 53  ? -3.732  -8.134  2.412   1.00 8.93   ? 53   GLY A C   1 
ATOM   376  O  O   . GLY A 1 53  ? -2.934  -7.842  3.311   1.00 7.55   ? 53   GLY A O   1 
ATOM   377  N  N   . LEU A 1 54  ? -5.041  -7.870  2.527   1.00 6.34   ? 54   LEU A N   1 
ATOM   378  C  CA  . LEU A 1 54  ? -5.618  -7.142  3.639   1.00 7.39   ? 54   LEU A CA  1 
ATOM   379  C  C   . LEU A 1 54  ? -7.095  -7.535  3.759   1.00 12.72  ? 54   LEU A C   1 
ATOM   380  O  O   . LEU A 1 54  ? -7.737  -7.874  2.765   1.00 9.05   ? 54   LEU A O   1 
ATOM   381  C  CB  . LEU A 1 54  ? -5.545  -5.622  3.449   1.00 7.84   ? 54   LEU A CB  1 
ATOM   382  C  CG  . LEU A 1 54  ? -6.001  -4.727  4.600   1.00 5.55   ? 54   LEU A CG  1 
ATOM   383  C  CD1 . LEU A 1 54  ? -5.231  -5.043  5.885   1.00 6.44   ? 54   LEU A CD1 1 
ATOM   384  C  CD2 . LEU A 1 54  ? -5.858  -3.258  4.242   1.00 5.62   ? 54   LEU A CD2 1 
ATOM   385  N  N   . GLN A 1 55  ? -7.598  -7.491  4.976   1.00 6.67   ? 55   GLN A N   1 
ATOM   386  C  CA  . GLN A 1 55  ? -9.017  -7.663  5.209   1.00 8.74   ? 55   GLN A CA  1 
ATOM   387  C  C   . GLN A 1 55  ? -9.355  -6.898  6.488   1.00 12.08  ? 55   GLN A C   1 
ATOM   388  O  O   . GLN A 1 55  ? -8.442  -6.514  7.229   1.00 9.73   ? 55   GLN A O   1 
ATOM   389  C  CB  . GLN A 1 55  ? -9.372  -9.146  5.313   1.00 8.07   ? 55   GLN A CB  1 
ATOM   390  C  CG  . GLN A 1 55  ? -8.796  -9.816  6.560   1.00 9.17   ? 55   GLN A CG  1 
ATOM   391  C  CD  . GLN A 1 55  ? -9.016  -11.319 6.501   1.00 8.14   ? 55   GLN A CD  1 
ATOM   392  O  OE1 . GLN A 1 55  ? -8.981  -11.915 5.426   1.00 10.51  ? 55   GLN A OE1 1 
ATOM   393  N  NE2 . GLN A 1 55  ? -9.230  -11.924 7.664   1.00 10.31  ? 55   GLN A NE2 1 
ATOM   394  N  N   . GLY A 1 56  ? -10.651 -6.703  6.691   1.00 7.72   ? 56   GLY A N   1 
ATOM   395  C  CA  . GLY A 1 56  ? -11.195 -6.138  7.902   1.00 8.04   ? 56   GLY A CA  1 
ATOM   396  C  C   . GLY A 1 56  ? -11.676 -4.711  7.770   1.00 11.71  ? 56   GLY A C   1 
ATOM   397  O  O   . GLY A 1 56  ? -11.399 -4.019  6.781   1.00 12.21  ? 56   GLY A O   1 
ATOM   398  N  N   . GLN A 1 57  ? -12.417 -4.240  8.783   1.00 12.83  ? 57   GLN A N   1 
ATOM   399  C  CA  . GLN A 1 57  ? -12.894 -2.871  8.771   1.00 9.78   ? 57   GLN A CA  1 
ATOM   400  C  C   . GLN A 1 57  ? -11.741 -1.907  9.043   1.00 11.61  ? 57   GLN A C   1 
ATOM   401  O  O   . GLN A 1 57  ? -11.015 -2.116  10.021  1.00 14.69  ? 57   GLN A O   1 
ATOM   402  C  CB  . GLN A 1 57  ? -13.977 -2.653  9.829   1.00 19.27  ? 57   GLN A CB  1 
ATOM   403  C  CG  . GLN A 1 57  ? -15.174 -3.577  9.682   1.00 37.87  ? 57   GLN A CG  1 
ATOM   404  C  CD  . GLN A 1 57  ? -16.011 -3.640  10.949  1.00 49.72  ? 57   GLN A CD  1 
ATOM   405  O  OE1 . GLN A 1 57  ? -16.648 -2.647  11.300  1.00 48.42  ? 57   GLN A OE1 1 
ATOM   406  N  NE2 . GLN A 1 57  ? -15.992 -4.793  11.608  1.00 42.84  ? 57   GLN A NE2 1 
ATOM   407  N  N   . ILE A 1 58  ? -11.655 -0.904  8.176   1.00 10.89  ? 58   ILE A N   1 
ATOM   408  C  CA  . ILE A 1 58  ? -10.692 0.172   8.247   1.00 13.31  ? 58   ILE A CA  1 
ATOM   409  C  C   . ILE A 1 58  ? -11.381 1.492   7.891   1.00 16.68  ? 58   ILE A C   1 
ATOM   410  O  O   . ILE A 1 58  ? -12.412 1.516   7.225   1.00 14.92  ? 58   ILE A O   1 
ATOM   411  C  CB  . ILE A 1 58  ? -9.506  0.024   7.270   1.00 9.81   ? 58   ILE A CB  1 
ATOM   412  C  CG1 . ILE A 1 58  ? -9.946  0.053   5.803   1.00 10.48  ? 58   ILE A CG1 1 
ATOM   413  C  CG2 . ILE A 1 58  ? -8.695  -1.219  7.582   1.00 11.60  ? 58   ILE A CG2 1 
ATOM   414  C  CD1 . ILE A 1 58  ? -8.795  0.114   4.824   1.00 12.69  ? 58   ILE A CD1 1 
ATOM   415  N  N   . GLU A 1 59  ? -10.763 2.560   8.355   1.00 14.50  ? 59   GLU A N   1 
ATOM   416  C  CA  . GLU A 1 59  ? -11.207 3.920   8.104   1.00 13.27  ? 59   GLU A CA  1 
ATOM   417  C  C   . GLU A 1 59  ? -10.188 4.616   7.220   1.00 15.18  ? 59   GLU A C   1 
ATOM   418  O  O   . GLU A 1 59  ? -9.001  4.495   7.527   1.00 15.14  ? 59   GLU A O   1 
ATOM   419  C  CB  . GLU A 1 59  ? -11.357 4.650   9.441   1.00 21.27  ? 59   GLU A CB  1 
ATOM   420  C  CG  . GLU A 1 59  ? -12.285 5.850   9.376   1.00 39.80  ? 59   GLU A CG  1 
ATOM   421  C  CD  . GLU A 1 59  ? -12.526 6.381   10.786  1.00 51.89  ? 59   GLU A CD  1 
ATOM   422  O  OE1 . GLU A 1 59  ? -13.232 5.689   11.551  1.00 47.50  ? 59   GLU A OE1 1 
ATOM   423  O  OE2 . GLU A 1 59  ? -11.988 7.469   11.086  1.00 63.03  ? 59   GLU A OE2 1 
ATOM   424  N  N   . VAL A 1 60  ? -10.664 5.288   6.180   1.00 11.28  ? 60   VAL A N   1 
ATOM   425  C  CA  . VAL A 1 60  ? -9.785  6.118   5.366   1.00 12.67  ? 60   VAL A CA  1 
ATOM   426  C  C   . VAL A 1 60  ? -10.473 7.455   5.075   1.00 23.04  ? 60   VAL A C   1 
ATOM   427  O  O   . VAL A 1 60  ? -11.535 7.459   4.448   1.00 20.49  ? 60   VAL A O   1 
ATOM   428  C  CB  . VAL A 1 60  ? -9.392  5.440   4.044   1.00 20.08  ? 60   VAL A CB  1 
ATOM   429  C  CG1 . VAL A 1 60  ? -8.539  6.382   3.193   1.00 13.53  ? 60   VAL A CG1 1 
ATOM   430  C  CG2 . VAL A 1 60  ? -8.668  4.122   4.281   1.00 18.56  ? 60   VAL A CG2 1 
ATOM   431  N  N   . LYS A 1 61  ? -9.873  8.557   5.517   1.00 22.98  ? 61   LYS A N   1 
ATOM   432  C  CA  . LYS A 1 61  ? -10.460 9.878   5.274   1.00 19.25  ? 61   LYS A CA  1 
ATOM   433  C  C   . LYS A 1 61  ? -11.842 9.927   5.923   1.00 27.94  ? 61   LYS A C   1 
ATOM   434  O  O   . LYS A 1 61  ? -12.790 10.515  5.403   1.00 29.23  ? 61   LYS A O   1 
ATOM   435  C  CB  . LYS A 1 61  ? -10.557 10.178  3.786   1.00 25.19  ? 61   LYS A CB  1 
ATOM   436  C  CG  . LYS A 1 61  ? -9.238  10.164  3.033   1.00 39.14  ? 61   LYS A CG  1 
ATOM   437  C  CD  . LYS A 1 61  ? -8.306  11.247  3.551   1.00 46.09  ? 61   LYS A CD  1 
ATOM   438  C  CE  . LYS A 1 61  ? -6.935  11.158  2.898   1.00 51.13  ? 61   LYS A CE  1 
ATOM   439  N  NZ  . LYS A 1 61  ? -6.363  12.504  2.620   1.00 49.22  ? 61   LYS A NZ  1 
ATOM   440  N  N   . GLY A 1 62  ? -11.939 9.276   7.082   1.00 29.86  ? 62   GLY A N   1 
ATOM   441  C  CA  . GLY A 1 62  ? -13.184 9.215   7.811   1.00 33.96  ? 62   GLY A CA  1 
ATOM   442  C  C   . GLY A 1 62  ? -14.235 8.279   7.247   1.00 32.44  ? 62   GLY A C   1 
ATOM   443  O  O   . GLY A 1 62  ? -15.262 8.135   7.926   1.00 30.22  ? 62   GLY A O   1 
ATOM   444  N  N   . MET A 1 63  ? -14.043 7.655   6.088   1.00 21.93  ? 63   MET A N   1 
ATOM   445  C  CA  . MET A 1 63  ? -14.997 6.722   5.500   1.00 16.53  ? 63   MET A CA  1 
ATOM   446  C  C   . MET A 1 63  ? -14.677 5.278   5.878   1.00 22.71  ? 63   MET A C   1 
ATOM   447  O  O   . MET A 1 63  ? -13.491 4.957   6.036   1.00 24.11  ? 63   MET A O   1 
ATOM   448  C  CB  . MET A 1 63  ? -14.993 6.826   3.974   1.00 17.13  ? 63   MET A CB  1 
ATOM   449  C  CG  . MET A 1 63  ? -15.452 8.175   3.442   1.00 28.91  ? 63   MET A CG  1 
ATOM   450  S  SD  . MET A 1 63  ? -17.118 8.565   4.026   1.00 124.98 ? 63   MET A SD  1 
ATOM   451  C  CE  . MET A 1 63  ? -16.750 9.519   5.496   1.00 157.91 ? 63   MET A CE  1 
ATOM   452  N  N   . LYS A 1 64  ? -15.698 4.434   5.991   1.00 17.00  ? 64   LYS A N   1 
ATOM   453  C  CA  . LYS A 1 64  ? -15.498 3.045   6.353   1.00 20.12  ? 64   LYS A CA  1 
ATOM   454  C  C   . LYS A 1 64  ? -15.375 2.152   5.122   1.00 21.23  ? 64   LYS A C   1 
ATOM   455  O  O   . LYS A 1 64  ? -16.105 2.272   4.143   1.00 18.70  ? 64   LYS A O   1 
ATOM   456  C  CB  . LYS A 1 64  ? -16.637 2.488   7.222   1.00 35.65  ? 64   LYS A CB  1 
ATOM   457  C  CG  . LYS A 1 64  ? -17.084 1.104   6.756   1.00 46.90  ? 64   LYS A CG  1 
ATOM   458  C  CD  . LYS A 1 64  ? -17.627 0.259   7.895   1.00 57.14  ? 64   LYS A CD  1 
ATOM   459  C  CE  . LYS A 1 64  ? -16.633 -0.787  8.368   1.00 61.36  ? 64   LYS A CE  1 
ATOM   460  N  NZ  . LYS A 1 64  ? -15.341 -0.187  8.802   1.00 61.98  ? 64   LYS A NZ  1 
ATOM   461  N  N   . TYR A 1 65  ? -14.408 1.244   5.222   1.00 16.19  ? 65   TYR A N   1 
ATOM   462  C  CA  . TYR A 1 65  ? -14.210 0.206   4.224   1.00 12.53  ? 65   TYR A CA  1 
ATOM   463  C  C   . TYR A 1 65  ? -14.210 -1.121  4.970   1.00 17.07  ? 65   TYR A C   1 
ATOM   464  O  O   . TYR A 1 65  ? -13.738 -1.268  6.093   1.00 19.15  ? 65   TYR A O   1 
ATOM   465  C  CB  . TYR A 1 65  ? -12.929 0.351   3.396   1.00 15.69  ? 65   TYR A CB  1 
ATOM   466  C  CG  . TYR A 1 65  ? -12.965 1.663   2.620   1.00 12.48  ? 65   TYR A CG  1 
ATOM   467  C  CD1 . TYR A 1 65  ? -12.642 2.835   3.295   1.00 7.57   ? 65   TYR A CD1 1 
ATOM   468  C  CD2 . TYR A 1 65  ? -13.310 1.725   1.284   1.00 15.20  ? 65   TYR A CD2 1 
ATOM   469  C  CE1 . TYR A 1 65  ? -12.672 4.034   2.594   1.00 8.83   ? 65   TYR A CE1 1 
ATOM   470  C  CE2 . TYR A 1 65  ? -13.346 2.921   0.581   1.00 12.25  ? 65   TYR A CE2 1 
ATOM   471  C  CZ  . TYR A 1 65  ? -13.020 4.075   1.268   1.00 10.84  ? 65   TYR A CZ  1 
ATOM   472  O  OH  . TYR A 1 65  ? -13.042 5.288   0.623   1.00 17.66  ? 65   TYR A OH  1 
ATOM   473  N  N   . ASN A 1 66  ? -14.794 -2.103  4.308   1.00 18.35  ? 66   ASN A N   1 
ATOM   474  C  CA  . ASN A 1 66  ? -14.815 -3.420  4.959   1.00 15.90  ? 66   ASN A CA  1 
ATOM   475  C  C   . ASN A 1 66  ? -14.721 -4.425  3.830   1.00 16.60  ? 66   ASN A C   1 
ATOM   476  O  O   . ASN A 1 66  ? -15.633 -5.194  3.554   1.00 21.83  ? 66   ASN A O   1 
ATOM   477  C  CB  . ASN A 1 66  ? -16.061 -3.598  5.806   1.00 23.99  ? 66   ASN A CB  1 
ATOM   478  C  CG  . ASN A 1 66  ? -16.024 -4.875  6.620   1.00 27.10  ? 66   ASN A CG  1 
ATOM   479  O  OD1 . ASN A 1 66  ? -14.993 -5.547  6.703   1.00 20.98  ? 66   ASN A OD1 1 
ATOM   480  N  ND2 . ASN A 1 66  ? -17.160 -5.211  7.220   1.00 35.49  ? 66   ASN A ND2 1 
ATOM   481  N  N   . GLY A 1 67  ? -13.560 -4.355  3.178   1.00 12.50  ? 67   GLY A N   1 
ATOM   482  C  CA  . GLY A 1 67  ? -13.335 -5.224  2.038   1.00 14.22  ? 67   GLY A CA  1 
ATOM   483  C  C   . GLY A 1 67  ? -12.186 -6.197  2.253   1.00 14.39  ? 67   GLY A C   1 
ATOM   484  O  O   . GLY A 1 67  ? -11.685 -6.424  3.350   1.00 12.65  ? 67   GLY A O   1 
ATOM   485  N  N   . VAL A 1 68  ? -11.782 -6.773  1.133   1.00 11.96  ? 68   VAL A N   1 
ATOM   486  C  CA  . VAL A 1 68  ? -10.661 -7.685  1.037   1.00 11.42  ? 68   VAL A CA  1 
ATOM   487  C  C   . VAL A 1 68  ? -9.750  -7.315  -0.125  1.00 14.55  ? 68   VAL A C   1 
ATOM   488  O  O   . VAL A 1 68  ? -10.193 -7.003  -1.240  1.00 18.27  ? 68   VAL A O   1 
ATOM   489  C  CB  A VAL A 1 68  ? -11.166 -9.129  0.842   0.76 12.63  ? 68   VAL A CB  1 
ATOM   490  C  CB  B VAL A 1 68  ? -11.123 -9.138  0.814   0.24 11.86  ? 68   VAL A CB  1 
ATOM   491  C  CG1 A VAL A 1 68  ? -10.012 -10.009 0.403   0.76 14.49  ? 68   VAL A CG1 1 
ATOM   492  C  CG1 B VAL A 1 68  ? -12.034 -9.214  -0.403  0.24 9.32   ? 68   VAL A CG1 1 
ATOM   493  C  CG2 A VAL A 1 68  ? -11.839 -9.635  2.113   0.76 6.69   ? 68   VAL A CG2 1 
ATOM   494  C  CG2 B VAL A 1 68  ? -9.919  -10.052 0.652   0.24 14.90  ? 68   VAL A CG2 1 
ATOM   495  N  N   . MET A 1 69  ? -8.441  -7.380  0.094   1.00 6.17   ? 69   MET A N   1 
ATOM   496  C  CA  . MET A 1 69  ? -7.536  -7.211  -1.038  1.00 6.70   ? 69   MET A CA  1 
ATOM   497  C  C   . MET A 1 69  ? -6.690  -8.473  -1.107  1.00 9.21   ? 69   MET A C   1 
ATOM   498  O  O   . MET A 1 69  ? -6.260  -8.982  -0.063  1.00 8.93   ? 69   MET A O   1 
ATOM   499  C  CB  . MET A 1 69  ? -6.680  -5.963  -0.873  1.00 9.01   ? 69   MET A CB  1 
ATOM   500  C  CG  . MET A 1 69  ? -5.610  -5.836  -1.967  1.00 10.01  ? 69   MET A CG  1 
ATOM   501  S  SD  . MET A 1 69  ? -4.646  -4.329  -1.723  1.00 7.92   ? 69   MET A SD  1 
ATOM   502  C  CE  . MET A 1 69  ? -3.134  -4.692  -2.608  1.00 12.34  ? 69   MET A CE  1 
ATOM   503  N  N   . SER A 1 70  ? -6.488  -8.976  -2.308  1.00 9.12   ? 70   SER A N   1 
ATOM   504  C  CA  . SER A 1 70  ? -5.674  -10.156 -2.514  1.00 8.68   ? 70   SER A CA  1 
ATOM   505  C  C   . SER A 1 70  ? -4.191  -9.882  -2.315  1.00 9.15   ? 70   SER A C   1 
ATOM   506  O  O   . SER A 1 70  ? -3.736  -8.757  -2.461  1.00 8.67   ? 70   SER A O   1 
ATOM   507  C  CB  A SER A 1 70  ? -5.845  -10.674 -3.952  0.55 11.87  ? 70   SER A CB  1 
ATOM   508  C  CB  B SER A 1 70  ? -5.930  -10.669 -3.940  0.45 12.20  ? 70   SER A CB  1 
ATOM   509  O  OG  A SER A 1 70  ? -5.004  -11.812 -4.098  0.55 13.24  ? 70   SER A OG  1 
ATOM   510  O  OG  B SER A 1 70  ? -7.283  -11.109 -3.998  0.45 17.22  ? 70   SER A OG  1 
ATOM   511  N  N   . SER A 1 71  ? -3.457  -10.948 -2.016  1.00 12.01  ? 71   SER A N   1 
ATOM   512  C  CA  . SER A 1 71  ? -2.010  -10.914 -2.098  1.00 11.46  ? 71   SER A CA  1 
ATOM   513  C  C   . SER A 1 71  ? -1.536  -10.654 -3.512  1.00 10.04  ? 71   SER A C   1 
ATOM   514  O  O   . SER A 1 71  ? -2.113  -11.174 -4.478  1.00 9.26   ? 71   SER A O   1 
ATOM   515  C  CB  . SER A 1 71  ? -1.449  -12.268 -1.618  1.00 13.05  ? 71   SER A CB  1 
ATOM   516  O  OG  . SER A 1 71  ? -0.141  -12.438 -2.157  1.00 18.05  ? 71   SER A OG  1 
ATOM   517  N  N   . PHE A 1 72  ? -0.470  -9.875  -3.680  1.00 9.49   ? 72   PHE A N   1 
ATOM   518  C  CA  . PHE A 1 72  ? 0.173   -9.722  -4.976  1.00 7.98   ? 72   PHE A CA  1 
ATOM   519  C  C   . PHE A 1 72  ? 1.620   -10.217 -4.941  1.00 9.69   ? 72   PHE A C   1 
ATOM   520  O  O   . PHE A 1 72  ? 2.469   -9.644  -5.624  1.00 10.93  ? 72   PHE A O   1 
ATOM   521  C  CB  . PHE A 1 72  ? 0.098   -8.266  -5.441  1.00 9.28   ? 72   PHE A CB  1 
ATOM   522  C  CG  . PHE A 1 72  ? -1.315  -7.956  -5.949  1.00 16.01  ? 72   PHE A CG  1 
ATOM   523  C  CD1 . PHE A 1 72  ? -2.348  -7.709  -5.065  1.00 14.52  ? 72   PHE A CD1 1 
ATOM   524  C  CD2 . PHE A 1 72  ? -1.585  -7.924  -7.308  1.00 15.75  ? 72   PHE A CD2 1 
ATOM   525  C  CE1 . PHE A 1 72  ? -3.643  -7.433  -5.496  1.00 11.17  ? 72   PHE A CE1 1 
ATOM   526  C  CE2 . PHE A 1 72  ? -2.871  -7.658  -7.745  1.00 13.15  ? 72   PHE A CE2 1 
ATOM   527  C  CZ  . PHE A 1 72  ? -3.903  -7.431  -6.855  1.00 13.05  ? 72   PHE A CZ  1 
ATOM   528  N  N   . ALA A 1 73  ? 1.859   -11.285 -4.171  1.00 8.55   ? 73   ALA A N   1 
ATOM   529  C  CA  . ALA A 1 73  ? 3.218   -11.812 -4.037  1.00 11.27  ? 73   ALA A CA  1 
ATOM   530  C  C   . ALA A 1 73  ? 3.756   -12.385 -5.335  1.00 11.89  ? 73   ALA A C   1 
ATOM   531  O  O   . ALA A 1 73  ? 4.960   -12.651 -5.460  1.00 12.35  ? 73   ALA A O   1 
ATOM   532  C  CB  . ALA A 1 73  ? 3.279   -12.872 -2.942  1.00 13.04  ? 73   ALA A CB  1 
ATOM   533  N  N   . GLN A 1 74  ? 2.896   -12.576 -6.345  1.00 11.01  ? 74   GLN A N   1 
ATOM   534  C  CA  . GLN A 1 74  ? 3.434   -13.043 -7.624  1.00 12.27  ? 74   GLN A CA  1 
ATOM   535  C  C   . GLN A 1 74  ? 4.284   -11.963 -8.268  1.00 14.93  ? 74   GLN A C   1 
ATOM   536  O  O   . GLN A 1 74  ? 5.068   -12.219 -9.192  1.00 15.63  ? 74   GLN A O   1 
ATOM   537  C  CB  . GLN A 1 74  ? 2.287   -13.452 -8.551  1.00 14.19  ? 74   GLN A CB  1 
ATOM   538  C  CG  . GLN A 1 74  ? 1.455   -12.258 -8.996  1.00 21.80  ? 74   GLN A CG  1 
ATOM   539  C  CD  . GLN A 1 74  ? 0.271   -11.988 -8.091  1.00 30.98  ? 74   GLN A CD  1 
ATOM   540  O  OE1 . GLN A 1 74  ? 0.243   -12.422 -6.936  1.00 17.19  ? 74   GLN A OE1 1 
ATOM   541  N  NE2 . GLN A 1 74  ? -0.723  -11.276 -8.618  1.00 35.97  ? 74   GLN A NE2 1 
ATOM   542  N  N   . LEU A 1 75  ? 4.163   -10.724 -7.791  1.00 10.43  ? 75   LEU A N   1 
ATOM   543  C  CA  . LEU A 1 75  ? 5.074   -9.674  -8.221  1.00 12.58  ? 75   LEU A CA  1 
ATOM   544  C  C   . LEU A 1 75  ? 6.464   -9.860  -7.619  1.00 18.86  ? 75   LEU A C   1 
ATOM   545  O  O   . LEU A 1 75  ? 6.572   -10.198 -6.436  1.00 13.42  ? 75   LEU A O   1 
ATOM   546  C  CB  . LEU A 1 75  ? 4.540   -8.307  -7.805  1.00 11.38  ? 75   LEU A CB  1 
ATOM   547  C  CG  . LEU A 1 75  ? 3.299   -7.813  -8.555  1.00 13.18  ? 75   LEU A CG  1 
ATOM   548  C  CD1 . LEU A 1 75  ? 2.932   -6.425  -8.018  1.00 13.42  ? 75   LEU A CD1 1 
ATOM   549  C  CD2 . LEU A 1 75  ? 3.506   -7.773  -10.056 1.00 12.66  ? 75   LEU A CD2 1 
ATOM   550  N  N   . LYS A 1 76  ? 7.516   -9.628  -8.411  1.00 12.97  ? 76   LYS A N   1 
ATOM   551  C  CA  . LYS A 1 76  ? 8.860   -9.739  -7.861  1.00 12.02  ? 76   LYS A CA  1 
ATOM   552  C  C   . LYS A 1 76  ? 9.146   -8.601  -6.893  1.00 12.24  ? 76   LYS A C   1 
ATOM   553  O  O   . LYS A 1 76  ? 8.424   -7.605  -6.904  1.00 10.26  ? 76   LYS A O   1 
ATOM   554  C  CB  . LYS A 1 76  ? 9.919   -9.736  -8.967  1.00 11.42  ? 76   LYS A CB  1 
ATOM   555  C  CG  . LYS A 1 76  ? 9.845   -11.041 -9.793  1.00 18.43  ? 76   LYS A CG  1 
ATOM   556  C  CD  . LYS A 1 76  ? 10.654  -10.879 -11.069 1.00 25.89  ? 76   LYS A CD  1 
ATOM   557  C  CE  . LYS A 1 76  ? 11.346  -12.162 -11.494 1.00 47.02  ? 76   LYS A CE  1 
ATOM   558  N  NZ  . LYS A 1 76  ? 12.795  -12.185 -11.135 1.00 58.08  ? 76   LYS A NZ  1 
ATOM   559  N  N   . ASP A 1 77  ? 10.193  -8.803  -6.083  1.00 9.90   ? 77   ASP A N   1 
ATOM   560  C  CA  . ASP A 1 77  ? 10.587  -7.770  -5.133  1.00 13.90  ? 77   ASP A CA  1 
ATOM   561  C  C   . ASP A 1 77  ? 10.766  -6.419  -5.814  1.00 12.75  ? 77   ASP A C   1 
ATOM   562  O  O   . ASP A 1 77  ? 10.329  -5.372  -5.339  1.00 12.69  ? 77   ASP A O   1 
ATOM   563  C  CB  . ASP A 1 77  ? 11.904  -8.176  -4.456  1.00 15.80  ? 77   ASP A CB  1 
ATOM   564  C  CG  . ASP A 1 77  ? 11.749  -9.366  -3.526  1.00 19.22  ? 77   ASP A CG  1 
ATOM   565  O  OD1 . ASP A 1 77  ? 10.607  -9.632  -3.108  1.00 10.30  ? 77   ASP A OD1 1 
ATOM   566  O  OD2 . ASP A 1 77  ? 12.758  -10.028 -3.206  1.00 14.58  ? 77   ASP A OD2 1 
ATOM   567  N  N   . GLU A 1 78  ? 11.442  -6.442  -6.969  1.00 11.24  ? 78   GLU A N   1 
ATOM   568  C  CA  . GLU A 1 78  ? 11.643  -5.209  -7.720  1.00 12.49  ? 78   GLU A CA  1 
ATOM   569  C  C   . GLU A 1 78  ? 10.353  -4.577  -8.215  1.00 9.64   ? 78   GLU A C   1 
ATOM   570  O  O   . GLU A 1 78  ? 10.213  -3.354  -8.281  1.00 9.37   ? 78   GLU A O   1 
ATOM   571  C  CB  . GLU A 1 78  ? 12.566  -5.527  -8.912  1.00 20.61  ? 78   GLU A CB  1 
ATOM   572  C  CG  . GLU A 1 78  ? 14.024  -5.583  -8.459  1.00 39.68  ? 78   GLU A CG  1 
ATOM   573  C  CD  . GLU A 1 78  ? 14.580  -4.210  -8.132  1.00 59.77  ? 78   GLU A CD  1 
ATOM   574  O  OE1 . GLU A 1 78  ? 13.833  -3.316  -7.671  1.00 66.27  ? 78   GLU A OE1 1 
ATOM   575  O  OE2 . GLU A 1 78  ? 15.799  -4.009  -8.341  1.00 87.85  ? 78   GLU A OE2 1 
ATOM   576  N  N   . GLU A 1 79  ? 9.397   -5.434  -8.565  1.00 12.68  ? 79   GLU A N   1 
ATOM   577  C  CA  . GLU A 1 79  ? 8.131   -4.934  -9.094  1.00 7.20   ? 79   GLU A CA  1 
ATOM   578  C  C   . GLU A 1 79  ? 7.262   -4.396  -7.964  1.00 13.88  ? 79   GLU A C   1 
ATOM   579  O  O   . GLU A 1 79  ? 6.546   -3.409  -8.149  1.00 9.44   ? 79   GLU A O   1 
ATOM   580  C  CB  . GLU A 1 79  ? 7.395   -6.027  -9.856  1.00 8.54   ? 79   GLU A CB  1 
ATOM   581  C  CG  . GLU A 1 79  ? 8.171   -6.654  -11.012 1.00 10.15  ? 79   GLU A CG  1 
ATOM   582  C  CD  . GLU A 1 79  ? 7.398   -7.799  -11.637 1.00 17.26  ? 79   GLU A CD  1 
ATOM   583  O  OE1 . GLU A 1 79  ? 6.945   -8.715  -10.918 1.00 13.57  ? 79   GLU A OE1 1 
ATOM   584  O  OE2 . GLU A 1 79  ? 7.219   -7.791  -12.877 1.00 26.84  ? 79   GLU A OE2 1 
ATOM   585  N  N   . ILE A 1 80  ? 7.329   -5.036  -6.784  1.00 10.02  ? 80   ILE A N   1 
ATOM   586  C  CA  . ILE A 1 80  ? 6.544   -4.437  -5.690  1.00 11.05  ? 80   ILE A CA  1 
ATOM   587  C  C   . ILE A 1 80  ? 7.112   -3.088  -5.291  1.00 7.73   ? 80   ILE A C   1 
ATOM   588  O  O   . ILE A 1 80  ? 6.399   -2.124  -5.024  1.00 7.35   ? 80   ILE A O   1 
ATOM   589  C  CB  . ILE A 1 80  ? 6.454   -5.413  -4.500  1.00 8.52   ? 80   ILE A CB  1 
ATOM   590  C  CG1 . ILE A 1 80  ? 5.530   -6.600  -4.809  1.00 6.78   ? 80   ILE A CG1 1 
ATOM   591  C  CG2 . ILE A 1 80  ? 6.025   -4.673  -3.249  1.00 7.97   ? 80   ILE A CG2 1 
ATOM   592  C  CD1 . ILE A 1 80  ? 5.520   -7.708  -3.773  1.00 9.73   ? 80   ILE A CD1 1 
ATOM   593  N  N   . ALA A 1 81  ? 8.449   -3.002  -5.247  1.00 8.92   ? 81   ALA A N   1 
ATOM   594  C  CA  . ALA A 1 81  ? 9.115   -1.725  -4.978  1.00 7.27   ? 81   ALA A CA  1 
ATOM   595  C  C   . ALA A 1 81  ? 8.651   -0.647  -5.949  1.00 11.75  ? 81   ALA A C   1 
ATOM   596  O  O   . ALA A 1 81  ? 8.292   0.467   -5.542  1.00 11.42  ? 81   ALA A O   1 
ATOM   597  C  CB  . ALA A 1 81  ? 10.626  -1.931  -5.044  1.00 8.61   ? 81   ALA A CB  1 
ATOM   598  N  N   . ALA A 1 82  ? 8.646   -1.008  -7.233  1.00 12.95  ? 82   ALA A N   1 
ATOM   599  C  CA  . ALA A 1 82  ? 8.295   -0.061  -8.304  1.00 11.33  ? 82   ALA A CA  1 
ATOM   600  C  C   . ALA A 1 82  ? 6.854   0.394   -8.202  1.00 7.76   ? 82   ALA A C   1 
ATOM   601  O  O   . ALA A 1 82  ? 6.522   1.563   -8.358  1.00 11.33  ? 82   ALA A O   1 
ATOM   602  C  CB  . ALA A 1 82  ? 8.565   -0.693  -9.665  1.00 10.03  ? 82   ALA A CB  1 
ATOM   603  N  N   . VAL A 1 83  ? 5.917   -0.507  -7.904  1.00 8.51   ? 83   VAL A N   1 
ATOM   604  C  CA  . VAL A 1 83  ? 4.518   -0.058  -7.818  1.00 7.96   ? 83   VAL A CA  1 
ATOM   605  C  C   . VAL A 1 83  ? 4.265   0.800   -6.592  1.00 6.81   ? 83   VAL A C   1 
ATOM   606  O  O   . VAL A 1 83  ? 3.488   1.754   -6.585  1.00 8.54   ? 83   VAL A O   1 
ATOM   607  C  CB  . VAL A 1 83  ? 3.581   -1.283  -7.831  1.00 11.53  ? 83   VAL A CB  1 
ATOM   608  C  CG1 . VAL A 1 83  ? 3.735   -2.059  -6.524  1.00 16.98  ? 83   VAL A CG1 1 
ATOM   609  C  CG2 . VAL A 1 83  ? 2.136   -0.861  -8.029  1.00 19.67  ? 83   VAL A CG2 1 
ATOM   610  N  N   . LEU A 1 84  ? 4.947   0.492   -5.479  1.00 8.02   ? 84   LEU A N   1 
ATOM   611  C  CA  . LEU A 1 84  ? 4.856   1.335   -4.291  1.00 4.81   ? 84   LEU A CA  1 
ATOM   612  C  C   . LEU A 1 84  ? 5.506   2.692   -4.533  1.00 4.73   ? 84   LEU A C   1 
ATOM   613  O  O   . LEU A 1 84  ? 4.990   3.688   -4.026  1.00 8.73   ? 84   LEU A O   1 
ATOM   614  C  CB  . LEU A 1 84  ? 5.509   0.620   -3.096  1.00 6.95   ? 84   LEU A CB  1 
ATOM   615  C  CG  . LEU A 1 84  ? 4.709   -0.594  -2.608  1.00 8.31   ? 84   LEU A CG  1 
ATOM   616  C  CD1 . LEU A 1 84  ? 5.462   -1.320  -1.502  1.00 9.43   ? 84   LEU A CD1 1 
ATOM   617  C  CD2 . LEU A 1 84  ? 3.308   -0.175  -2.143  1.00 8.57   ? 84   LEU A CD2 1 
ATOM   618  N  N   . ASN A 1 85  ? 6.596   2.779   -5.294  1.00 6.82   ? 85   ASN A N   1 
ATOM   619  C  CA  . ASN A 1 85  ? 7.098   4.108   -5.653  1.00 9.75   ? 85   ASN A CA  1 
ATOM   620  C  C   . ASN A 1 85  ? 6.097   4.890   -6.513  1.00 10.51  ? 85   ASN A C   1 
ATOM   621  O  O   . ASN A 1 85  ? 5.950   6.106   -6.369  1.00 10.70  ? 85   ASN A O   1 
ATOM   622  C  CB  . ASN A 1 85  ? 8.426   3.986   -6.399  1.00 9.98   ? 85   ASN A CB  1 
ATOM   623  C  CG  . ASN A 1 85  ? 9.568   3.629   -5.456  1.00 10.09  ? 85   ASN A CG  1 
ATOM   624  O  OD1 . ASN A 1 85  ? 10.484  2.910   -5.871  1.00 16.83  ? 85   ASN A OD1 1 
ATOM   625  N  ND2 . ASN A 1 85  ? 9.488   4.133   -4.240  1.00 10.70  ? 85   ASN A ND2 1 
ATOM   626  N  N   . HIS A 1 86  ? 5.400   4.184   -7.403  1.00 8.51   ? 86   HIS A N   1 
ATOM   627  C  CA  . HIS A 1 86  ? 4.369   4.827   -8.224  1.00 6.05   ? 86   HIS A CA  1 
ATOM   628  C  C   . HIS A 1 86  ? 3.252   5.383   -7.371  1.00 10.46  ? 86   HIS A C   1 
ATOM   629  O  O   . HIS A 1 86  ? 2.886   6.554   -7.491  1.00 11.76  ? 86   HIS A O   1 
ATOM   630  C  CB  . HIS A 1 86  ? 3.783   3.822   -9.223  1.00 13.94  ? 86   HIS A CB  1 
ATOM   631  C  CG  . HIS A 1 86  ? 2.653   4.395   -10.023 1.00 14.64  ? 86   HIS A CG  1 
ATOM   632  N  ND1 . HIS A 1 86  ? 2.894   5.355   -10.990 1.00 10.72  ? 86   HIS A ND1 1 
ATOM   633  C  CD2 . HIS A 1 86  ? 1.315   4.167   -10.009 1.00 14.93  ? 86   HIS A CD2 1 
ATOM   634  C  CE1 . HIS A 1 86  ? 1.736   5.684   -11.533 1.00 9.88   ? 86   HIS A CE1 1 
ATOM   635  N  NE2 . HIS A 1 86  ? 0.763   4.992   -10.971 1.00 10.12  ? 86   HIS A NE2 1 
ATOM   636  N  N   . ILE A 1 87  ? 2.668   4.593   -6.457  1.00 8.15   ? 87   ILE A N   1 
ATOM   637  C  CA  . ILE A 1 87  ? 1.579   5.131   -5.639  1.00 10.32  ? 87   ILE A CA  1 
ATOM   638  C  C   . ILE A 1 87  ? 2.093   6.157   -4.631  1.00 9.44   ? 87   ILE A C   1 
ATOM   639  O  O   . ILE A 1 87  ? 1.324   7.009   -4.192  1.00 10.15  ? 87   ILE A O   1 
ATOM   640  C  CB  . ILE A 1 87  ? 0.790   4.036   -4.903  1.00 10.42  ? 87   ILE A CB  1 
ATOM   641  C  CG1 . ILE A 1 87  ? 1.555   3.327   -3.765  1.00 10.02  ? 87   ILE A CG1 1 
ATOM   642  C  CG2 . ILE A 1 87  ? 0.251   3.024   -5.915  1.00 5.14   ? 87   ILE A CG2 1 
ATOM   643  C  CD1 . ILE A 1 87  ? 0.624   2.416   -2.959  1.00 7.21   ? 87   ILE A CD1 1 
ATOM   644  N  N   . ALA A 1 88  ? 3.393   6.120   -4.296  1.00 9.05   ? 88   ALA A N   1 
ATOM   645  C  CA  . ALA A 1 88  ? 3.944   7.144   -3.415  1.00 12.77  ? 88   ALA A CA  1 
ATOM   646  C  C   . ALA A 1 88  ? 4.224   8.467   -4.119  1.00 10.41  ? 88   ALA A C   1 
ATOM   647  O  O   . ALA A 1 88  ? 4.318   9.504   -3.469  1.00 13.28  ? 88   ALA A O   1 
ATOM   648  C  CB  . ALA A 1 88  ? 5.270   6.668   -2.826  1.00 10.75  ? 88   ALA A CB  1 
ATOM   649  N  N   . THR A 1 89  ? 4.386   8.450   -5.437  1.00 11.27  ? 89   THR A N   1 
ATOM   650  C  CA  . THR A 1 89  ? 4.785   9.664   -6.136  1.00 10.29  ? 89   THR A CA  1 
ATOM   651  C  C   . THR A 1 89  ? 3.744   10.104  -7.163  1.00 10.25  ? 89   THR A C   1 
ATOM   652  O  O   . THR A 1 89  ? 3.716   11.299  -7.442  1.00 11.64  ? 89   THR A O   1 
ATOM   653  C  CB  . THR A 1 89  ? 6.131   9.498   -6.874  1.00 11.04  ? 89   THR A CB  1 
ATOM   654  O  OG1 . THR A 1 89  ? 6.040   8.454   -7.861  1.00 10.98  ? 89   THR A OG1 1 
ATOM   655  C  CG2 . THR A 1 89  ? 7.233   9.085   -5.913  1.00 17.15  ? 89   THR A CG2 1 
ATOM   656  N  N   . ALA A 1 90  ? 2.943   9.210   -7.718  1.00 11.85  ? 90   ALA A N   1 
ATOM   657  C  CA  . ALA A 1 90  ? 2.106   9.625   -8.849  1.00 14.27  ? 90   ALA A CA  1 
ATOM   658  C  C   . ALA A 1 90  ? 1.111   10.704  -8.469  1.00 13.65  ? 90   ALA A C   1 
ATOM   659  O  O   . ALA A 1 90  ? 0.756   11.470  -9.375  1.00 13.77  ? 90   ALA A O   1 
ATOM   660  C  CB  . ALA A 1 90  ? 1.347   8.446   -9.443  1.00 9.41   ? 90   ALA A CB  1 
ATOM   661  N  N   . TRP A 1 91  ? 0.657   10.765  -7.226  1.00 8.36   ? 91   TRP A N   1 
ATOM   662  C  CA  . TRP A 1 91  ? -0.312  11.795  -6.859  1.00 8.66   ? 91   TRP A CA  1 
ATOM   663  C  C   . TRP A 1 91  ? 0.214   12.734  -5.787  1.00 11.66  ? 91   TRP A C   1 
ATOM   664  O  O   . TRP A 1 91  ? -0.523  13.380  -5.042  1.00 15.73  ? 91   TRP A O   1 
ATOM   665  C  CB  . TRP A 1 91  ? -1.634  11.094  -6.460  1.00 11.22  ? 91   TRP A CB  1 
ATOM   666  C  CG  . TRP A 1 91  ? -1.967  10.049  -7.490  1.00 15.39  ? 91   TRP A CG  1 
ATOM   667  C  CD1 . TRP A 1 91  ? -2.337  10.289  -8.785  1.00 14.69  ? 91   TRP A CD1 1 
ATOM   668  C  CD2 . TRP A 1 91  ? -1.963  8.626   -7.347  1.00 12.65  ? 91   TRP A CD2 1 
ATOM   669  N  NE1 . TRP A 1 91  ? -2.563  9.126   -9.452  1.00 18.24  ? 91   TRP A NE1 1 
ATOM   670  C  CE2 . TRP A 1 91  ? -2.342  8.073   -8.591  1.00 15.84  ? 91   TRP A CE2 1 
ATOM   671  C  CE3 . TRP A 1 91  ? -1.678  7.747   -6.291  1.00 13.62  ? 91   TRP A CE3 1 
ATOM   672  C  CZ2 . TRP A 1 91  ? -2.444  6.703   -8.815  1.00 11.99  ? 91   TRP A CZ2 1 
ATOM   673  C  CZ3 . TRP A 1 91  ? -1.782  6.387   -6.522  1.00 11.13  ? 91   TRP A CZ3 1 
ATOM   674  C  CH2 . TRP A 1 91  ? -2.160  5.863   -7.769  1.00 12.18  ? 91   TRP A CH2 1 
ATOM   675  N  N   . GLY A 1 92  ? 1.546   12.868  -5.690  1.00 15.60  ? 92   GLY A N   1 
ATOM   676  C  CA  . GLY A 1 92  ? 2.176   13.840  -4.816  1.00 12.64  ? 92   GLY A CA  1 
ATOM   677  C  C   . GLY A 1 92  ? 2.346   13.386  -3.386  1.00 14.82  ? 92   GLY A C   1 
ATOM   678  O  O   . GLY A 1 92  ? 2.712   14.180  -2.512  1.00 15.52  ? 92   GLY A O   1 
ATOM   679  N  N   . ASP A 1 93  ? 2.094   12.107  -3.058  1.00 14.44  ? 93   ASP A N   1 
ATOM   680  C  CA  . ASP A 1 93  ? 2.101   11.766  -1.626  1.00 17.36  ? 93   ASP A CA  1 
ATOM   681  C  C   . ASP A 1 93  ? 3.467   11.918  -0.983  1.00 15.40  ? 93   ASP A C   1 
ATOM   682  O  O   . ASP A 1 93  ? 3.599   12.397  0.145   1.00 16.68  ? 93   ASP A O   1 
ATOM   683  C  CB  . ASP A 1 93  ? 1.551   10.340  -1.434  1.00 9.56   ? 93   ASP A CB  1 
ATOM   684  C  CG  . ASP A 1 93  ? 0.027   10.394  -1.479  1.00 12.82  ? 93   ASP A CG  1 
ATOM   685  O  OD1 . ASP A 1 93  ? -0.576  10.442  -2.573  1.00 11.18  ? 93   ASP A OD1 1 
ATOM   686  O  OD2 . ASP A 1 93  ? -0.597  10.405  -0.402  1.00 14.35  ? 93   ASP A OD2 1 
ATOM   687  N  N   . ALA A 1 94  ? 4.518   11.507  -1.689  1.00 15.47  ? 94   ALA A N   1 
ATOM   688  C  CA  . ALA A 1 94  ? 5.833   11.596  -1.052  1.00 20.04  ? 94   ALA A CA  1 
ATOM   689  C  C   . ALA A 1 94  ? 6.234   13.050  -0.843  1.00 22.70  ? 94   ALA A C   1 
ATOM   690  O  O   . ALA A 1 94  ? 7.156   13.297  -0.064  1.00 31.13  ? 94   ALA A O   1 
ATOM   691  C  CB  . ALA A 1 94  ? 6.871   10.851  -1.869  1.00 27.05  ? 94   ALA A CB  1 
ATOM   692  N  N   . LYS A 1 95  ? 5.569   13.996  -1.496  1.00 20.49  ? 95   LYS A N   1 
ATOM   693  C  CA  . LYS A 1 95  ? 5.953   15.397  -1.305  1.00 33.22  ? 95   LYS A CA  1 
ATOM   694  C  C   . LYS A 1 95  ? 5.540   15.945  0.050   1.00 38.46  ? 95   LYS A C   1 
ATOM   695  O  O   . LYS A 1 95  ? 5.897   17.076  0.396   1.00 44.64  ? 95   LYS A O   1 
ATOM   696  C  CB  . LYS A 1 95  ? 5.353   16.268  -2.419  1.00 31.73  ? 95   LYS A CB  1 
ATOM   697  C  CG  . LYS A 1 95  ? 6.052   15.998  -3.750  1.00 35.16  ? 95   LYS A CG  1 
ATOM   698  C  CD  . LYS A 1 95  ? 5.772   17.123  -4.729  1.00 25.57  ? 95   LYS A CD  1 
ATOM   699  C  CE  . LYS A 1 95  ? 6.123   16.683  -6.138  1.00 18.16  ? 95   LYS A CE  1 
ATOM   700  N  NZ  . LYS A 1 95  ? 6.527   17.831  -6.987  1.00 45.09  ? 95   LYS A NZ  1 
ATOM   701  N  N   . LYS A 1 96  ? 4.796   15.165  0.823   1.00 35.15  ? 96   LYS A N   1 
ATOM   702  C  CA  . LYS A 1 96  ? 4.388   15.607  2.165   1.00 32.47  ? 96   LYS A CA  1 
ATOM   703  C  C   . LYS A 1 96  ? 5.444   15.184  3.187   1.00 49.09  ? 96   LYS A C   1 
ATOM   704  O  O   . LYS A 1 96  ? 6.186   16.024  3.700   1.00 66.60  ? 96   LYS A O   1 
ATOM   705  C  CB  . LYS A 1 96  ? 3.003   15.067  2.498   1.00 28.96  ? 96   LYS A CB  1 
ATOM   706  C  CG  . LYS A 1 96  ? 1.840   15.622  1.684   1.00 28.10  ? 96   LYS A CG  1 
ATOM   707  C  CD  . LYS A 1 96  ? 1.421   14.693  0.560   1.00 38.56  ? 96   LYS A CD  1 
ATOM   708  C  CE  . LYS A 1 96  ? -0.052  14.781  0.212   1.00 44.71  ? 96   LYS A CE  1 
ATOM   709  N  NZ  . LYS A 1 96  ? -0.673  13.429  0.032   1.00 27.69  ? 96   LYS A NZ  1 
ATOM   710  N  N   . VAL A 1 97  ? 5.535   13.898  3.480   1.00 54.92  ? 97   VAL A N   1 
ATOM   711  C  CA  . VAL A 1 97  ? 6.515   13.282  4.357   1.00 58.39  ? 97   VAL A CA  1 
ATOM   712  C  C   . VAL A 1 97  ? 7.904   13.868  4.179   1.00 62.46  ? 97   VAL A C   1 
ATOM   713  O  O   . VAL A 1 97  ? 8.324   14.094  3.042   1.00 76.80  ? 97   VAL A O   1 
ATOM   714  C  CB  . VAL A 1 97  ? 6.602   11.765  4.087   1.00 61.14  ? 97   VAL A CB  1 
ATOM   715  C  CG1 . VAL A 1 97  ? 5.211   11.151  4.088   1.00 70.00  ? 97   VAL A CG1 1 
ATOM   716  C  CG2 . VAL A 1 97  ? 7.315   11.503  2.770   1.00 55.14  ? 97   VAL A CG2 1 
ATOM   717  N  N   . LYS A 1 98  ? 8.627   14.120  5.270   1.00 63.24  ? 98   LYS A N   1 
ATOM   718  C  CA  . LYS A 1 98  ? 9.917   14.798  5.127   1.00 70.59  ? 98   LYS A CA  1 
ATOM   719  C  C   . LYS A 1 98  ? 11.002  13.889  4.555   1.00 65.91  ? 98   LYS A C   1 
ATOM   720  O  O   . LYS A 1 98  ? 11.315  12.852  5.146   1.00 50.60  ? 98   LYS A O   1 
ATOM   721  C  CB  . LYS A 1 98  ? 10.372  15.378  6.471   1.00 77.52  ? 98   LYS A CB  1 
ATOM   722  C  CG  . LYS A 1 98  ? 10.664  16.872  6.423   1.00 79.70  ? 98   LYS A CG  1 
ATOM   723  C  CD  . LYS A 1 98  ? 10.531  17.514  7.794   1.00 81.22  ? 98   LYS A CD  1 
ATOM   724  C  CE  . LYS A 1 98  ? 10.053  18.954  7.694   1.00 82.53  ? 98   LYS A CE  1 
ATOM   725  N  NZ  . LYS A 1 98  ? 11.140  19.931  7.980   1.00 79.70  ? 98   LYS A NZ  1 
ATOM   726  N  N   . GLY A 1 99  ? 11.558  14.305  3.417   1.00 56.56  ? 99   GLY A N   1 
ATOM   727  C  CA  . GLY A 1 99  ? 12.599  13.565  2.723   1.00 55.37  ? 99   GLY A CA  1 
ATOM   728  C  C   . GLY A 1 99  ? 12.190  12.113  2.540   1.00 64.78  ? 99   GLY A C   1 
ATOM   729  O  O   . GLY A 1 99  ? 12.124  11.354  3.508   1.00 71.51  ? 99   GLY A O   1 
ATOM   730  N  N   . PHE A 1 100 ? 11.894  11.713  1.307   1.00 63.10  ? 100  PHE A N   1 
ATOM   731  C  CA  . PHE A 1 100 ? 11.417  10.351  1.052   1.00 46.82  ? 100  PHE A CA  1 
ATOM   732  C  C   . PHE A 1 100 ? 12.489  9.523   0.365   1.00 40.04  ? 100  PHE A C   1 
ATOM   733  O  O   . PHE A 1 100 ? 13.181  9.981   -0.550  1.00 66.50  ? 100  PHE A O   1 
ATOM   734  C  CB  . PHE A 1 100 ? 10.149  10.396  0.207   1.00 31.37  ? 100  PHE A CB  1 
ATOM   735  C  CG  . PHE A 1 100 ? 9.606   9.081   -0.318  1.00 25.66  ? 100  PHE A CG  1 
ATOM   736  C  CD1 . PHE A 1 100 ? 9.003   8.157   0.516   1.00 28.34  ? 100  PHE A CD1 1 
ATOM   737  C  CD2 . PHE A 1 100 ? 9.700   8.784   -1.668  1.00 28.57  ? 100  PHE A CD2 1 
ATOM   738  C  CE1 . PHE A 1 100 ? 8.506   6.967   0.011   1.00 23.34  ? 100  PHE A CE1 1 
ATOM   739  C  CE2 . PHE A 1 100 ? 9.213   7.597   -2.182  1.00 32.36  ? 100  PHE A CE2 1 
ATOM   740  C  CZ  . PHE A 1 100 ? 8.609   6.678   -1.340  1.00 24.04  ? 100  PHE A CZ  1 
ATOM   741  N  N   . LYS A 1 101 ? 12.634  8.271   0.801   1.00 29.05  ? 101  LYS A N   1 
ATOM   742  C  CA  . LYS A 1 101 ? 13.549  7.384   0.082   1.00 17.36  ? 101  LYS A CA  1 
ATOM   743  C  C   . LYS A 1 101 ? 12.708  6.377   -0.712  1.00 15.37  ? 101  LYS A C   1 
ATOM   744  O  O   . LYS A 1 101 ? 11.849  5.747   -0.098  1.00 21.87  ? 101  LYS A O   1 
ATOM   745  C  CB  . LYS A 1 101 ? 14.505  6.667   1.017   1.00 17.47  ? 101  LYS A CB  1 
ATOM   746  C  CG  . LYS A 1 101 ? 15.239  7.535   2.034   1.00 22.01  ? 101  LYS A CG  1 
ATOM   747  C  CD  . LYS A 1 101 ? 16.079  8.597   1.351   1.00 36.15  ? 101  LYS A CD  1 
ATOM   748  C  CE  . LYS A 1 101 ? 16.728  9.536   2.358   1.00 42.98  ? 101  LYS A CE  1 
ATOM   749  N  NZ  . LYS A 1 101 ? 16.544  9.072   3.761   1.00 40.90  ? 101  LYS A NZ  1 
ATOM   750  N  N   . PRO A 1 102 ? 12.941  6.258   -2.007  1.00 17.71  ? 102  PRO A N   1 
ATOM   751  C  CA  . PRO A 1 102 ? 12.204  5.277   -2.806  1.00 15.42  ? 102  PRO A CA  1 
ATOM   752  C  C   . PRO A 1 102 ? 12.299  3.889   -2.182  1.00 24.33  ? 102  PRO A C   1 
ATOM   753  O  O   . PRO A 1 102 ? 13.299  3.522   -1.579  1.00 17.07  ? 102  PRO A O   1 
ATOM   754  C  CB  . PRO A 1 102 ? 12.913  5.280   -4.153  1.00 15.62  ? 102  PRO A CB  1 
ATOM   755  C  CG  . PRO A 1 102 ? 13.393  6.707   -4.238  1.00 21.67  ? 102  PRO A CG  1 
ATOM   756  C  CD  . PRO A 1 102 ? 13.877  7.029   -2.848  1.00 19.25  ? 102  PRO A CD  1 
ATOM   757  N  N   . PHE A 1 103 ? 11.218  3.148   -2.370  1.00 18.77  ? 103  PHE A N   1 
ATOM   758  C  CA  . PHE A 1 103 ? 11.202  1.735   -2.030  1.00 14.68  ? 103  PHE A CA  1 
ATOM   759  C  C   . PHE A 1 103 ? 12.248  0.968   -2.817  1.00 13.67  ? 103  PHE A C   1 
ATOM   760  O  O   . PHE A 1 103 ? 12.477  1.282   -3.988  1.00 15.27  ? 103  PHE A O   1 
ATOM   761  C  CB  . PHE A 1 103 ? 9.806   1.187   -2.363  1.00 13.42  ? 103  PHE A CB  1 
ATOM   762  C  CG  . PHE A 1 103 ? 8.746   1.697   -1.403  1.00 7.29   ? 103  PHE A CG  1 
ATOM   763  C  CD1 . PHE A 1 103 ? 8.066   2.880   -1.630  1.00 6.00   ? 103  PHE A CD1 1 
ATOM   764  C  CD2 . PHE A 1 103 ? 8.473   0.928   -0.268  1.00 10.40  ? 103  PHE A CD2 1 
ATOM   765  C  CE1 . PHE A 1 103 ? 7.113   3.312   -0.728  1.00 9.19   ? 103  PHE A CE1 1 
ATOM   766  C  CE2 . PHE A 1 103 ? 7.519   1.370   0.637   1.00 11.22  ? 103  PHE A CE2 1 
ATOM   767  C  CZ  . PHE A 1 103 ? 6.842   2.552   0.405   1.00 11.64  ? 103  PHE A CZ  1 
ATOM   768  N  N   . THR A 1 104 ? 12.845  -0.053  -2.218  1.00 12.82  ? 104  THR A N   1 
ATOM   769  C  CA  . THR A 1 104 ? 13.903  -0.856  -2.815  1.00 10.61  ? 104  THR A CA  1 
ATOM   770  C  C   . THR A 1 104 ? 13.617  -2.341  -2.672  1.00 14.44  ? 104  THR A C   1 
ATOM   771  O  O   . THR A 1 104 ? 12.912  -2.710  -1.732  1.00 14.66  ? 104  THR A O   1 
ATOM   772  C  CB  . THR A 1 104 ? 15.264  -0.625  -2.127  1.00 20.48  ? 104  THR A CB  1 
ATOM   773  O  OG1 . THR A 1 104 ? 15.109  -0.951  -0.735  1.00 21.54  ? 104  THR A OG1 1 
ATOM   774  C  CG2 . THR A 1 104 ? 15.655  0.837   -2.202  1.00 40.81  ? 104  THR A CG2 1 
ATOM   775  N  N   . ALA A 1 105 ? 14.179  -3.121  -3.575  1.00 14.36  ? 105  ALA A N   1 
ATOM   776  C  CA  . ALA A 1 105 ? 14.013  -4.566  -3.546  1.00 14.58  ? 105  ALA A CA  1 
ATOM   777  C  C   . ALA A 1 105 ? 14.326  -5.169  -2.186  1.00 12.42  ? 105  ALA A C   1 
ATOM   778  O  O   . ALA A 1 105 ? 13.619  -6.061  -1.715  1.00 12.06  ? 105  ALA A O   1 
ATOM   779  C  CB  . ALA A 1 105 ? 14.897  -5.201  -4.616  1.00 16.17  ? 105  ALA A CB  1 
ATOM   780  N  N   . GLU A 1 106 ? 15.387  -4.731  -1.506  1.00 13.20  ? 106  GLU A N   1 
ATOM   781  C  CA  . GLU A 1 106 ? 15.787  -5.423  -0.276  1.00 9.39   ? 106  GLU A CA  1 
ATOM   782  C  C   . GLU A 1 106 ? 14.752  -5.236  0.822   1.00 13.36  ? 106  GLU A C   1 
ATOM   783  O  O   . GLU A 1 106 ? 14.645  -6.099  1.685   1.00 11.21  ? 106  GLU A O   1 
ATOM   784  C  CB  . GLU A 1 106 ? 17.155  -4.938  0.219   1.00 11.92  ? 106  GLU A CB  1 
ATOM   785  C  CG  . GLU A 1 106 ? 18.313  -5.387  -0.667  1.00 13.91  ? 106  GLU A CG  1 
ATOM   786  C  CD  . GLU A 1 106 ? 18.826  -6.781  -0.389  1.00 17.89  ? 106  GLU A CD  1 
ATOM   787  O  OE1 . GLU A 1 106 ? 18.363  -7.432  0.567   1.00 17.98  ? 106  GLU A OE1 1 
ATOM   788  O  OE2 . GLU A 1 106 ? 19.725  -7.250  -1.128  1.00 23.27  ? 106  GLU A OE2 1 
ATOM   789  N  N   . GLU A 1 107 ? 14.003  -4.125  0.801   1.00 9.83   ? 107  GLU A N   1 
ATOM   790  C  CA  . GLU A 1 107 ? 12.944  -3.940  1.779   1.00 9.79   ? 107  GLU A CA  1 
ATOM   791  C  C   . GLU A 1 107 ? 11.858  -4.993  1.604   1.00 6.35   ? 107  GLU A C   1 
ATOM   792  O  O   . GLU A 1 107 ? 11.254  -5.483  2.544   1.00 9.62   ? 107  GLU A O   1 
ATOM   793  C  CB  . GLU A 1 107 ? 12.282  -2.564  1.597   1.00 11.88  ? 107  GLU A CB  1 
ATOM   794  C  CG  . GLU A 1 107 ? 13.037  -1.380  2.146   1.00 13.97  ? 107  GLU A CG  1 
ATOM   795  C  CD  . GLU A 1 107 ? 12.318  -0.061  1.906   1.00 13.30  ? 107  GLU A CD  1 
ATOM   796  O  OE1 . GLU A 1 107 ? 12.663  0.590   0.908   1.00 14.25  ? 107  GLU A OE1 1 
ATOM   797  O  OE2 . GLU A 1 107 ? 11.454  0.306   2.727   1.00 16.43  ? 107  GLU A OE2 1 
ATOM   798  N  N   . VAL A 1 108 ? 11.607  -5.302  0.317   1.00 8.24   ? 108  VAL A N   1 
ATOM   799  C  CA  . VAL A 1 108 ? 10.529  -6.246  0.038   1.00 8.51   ? 108  VAL A CA  1 
ATOM   800  C  C   . VAL A 1 108 ? 10.996  -7.661  0.343   1.00 10.00  ? 108  VAL A C   1 
ATOM   801  O  O   . VAL A 1 108 ? 10.299  -8.464  0.955   1.00 8.85   ? 108  VAL A O   1 
ATOM   802  C  CB  . VAL A 1 108 ? 10.076  -6.155  -1.436  1.00 6.24   ? 108  VAL A CB  1 
ATOM   803  C  CG1 . VAL A 1 108 ? 8.978   -7.183  -1.704  1.00 8.43   ? 108  VAL A CG1 1 
ATOM   804  C  CG2 . VAL A 1 108 ? 9.637   -4.742  -1.762  1.00 4.04   ? 108  VAL A CG2 1 
ATOM   805  N  N   . LYS A 1 109 ? 12.224  -7.952  -0.097  1.00 9.24   ? 109  LYS A N   1 
ATOM   806  C  CA  . LYS A 1 109 ? 12.804  -9.251  0.171   1.00 9.87   ? 109  LYS A CA  1 
ATOM   807  C  C   . LYS A 1 109 ? 12.750  -9.625  1.643   1.00 9.06   ? 109  LYS A C   1 
ATOM   808  O  O   . LYS A 1 109 ? 12.391  -10.734 2.029   1.00 12.56  ? 109  LYS A O   1 
ATOM   809  C  CB  . LYS A 1 109 ? 14.278  -9.281  -0.304  1.00 11.98  ? 109  LYS A CB  1 
ATOM   810  C  CG  . LYS A 1 109 ? 14.917  -10.609 0.143   1.00 18.01  ? 109  LYS A CG  1 
ATOM   811  C  CD  . LYS A 1 109 ? 16.228  -10.885 -0.569  1.00 21.34  ? 109  LYS A CD  1 
ATOM   812  C  CE  . LYS A 1 109 ? 17.045  -9.639  -0.817  1.00 34.04  ? 109  LYS A CE  1 
ATOM   813  N  NZ  . LYS A 1 109 ? 18.184  -9.870  -1.750  1.00 53.74  ? 109  LYS A NZ  1 
ATOM   814  N  N   . LYS A 1 110 ? 13.109  -8.680  2.505   1.00 10.27  ? 110  LYS A N   1 
ATOM   815  C  CA  . LYS A 1 110 ? 13.150  -9.023  3.926   1.00 12.06  ? 110  LYS A CA  1 
ATOM   816  C  C   . LYS A 1 110 ? 11.758  -9.272  4.478   1.00 16.21  ? 110  LYS A C   1 
ATOM   817  O  O   . LYS A 1 110 ? 11.599  -10.064 5.418   1.00 15.94  ? 110  LYS A O   1 
ATOM   818  C  CB  . LYS A 1 110 ? 13.937  -7.927  4.615   1.00 16.38  ? 110  LYS A CB  1 
ATOM   819  C  CG  . LYS A 1 110 ? 13.252  -6.968  5.537   1.00 21.41  ? 110  LYS A CG  1 
ATOM   820  C  CD  . LYS A 1 110 ? 14.293  -6.156  6.308   1.00 18.78  ? 110  LYS A CD  1 
ATOM   821  C  CE  . LYS A 1 110 ? 13.795  -4.749  6.560   1.00 20.49  ? 110  LYS A CE  1 
ATOM   822  N  NZ  . LYS A 1 110 ? 12.453  -4.713  7.197   1.00 27.14  ? 110  LYS A NZ  1 
ATOM   823  N  N   . LEU A 1 111 ? 10.718  -8.641  3.919   1.00 9.96   ? 111  LEU A N   1 
ATOM   824  C  CA  . LEU A 1 111 ? 9.372   -8.907  4.460   1.00 7.46   ? 111  LEU A CA  1 
ATOM   825  C  C   . LEU A 1 111 ? 8.786   -10.173 3.859   1.00 8.50   ? 111  LEU A C   1 
ATOM   826  O  O   . LEU A 1 111 ? 7.957   -10.843 4.487   1.00 11.41  ? 111  LEU A O   1 
ATOM   827  C  CB  . LEU A 1 111 ? 8.478   -7.681  4.264   1.00 7.30   ? 111  LEU A CB  1 
ATOM   828  C  CG  . LEU A 1 111 ? 8.902   -6.488  5.144   1.00 10.81  ? 111  LEU A CG  1 
ATOM   829  C  CD1 . LEU A 1 111 ? 8.081   -5.246  4.845   1.00 8.28   ? 111  LEU A CD1 1 
ATOM   830  C  CD2 . LEU A 1 111 ? 8.818   -6.830  6.641   1.00 9.29   ? 111  LEU A CD2 1 
ATOM   831  N  N   . ARG A 1 112 ? 9.189   -10.528 2.647   1.00 6.58   ? 112  ARG A N   1 
ATOM   832  C  CA  . ARG A 1 112 ? 8.729   -11.738 1.983   1.00 7.36   ? 112  ARG A CA  1 
ATOM   833  C  C   . ARG A 1 112 ? 9.218   -12.936 2.798   1.00 11.12  ? 112  ARG A C   1 
ATOM   834  O  O   . ARG A 1 112 ? 8.623   -13.995 2.769   1.00 9.94   ? 112  ARG A O   1 
ATOM   835  C  CB  . ARG A 1 112 ? 9.262   -11.828 0.543   1.00 10.16  ? 112  ARG A CB  1 
ATOM   836  C  CG  . ARG A 1 112 ? 8.584   -12.885 -0.313  1.00 11.07  ? 112  ARG A CG  1 
ATOM   837  C  CD  . ARG A 1 112 ? 9.266   -13.079 -1.660  1.00 12.53  ? 112  ARG A CD  1 
ATOM   838  N  NE  . ARG A 1 112 ? 9.142   -11.898 -2.510  1.00 10.48  ? 112  ARG A NE  1 
ATOM   839  C  CZ  . ARG A 1 112 ? 8.142   -11.673 -3.354  1.00 10.86  ? 112  ARG A CZ  1 
ATOM   840  N  NH1 . ARG A 1 112 ? 7.160   -12.556 -3.455  1.00 12.09  ? 112  ARG A NH1 1 
ATOM   841  N  NH2 . ARG A 1 112 ? 8.127   -10.562 -4.086  1.00 8.91   ? 112  ARG A NH2 1 
ATOM   842  N  N   . ALA A 1 113 ? 10.317  -12.727 3.531   1.00 10.33  ? 113  ALA A N   1 
ATOM   843  C  CA  . ALA A 1 113 ? 10.885  -13.838 4.306   1.00 8.47   ? 113  ALA A CA  1 
ATOM   844  C  C   . ALA A 1 113 ? 10.055  -14.242 5.515   1.00 12.92  ? 113  ALA A C   1 
ATOM   845  O  O   . ALA A 1 113 ? 10.342  -15.244 6.201   1.00 11.35  ? 113  ALA A O   1 
ATOM   846  C  CB  . ALA A 1 113 ? 12.289  -13.420 4.728   1.00 12.27  ? 113  ALA A CB  1 
ATOM   847  N  N   . LYS A 1 114 ? 9.008   -13.492 5.818   1.00 9.15   ? 114  LYS A N   1 
ATOM   848  C  CA  . LYS A 1 114 ? 8.095   -13.817 6.899   1.00 8.07   ? 114  LYS A CA  1 
ATOM   849  C  C   . LYS A 1 114 ? 6.627   -13.690 6.461   1.00 8.77   ? 114  LYS A C   1 
ATOM   850  O  O   . LYS A 1 114 ? 6.072   -12.603 6.588   1.00 9.91   ? 114  LYS A O   1 
ATOM   851  C  CB  . LYS A 1 114 ? 8.296   -12.938 8.129   1.00 9.81   ? 114  LYS A CB  1 
ATOM   852  C  CG  . LYS A 1 114 ? 7.420   -13.440 9.287   1.00 8.49   ? 114  LYS A CG  1 
ATOM   853  C  CD  . LYS A 1 114 ? 7.619   -12.617 10.542  1.00 20.28  ? 114  LYS A CD  1 
ATOM   854  C  CE  . LYS A 1 114 ? 6.537   -12.983 11.567  1.00 16.78  ? 114  LYS A CE  1 
ATOM   855  N  NZ  . LYS A 1 114 ? 6.443   -14.464 11.707  1.00 56.38  ? 114  LYS A NZ  1 
ATOM   856  N  N   . LYS A 1 115 ? 6.080   -14.808 5.979   1.00 8.80   ? 115  LYS A N   1 
ATOM   857  C  CA  . LYS A 1 115 ? 4.734   -14.786 5.417   1.00 8.67   ? 115  LYS A CA  1 
ATOM   858  C  C   . LYS A 1 115 ? 3.700   -14.503 6.504   1.00 9.27   ? 115  LYS A C   1 
ATOM   859  O  O   . LYS A 1 115 ? 3.712   -15.081 7.603   1.00 10.15  ? 115  LYS A O   1 
ATOM   860  C  CB  . LYS A 1 115 ? 4.414   -16.100 4.726   1.00 11.78  ? 115  LYS A CB  1 
ATOM   861  C  CG  . LYS A 1 115 ? 2.959   -16.236 4.307   1.00 14.11  ? 115  LYS A CG  1 
ATOM   862  C  CD  . LYS A 1 115 ? 2.730   -17.436 3.410   1.00 17.02  ? 115  LYS A CD  1 
ATOM   863  C  CE  . LYS A 1 115 ? 3.978   -17.955 2.730   1.00 31.44  ? 115  LYS A CE  1 
ATOM   864  N  NZ  . LYS A 1 115 ? 3.685   -19.254 2.035   1.00 37.12  ? 115  LYS A NZ  1 
ATOM   865  N  N   . LEU A 1 116 ? 2.812   -13.562 6.175   1.00 7.04   ? 116  LEU A N   1 
ATOM   866  C  CA  . LEU A 1 116 ? 1.696   -13.146 7.004   1.00 6.32   ? 116  LEU A CA  1 
ATOM   867  C  C   . LEU A 1 116 ? 0.368   -13.480 6.298   1.00 6.09   ? 116  LEU A C   1 
ATOM   868  O  O   . LEU A 1 116 ? 0.381   -13.548 5.072   1.00 8.32   ? 116  LEU A O   1 
ATOM   869  C  CB  . LEU A 1 116 ? 1.702   -11.644 7.270   1.00 9.46   ? 116  LEU A CB  1 
ATOM   870  C  CG  . LEU A 1 116 ? 2.962   -11.005 7.862   1.00 14.98  ? 116  LEU A CG  1 
ATOM   871  C  CD1 . LEU A 1 116 ? 2.634   -9.597  8.343   1.00 12.20  ? 116  LEU A CD1 1 
ATOM   872  C  CD2 . LEU A 1 116 ? 3.547   -11.851 8.982   1.00 14.38  ? 116  LEU A CD2 1 
ATOM   873  N  N   . THR A 1 117 ? -0.697  -13.645 7.041   1.00 8.98   ? 117  THR A N   1 
ATOM   874  C  CA  . THR A 1 117 ? -2.068  -13.644 6.561   1.00 12.77  ? 117  THR A CA  1 
ATOM   875  C  C   . THR A 1 117 ? -2.646  -12.242 6.457   1.00 8.44   ? 117  THR A C   1 
ATOM   876  O  O   . THR A 1 117 ? -2.201  -11.279 7.077   1.00 7.20   ? 117  THR A O   1 
ATOM   877  C  CB  . THR A 1 117 ? -3.015  -14.405 7.518   1.00 10.59  ? 117  THR A CB  1 
ATOM   878  O  OG1 . THR A 1 117 ? -3.025  -13.667 8.750   1.00 9.52   ? 117  THR A OG1 1 
ATOM   879  C  CG2 . THR A 1 117 ? -2.501  -15.818 7.750   1.00 12.98  ? 117  THR A CG2 1 
ATOM   880  N  N   . PRO A 1 118 ? -3.685  -12.077 5.645   1.00 7.88   ? 118  PRO A N   1 
ATOM   881  C  CA  . PRO A 1 118 ? -4.360  -10.787 5.559   1.00 7.26   ? 118  PRO A CA  1 
ATOM   882  C  C   . PRO A 1 118 ? -4.842  -10.322 6.928   1.00 4.54   ? 118  PRO A C   1 
ATOM   883  O  O   . PRO A 1 118 ? -4.807  -9.121  7.196   1.00 7.07   ? 118  PRO A O   1 
ATOM   884  C  CB  . PRO A 1 118 ? -5.532  -11.063 4.608   1.00 10.04  ? 118  PRO A CB  1 
ATOM   885  C  CG  . PRO A 1 118 ? -5.113  -12.259 3.816   1.00 10.55  ? 118  PRO A CG  1 
ATOM   886  C  CD  . PRO A 1 118 ? -4.261  -13.084 4.742   1.00 7.52   ? 118  PRO A CD  1 
ATOM   887  N  N   . GLN A 1 119 ? -5.249  -11.236 7.801   1.00 7.23   ? 119  GLN A N   1 
ATOM   888  C  CA  . GLN A 1 119 ? -5.648  -10.837 9.151   1.00 8.29   ? 119  GLN A CA  1 
ATOM   889  C  C   . GLN A 1 119 ? -4.453  -10.258 9.910   1.00 5.99   ? 119  GLN A C   1 
ATOM   890  O  O   . GLN A 1 119 ? -4.589  -9.261  10.636  1.00 8.56   ? 119  GLN A O   1 
ATOM   891  C  CB  . GLN A 1 119 ? -6.271  -12.012 9.915   1.00 8.60   ? 119  GLN A CB  1 
ATOM   892  C  CG  . GLN A 1 119 ? -6.916  -11.617 11.235  1.00 10.32  ? 119  GLN A CG  1 
ATOM   893  C  CD  . GLN A 1 119 ? -8.105  -10.688 11.134  1.00 17.18  ? 119  GLN A CD  1 
ATOM   894  O  OE1 . GLN A 1 119 ? -8.821  -10.598 10.132  1.00 18.82  ? 119  GLN A OE1 1 
ATOM   895  N  NE2 . GLN A 1 119 ? -8.385  -9.923  12.203  1.00 20.41  ? 119  GLN A NE2 1 
ATOM   896  N  N   . GLN A 1 120 ? -3.279  -10.867 9.735   1.00 5.99   ? 120  GLN A N   1 
ATOM   897  C  CA  . GLN A 1 120 ? -2.118  -10.282 10.430  1.00 7.89   ? 120  GLN A CA  1 
ATOM   898  C  C   . GLN A 1 120 ? -1.727  -8.936  9.861   1.00 9.33   ? 120  GLN A C   1 
ATOM   899  O  O   . GLN A 1 120 ? -1.206  -8.065  10.577  1.00 7.62   ? 120  GLN A O   1 
ATOM   900  C  CB  . GLN A 1 120 ? -0.938  -11.245 10.354  1.00 11.99  ? 120  GLN A CB  1 
ATOM   901  C  CG  . GLN A 1 120 ? -1.131  -12.537 11.119  1.00 15.30  ? 120  GLN A CG  1 
ATOM   902  C  CD  . GLN A 1 120 ? 0.016   -13.513 10.917  1.00 12.59  ? 120  GLN A CD  1 
ATOM   903  O  OE1 . GLN A 1 120 ? 0.231   -14.034 9.834   1.00 9.33   ? 120  GLN A OE1 1 
ATOM   904  N  NE2 . GLN A 1 120 ? 0.745   -13.746 12.010  1.00 21.11  ? 120  GLN A NE2 1 
ATOM   905  N  N   . VAL A 1 121 ? -1.940  -8.742  8.549   1.00 7.79   ? 121  VAL A N   1 
ATOM   906  C  CA  . VAL A 1 121 ? -1.639  -7.427  7.973   1.00 4.90   ? 121  VAL A CA  1 
ATOM   907  C  C   . VAL A 1 121 ? -2.549  -6.374  8.586   1.00 5.71   ? 121  VAL A C   1 
ATOM   908  O  O   . VAL A 1 121 ? -2.111  -5.264  8.893   1.00 8.60   ? 121  VAL A O   1 
ATOM   909  C  CB  . VAL A 1 121 ? -1.741  -7.450  6.441   1.00 5.80   ? 121  VAL A CB  1 
ATOM   910  C  CG1 . VAL A 1 121 ? -1.446  -6.048  5.884   1.00 6.98   ? 121  VAL A CG1 1 
ATOM   911  C  CG2 . VAL A 1 121 ? -0.783  -8.496  5.879   1.00 6.38   ? 121  VAL A CG2 1 
ATOM   912  N  N   . LEU A 1 122 ? -3.823  -6.705  8.805   1.00 5.09   ? 122  LEU A N   1 
ATOM   913  C  CA  . LEU A 1 122 ? -4.717  -5.807  9.536   1.00 8.92   ? 122  LEU A CA  1 
ATOM   914  C  C   . LEU A 1 122 ? -4.138  -5.481  10.924  1.00 8.25   ? 122  LEU A C   1 
ATOM   915  O  O   . LEU A 1 122 ? -4.207  -4.327  11.335  1.00 7.56   ? 122  LEU A O   1 
ATOM   916  C  CB  . LEU A 1 122 ? -6.112  -6.414  9.744   1.00 7.29   ? 122  LEU A CB  1 
ATOM   917  C  CG  . LEU A 1 122 ? -7.104  -5.521  10.517  1.00 6.33   ? 122  LEU A CG  1 
ATOM   918  C  CD1 . LEU A 1 122 ? -7.434  -4.262  9.734   1.00 9.54   ? 122  LEU A CD1 1 
ATOM   919  C  CD2 . LEU A 1 122 ? -8.357  -6.321  10.836  1.00 10.53  ? 122  LEU A CD2 1 
ATOM   920  N  N   . ALA A 1 123 ? -3.584  -6.502  11.578  1.00 6.23   ? 123  ALA A N   1 
ATOM   921  C  CA  . ALA A 1 123 ? -3.014  -6.264  12.905  1.00 10.34  ? 123  ALA A CA  1 
ATOM   922  C  C   . ALA A 1 123 ? -1.879  -5.239  12.814  1.00 9.96   ? 123  ALA A C   1 
ATOM   923  O  O   . ALA A 1 123 ? -1.735  -4.415  13.706  1.00 10.01  ? 123  ALA A O   1 
ATOM   924  C  CB  . ALA A 1 123 ? -2.478  -7.525  13.541  1.00 8.53   ? 123  ALA A CB  1 
ATOM   925  N  N   . GLU A 1 124 ? -1.108  -5.360  11.731  1.00 8.28   ? 124  GLU A N   1 
ATOM   926  C  CA  . GLU A 1 124 ? 0.021   -4.451  11.528  1.00 10.42  ? 124  GLU A CA  1 
ATOM   927  C  C   . GLU A 1 124 ? -0.478  -3.035  11.280  1.00 8.91   ? 124  GLU A C   1 
ATOM   928  O  O   . GLU A 1 124 ? 0.138   -2.065  11.734  1.00 7.83   ? 124  GLU A O   1 
ATOM   929  C  CB  . GLU A 1 124 ? 0.915   -4.942  10.379  1.00 5.99   ? 124  GLU A CB  1 
ATOM   930  C  CG  . GLU A 1 124 ? 1.645   -6.251  10.700  1.00 7.22   ? 124  GLU A CG  1 
ATOM   931  C  CD  . GLU A 1 124 ? 2.466   -6.156  11.977  1.00 16.17  ? 124  GLU A CD  1 
ATOM   932  O  OE1 . GLU A 1 124 ? 3.163   -5.132  12.163  1.00 11.94  ? 124  GLU A OE1 1 
ATOM   933  O  OE2 . GLU A 1 124 ? 2.390   -7.085  12.822  1.00 14.49  ? 124  GLU A OE2 1 
ATOM   934  N  N   . ARG A 1 125 ? -1.591  -2.905  10.547  1.00 5.79   ? 125  ARG A N   1 
ATOM   935  C  CA  . ARG A 1 125 ? -2.186  -1.601  10.303  1.00 7.61   ? 125  ARG A CA  1 
ATOM   936  C  C   . ARG A 1 125 ? -2.535  -0.910  11.625  1.00 8.59   ? 125  ARG A C   1 
ATOM   937  O  O   . ARG A 1 125 ? -2.292  0.255   11.869  1.00 6.58   ? 125  ARG A O   1 
ATOM   938  C  CB  . ARG A 1 125 ? -3.459  -1.750  9.460   1.00 6.84   ? 125  ARG A CB  1 
ATOM   939  C  CG  . ARG A 1 125 ? -3.968  -0.402  8.946   1.00 10.95  ? 125  ARG A CG  1 
ATOM   940  C  CD  . ARG A 1 125 ? -5.234  -0.592  8.118   1.00 11.02  ? 125  ARG A CD  1 
ATOM   941  N  NE  . ARG A 1 125 ? -5.575  0.566   7.296   1.00 8.60   ? 125  ARG A NE  1 
ATOM   942  C  CZ  . ARG A 1 125 ? -6.303  1.572   7.770   1.00 10.95  ? 125  ARG A CZ  1 
ATOM   943  N  NH1 . ARG A 1 125 ? -6.728  1.508   9.030   1.00 8.71   ? 125  ARG A NH1 1 
ATOM   944  N  NH2 . ARG A 1 125 ? -6.597  2.608   7.009   1.00 9.81   ? 125  ARG A NH2 1 
ATOM   945  N  N   . LYS A 1 126 ? -3.155  -1.717  12.498  1.00 6.71   ? 126  LYS A N   1 
ATOM   946  C  CA  . LYS A 1 126 ? -3.611  -1.195  13.768  1.00 8.39   ? 126  LYS A CA  1 
ATOM   947  C  C   . LYS A 1 126 ? -2.433  -0.725  14.617  1.00 9.75   ? 126  LYS A C   1 
ATOM   948  O  O   . LYS A 1 126 ? -2.530  0.296   15.307  1.00 10.78  ? 126  LYS A O   1 
ATOM   949  C  CB  . LYS A 1 126 ? -4.435  -2.262  14.509  1.00 10.50  ? 126  LYS A CB  1 
ATOM   950  C  CG  . LYS A 1 126 ? -5.824  -2.437  13.901  1.00 13.00  ? 126  LYS A CG  1 
ATOM   951  C  CD  . LYS A 1 126 ? -6.658  -3.376  14.772  1.00 24.84  ? 126  LYS A CD  1 
ATOM   952  C  CE  . LYS A 1 126 ? -7.795  -4.004  13.980  1.00 23.50  ? 126  LYS A CE  1 
ATOM   953  N  NZ  . LYS A 1 126 ? -9.025  -3.172  14.104  1.00 25.28  ? 126  LYS A NZ  1 
ATOM   954  N  N   . LYS A 1 127 ? -1.332  -1.458  14.521  1.00 9.87   ? 127  LYS A N   1 
ATOM   955  C  CA  . LYS A 1 127 ? -0.120  -1.120  15.261  1.00 8.13   ? 127  LYS A CA  1 
ATOM   956  C  C   . LYS A 1 127 ? 0.442   0.228   14.825  1.00 15.86  ? 127  LYS A C   1 
ATOM   957  O  O   . LYS A 1 127 ? 1.271   0.807   15.544  1.00 15.63  ? 127  LYS A O   1 
ATOM   958  C  CB  . LYS A 1 127 ? 0.943   -2.215  15.090  1.00 10.06  ? 127  LYS A CB  1 
ATOM   959  C  CG  . LYS A 1 127 ? 0.578   -3.490  15.846  1.00 13.05  ? 127  LYS A CG  1 
ATOM   960  C  CD  . LYS A 1 127 ? 1.628   -4.566  15.810  1.00 18.25  ? 127  LYS A CD  1 
ATOM   961  C  CE  . LYS A 1 127 ? 2.990   -4.077  16.267  1.00 23.73  ? 127  LYS A CE  1 
ATOM   962  N  NZ  . LYS A 1 127 ? 4.035   -5.136  16.136  1.00 33.49  ? 127  LYS A NZ  1 
ATOM   963  N  N   . LEU A 1 128 ? 0.002   0.744   13.683  1.00 8.30   ? 128  LEU A N   1 
ATOM   964  C  CA  . LEU A 1 128 ? 0.443   2.038   13.227  1.00 8.02   ? 128  LEU A CA  1 
ATOM   965  C  C   . LEU A 1 128 ? -0.333  3.148   13.919  1.00 13.27  ? 128  LEU A C   1 
ATOM   966  O  O   . LEU A 1 128 ? 0.077   4.294   13.786  1.00 15.41  ? 128  LEU A O   1 
ATOM   967  C  CB  . LEU A 1 128 ? 0.267   2.229   11.704  1.00 7.69   ? 128  LEU A CB  1 
ATOM   968  C  CG  . LEU A 1 128 ? 1.027   1.250   10.817  1.00 15.20  ? 128  LEU A CG  1 
ATOM   969  C  CD1 . LEU A 1 128 ? 0.823   1.589   9.342   1.00 13.34  ? 128  LEU A CD1 1 
ATOM   970  C  CD2 . LEU A 1 128 ? 2.510   1.237   11.140  1.00 10.81  ? 128  LEU A CD2 1 
ATOM   971  N  N   . GLY A 1 129 ? -1.423  2.791   14.595  1.00 14.85  ? 129  GLY A N   1 
ATOM   972  C  CA  . GLY A 1 129 ? -2.287  3.788   15.199  1.00 13.84  ? 129  GLY A CA  1 
ATOM   973  C  C   . GLY A 1 129 ? -3.428  4.136   14.258  1.00 18.74  ? 129  GLY A C   1 
ATOM   974  O  O   . GLY A 1 129 ? -4.176  5.071   14.510  1.00 18.33  ? 129  GLY A O   1 
ATOM   975  N  N   . LEU A 1 130 ? -3.567  3.379   13.161  1.00 18.12  ? 130  LEU A N   1 
ATOM   976  C  CA  . LEU A 1 130 ? -4.644  3.654   12.203  1.00 11.67  ? 130  LEU A CA  1 
ATOM   977  C  C   . LEU A 1 130 ? -5.932  2.940   12.602  1.00 14.62  ? 130  LEU A C   1 
ATOM   978  O  O   . LEU A 1 130 ? -5.885  1.798   13.059  1.00 13.62  ? 130  LEU A O   1 
ATOM   979  C  CB  . LEU A 1 130 ? -4.247  3.229   10.789  1.00 11.89  ? 130  LEU A CB  1 
ATOM   980  C  CG  . LEU A 1 130 ? -3.163  4.039   10.078  1.00 19.53  ? 130  LEU A CG  1 
ATOM   981  C  CD1 . LEU A 1 130 ? -2.892  3.443   8.698   1.00 16.20  ? 130  LEU A CD1 1 
ATOM   982  C  CD2 . LEU A 1 130 ? -3.545  5.508   9.965   1.00 23.96  ? 130  LEU A CD2 1 
ATOM   983  N  N   . LYS A 1 131 ? -7.068  3.616   12.420  1.00 20.36  ? 131  LYS A N   1 
ATOM   984  C  CA  . LYS A 1 131 ? -8.356  3.029   12.782  1.00 27.91  ? 131  LYS A CA  1 
ATOM   985  C  C   . LYS A 1 131 ? -9.101  2.510   11.559  1.00 21.16  ? 131  LYS A C   1 
ATOM   986  O  O   . LYS A 1 131 ? -10.001 1.664   11.697  1.00 20.84  ? 131  LYS A O   1 
ATOM   987  C  CB  . LYS A 1 131 ? -9.207  4.059   13.532  1.00 37.95  ? 131  LYS A CB  1 
ATOM   988  C  CG  . LYS A 1 131 ? -8.396  5.215   14.107  1.00 53.07  ? 131  LYS A CG  1 
ATOM   989  C  CD  . LYS A 1 131 ? -9.206  6.030   15.101  1.00 61.32  ? 131  LYS A CD  1 
ATOM   990  C  CE  . LYS A 1 131 ? -8.837  5.683   16.535  1.00 67.95  ? 131  LYS A CE  1 
ATOM   991  N  NZ  . LYS A 1 131 ? -7.387  5.365   16.685  1.00 73.79  ? 131  LYS A NZ  1 
ATOM   992  O  OXT . LYS A 1 131 ? -8.790  2.945   10.438  1.00 18.89  ? 131  LYS A OXT 1 
HETATM 993  FE FE  . HFM B 2 .   ? -5.570  -2.505  -2.790  1.00 8.31   ? 200  HFM A FE  1 
HETATM 994  C  CHA . HFM B 2 .   ? -6.211  -1.723  0.462   1.00 10.62  ? 200  HFM A CHA 1 
HETATM 995  C  CHB . HFM B 2 .   ? -2.634  -0.877  -2.616  1.00 11.73  ? 200  HFM A CHB 1 
HETATM 996  C  CHC . HFM B 2 .   ? -4.797  -3.716  -5.819  1.00 10.78  ? 200  HFM A CHC 1 
HETATM 997  C  CHD . HFM B 2 .   ? -8.714  -3.659  -3.078  1.00 6.41   ? 200  HFM A CHD 1 
HETATM 998  N  NA  . HFM B 2 .   ? -4.565  -1.442  -1.308  1.00 6.63   ? 200  HFM A NA  1 
HETATM 999  N  NB  . HFM B 2 .   ? -3.992  -2.288  -4.043  1.00 4.90   ? 200  HFM A NB  1 
HETATM 1000 N  NC  . HFM B 2 .   ? -6.603  -3.534  -4.195  1.00 8.38   ? 200  HFM A NC  1 
HETATM 1001 N  ND  . HFM B 2 .   ? -7.163  -2.722  -1.509  1.00 7.58   ? 200  HFM A ND  1 
HETATM 1002 C  C1A . HFM B 2 .   ? -4.972  -1.254  -0.051  1.00 9.20   ? 200  HFM A C1A 1 
HETATM 1003 C  C2A . HFM B 2 .   ? -4.035  -0.477  0.643   1.00 9.41   ? 200  HFM A C2A 1 
HETATM 1004 C  C3A . HFM B 2 .   ? -2.969  -0.272  -0.209  1.00 6.03   ? 200  HFM A C3A 1 
HETATM 1005 C  C4A . HFM B 2 .   ? -3.362  -0.926  -1.427  1.00 9.40   ? 200  HFM A C4A 1 
HETATM 1006 C  CMA . HFM B 2 .   ? -1.692  0.466   -0.014  1.00 7.37   ? 200  HFM A CMA 1 
HETATM 1007 C  CAA . HFM B 2 .   ? -4.053  -0.246  2.177   1.00 6.84   ? 200  HFM A CAA 1 
HETATM 1008 C  CBA . HFM B 2 .   ? -4.815  1.105   2.414   1.00 7.58   ? 200  HFM A CBA 1 
HETATM 1009 C  CGA . HFM B 2 .   ? -5.113  1.204   3.937   1.00 11.68  ? 200  HFM A CGA 1 
HETATM 1010 O  O1A . HFM B 2 .   ? -5.567  2.296   4.353   1.00 10.46  ? 200  HFM A O1A 1 
HETATM 1011 O  O2A . HFM B 2 .   ? -4.696  0.356   4.723   1.00 10.99  ? 200  HFM A O2A 1 
HETATM 1012 C  C1B . HFM B 2 .   ? -2.959  -1.453  -3.880  1.00 9.27   ? 200  HFM A C1B 1 
HETATM 1013 C  C2B . HFM B 2 .   ? -2.049  -1.575  -4.938  1.00 7.60   ? 200  HFM A C2B 1 
HETATM 1014 C  C3B . HFM B 2 .   ? -2.584  -2.531  -5.756  1.00 6.99   ? 200  HFM A C3B 1 
HETATM 1015 C  C4B . HFM B 2 .   ? -3.823  -2.853  -5.253  1.00 9.23   ? 200  HFM A C4B 1 
HETATM 1016 C  CMB . HFM B 2 .   ? -0.790  -0.744  -5.152  1.00 5.82   ? 200  HFM A CMB 1 
HETATM 1017 C  CAB . HFM B 2 .   ? -2.064  -2.912  -7.080  1.00 14.59  ? 200  HFM A CAB 1 
HETATM 1018 O  OAB . HFM B 2 .   ? -1.067  -2.302  -7.510  1.00 14.79  ? 200  HFM A OAB 1 
HETATM 1019 C  C1C . HFM B 2 .   ? -6.158  -3.848  -5.426  1.00 10.98  ? 200  HFM A C1C 1 
HETATM 1020 C  C2C . HFM B 2 .   ? -7.114  -4.686  -6.110  1.00 8.93   ? 200  HFM A C2C 1 
HETATM 1021 C  C3C . HFM B 2 .   ? -8.309  -4.359  -5.472  1.00 11.34  ? 200  HFM A C3C 1 
HETATM 1022 C  C4C . HFM B 2 .   ? -7.926  -3.870  -4.183  1.00 10.44  ? 200  HFM A C4C 1 
HETATM 1023 C  CMC . HFM B 2 .   ? -6.845  -5.131  -7.590  1.00 9.24   ? 200  HFM A CMC 1 
HETATM 1024 C  CAC . HFM B 2 .   ? -9.807  -4.909  -5.821  1.00 16.60  ? 200  HFM A CAC 1 
HETATM 1025 C  CBC . HFM B 2 .   ? -9.889  -6.396  -6.269  1.00 13.64  ? 200  HFM A CBC 1 
HETATM 1026 C  C1D . HFM B 2 .   ? -8.421  -3.127  -1.851  1.00 10.31  ? 200  HFM A C1D 1 
HETATM 1027 C  C2D . HFM B 2 .   ? -9.280  -3.020  -0.779  1.00 9.17   ? 200  HFM A C2D 1 
HETATM 1028 C  C3D . HFM B 2 .   ? -8.568  -2.473  0.275   1.00 8.75   ? 200  HFM A C3D 1 
HETATM 1029 C  C4D . HFM B 2 .   ? -7.226  -2.365  -0.235  1.00 7.18   ? 200  HFM A C4D 1 
HETATM 1030 C  CMD . HFM B 2 .   ? -10.766 -3.468  -0.751  1.00 8.06   ? 200  HFM A CMD 1 
HETATM 1031 C  CAD . HFM B 2 .   ? -9.017  -2.371  1.731   1.00 5.64   ? 200  HFM A CAD 1 
HETATM 1032 C  CBD . HFM B 2 .   ? -9.227  -3.773  2.407   1.00 10.05  ? 200  HFM A CBD 1 
HETATM 1033 C  CGD . HFM B 2 .   ? -10.103 -3.741  3.661   1.00 13.74  ? 200  HFM A CGD 1 
HETATM 1034 O  O1D . HFM B 2 .   ? -9.720  -4.251  4.716   1.00 11.06  ? 200  HFM A O1D 1 
HETATM 1035 O  O2D . HFM B 2 .   ? -11.088 -3.046  3.629   1.00 10.68  ? 200  HFM A O2D 1 
HETATM 1036 O  O   . HOH C 3 .   ? 1.061   9.699   -4.707  1.00 11.20  ? 1001 HOH A O   1 
HETATM 1037 O  O   . HOH C 3 .   ? 1.297   11.344  -12.017 1.00 14.74  ? 1002 HOH A O   1 
HETATM 1038 O  O   . HOH C 3 .   ? -6.333  -0.209  11.102  1.00 11.50  ? 1003 HOH A O   1 
HETATM 1039 O  O   . HOH C 3 .   ? 2.872   -2.258  12.056  1.00 10.78  ? 1004 HOH A O   1 
HETATM 1040 O  O   . HOH C 3 .   ? 16.673  -7.660  2.661   1.00 15.35  ? 1005 HOH A O   1 
HETATM 1041 O  O   . HOH C 3 .   ? 6.232   -15.329 1.889   1.00 13.31  ? 1006 HOH A O   1 
HETATM 1042 O  O   . HOH C 3 .   ? -12.882 -2.084  -12.435 1.00 13.28  ? 1007 HOH A O   1 
HETATM 1043 O  O   . HOH C 3 .   ? 16.092  4.221   -2.096  1.00 16.74  ? 1008 HOH A O   1 
HETATM 1044 O  O   . HOH C 3 .   ? 0.694   -9.130  12.588  1.00 19.58  ? 1009 HOH A O   1 
HETATM 1045 O  O   . HOH C 3 .   ? -16.020 -2.121  1.660   1.00 23.69  ? 1010 HOH A O   1 
HETATM 1046 O  O   . HOH C 3 .   ? 8.593   3.839   9.077   1.00 24.61  ? 1011 HOH A O   1 
HETATM 1047 O  O   . HOH C 3 .   ? -1.614  5.563   -12.484 1.00 14.00  ? 1012 HOH A O   1 
HETATM 1048 O  O   . HOH C 3 .   ? 5.403   13.392  -6.537  1.00 17.49  ? 1013 HOH A O   1 
HETATM 1049 O  O   . HOH C 3 .   ? -0.562  9.953   -13.397 1.00 13.32  ? 1014 HOH A O   1 
HETATM 1050 O  O   . HOH C 3 .   ? -7.386  8.639   6.392   1.00 17.51  ? 1015 HOH A O   1 
HETATM 1051 O  O   . HOH C 3 .   ? 5.148   9.039   -10.467 1.00 21.64  ? 1016 HOH A O   1 
HETATM 1052 O  O   . HOH C 3 .   ? -11.168 -3.550  12.259  1.00 21.15  ? 1017 HOH A O   1 
HETATM 1053 O  O   . HOH C 3 .   ? 6.802   -8.775  9.204   1.00 20.72  ? 1018 HOH A O   1 
HETATM 1054 O  O   . HOH C 3 .   ? 11.452  -3.855  4.895   1.00 14.53  ? 1019 HOH A O   1 
HETATM 1055 O  O   . HOH C 3 .   ? -11.945 7.306   1.854   1.00 17.23  ? 1020 HOH A O   1 
HETATM 1056 O  O   . HOH C 3 .   ? 7.214   5.120   -9.939  1.00 25.73  ? 1021 HOH A O   1 
HETATM 1057 O  O   . HOH C 3 .   ? 1.969   -14.199 -0.052  1.00 15.80  ? 1022 HOH A O   1 
HETATM 1058 O  O   . HOH C 3 .   ? 6.399   -14.985 -2.296  1.00 18.15  ? 1023 HOH A O   1 
HETATM 1059 O  O   . HOH C 3 .   ? -9.027  -1.185  11.614  1.00 19.54  ? 1024 HOH A O   1 
HETATM 1060 O  O   . HOH C 3 .   ? 15.317  -9.272  -4.194  1.00 20.71  ? 1025 HOH A O   1 
HETATM 1061 O  O   . HOH C 3 .   ? 12.530  -13.384 0.551   1.00 17.76  ? 1026 HOH A O   1 
HETATM 1062 O  O   . HOH C 3 .   ? -11.941 -5.769  -3.097  1.00 17.49  ? 1027 HOH A O   1 
HETATM 1063 O  O   . HOH C 3 .   ? 6.991   4.903   7.152   1.00 16.41  ? 1028 HOH A O   1 
HETATM 1064 O  O   . HOH C 3 .   ? 9.913   -8.753  9.946   1.00 26.62  ? 1029 HOH A O   1 
HETATM 1065 O  O   . HOH C 3 .   ? -0.855  -10.346 14.552  1.00 25.88  ? 1030 HOH A O   1 
HETATM 1066 O  O   . HOH C 3 .   ? -3.343  -14.709 11.264  1.00 28.23  ? 1031 HOH A O   1 
HETATM 1067 O  O   . HOH C 3 .   ? -1.142  9.541   9.467   1.00 22.97  ? 1032 HOH A O   1 
HETATM 1068 O  O   . HOH C 3 .   ? -1.286  -13.518 2.902   1.00 17.18  ? 1033 HOH A O   1 
HETATM 1069 O  O   . HOH C 3 .   ? 4.413   -1.369  13.989  1.00 15.88  ? 1034 HOH A O   1 
HETATM 1070 O  O   . HOH C 3 .   ? -7.876  11.086  -3.731  1.00 25.62  ? 1035 HOH A O   1 
HETATM 1071 O  O   . HOH C 3 .   ? -9.762  10.598  -0.688  1.00 25.64  ? 1036 HOH A O   1 
HETATM 1072 O  O   . HOH C 3 .   ? 4.980   -8.191  -13.883 1.00 43.88  ? 1037 HOH A O   1 
HETATM 1073 O  O   . HOH C 3 .   ? 14.680  -7.989  9.422   1.00 22.52  ? 1038 HOH A O   1 
HETATM 1074 O  O   . HOH C 3 .   ? 11.826  -2.352  8.470   1.00 20.78  ? 1039 HOH A O   1 
HETATM 1075 O  O   . HOH C 3 .   ? -5.759  -9.904  14.031  1.00 27.11  ? 1040 HOH A O   1 
HETATM 1076 O  O   . HOH C 3 .   ? -10.908 -9.403  9.611   1.00 27.82  ? 1041 HOH A O   1 
HETATM 1077 O  O   . HOH C 3 .   ? 10.680  -1.406  4.806   1.00 20.05  ? 1042 HOH A O   1 
HETATM 1078 O  O   . HOH C 3 .   ? 0.443   -13.039 14.665  1.00 28.75  ? 1043 HOH A O   1 
HETATM 1079 O  O   . HOH C 3 .   ? -2.713  8.888   -12.337 1.00 15.85  ? 1044 HOH A O   1 
HETATM 1080 O  O   . HOH C 3 .   ? 7.322   -13.878 -6.647  1.00 25.44  ? 1045 HOH A O   1 
HETATM 1081 O  O   . HOH C 3 .   ? -7.346  -7.691  -4.679  1.00 18.25  ? 1046 HOH A O   1 
HETATM 1082 O  O   . HOH C 3 .   ? 11.669  -10.867 8.128   1.00 23.55  ? 1047 HOH A O   1 
HETATM 1083 O  O   . HOH C 3 .   ? -3.312  -11.121 -7.043  1.00 23.68  ? 1048 HOH A O   1 
HETATM 1084 O  O   . HOH C 3 .   ? 12.234  -1.447  -8.542  1.00 23.54  ? 1049 HOH A O   1 
HETATM 1085 O  O   . HOH C 3 .   ? 5.395   -9.302  11.348  1.00 30.26  ? 1050 HOH A O   1 
HETATM 1086 O  O   . HOH C 3 .   ? -12.915 -6.327  11.046  1.00 26.38  ? 1051 HOH A O   1 
HETATM 1087 O  O   . HOH C 3 .   ? -0.687  -16.223 4.309   1.00 26.54  ? 1052 HOH A O   1 
HETATM 1088 O  O   . HOH C 3 .   ? 5.165   -16.107 -4.585  1.00 31.86  ? 1053 HOH A O   1 
HETATM 1089 O  O   . HOH C 3 .   ? -14.696 -3.273  -0.573  1.00 24.43  ? 1054 HOH A O   1 
HETATM 1090 O  O   . HOH C 3 .   ? 13.576  9.822   4.410   1.00 34.10  ? 1055 HOH A O   1 
HETATM 1091 O  O   . HOH C 3 .   ? -9.880  -9.166  -3.495  1.00 35.58  ? 1056 HOH A O   1 
HETATM 1092 O  O   . HOH C 3 .   ? -14.131 -10.036 -3.601  1.00 20.97  ? 1057 HOH A O   1 
HETATM 1093 O  O   . HOH C 3 .   ? 8.978   7.294   -8.717  1.00 34.44  ? 1058 HOH A O   1 
HETATM 1094 O  O   . HOH C 3 .   ? 11.146  -16.675 -1.826  1.00 33.92  ? 1059 HOH A O   1 
HETATM 1095 O  O   . HOH C 3 .   ? 15.197  -1.785  -5.992  1.00 25.68  ? 1060 HOH A O   1 
HETATM 1096 O  O   . HOH C 3 .   ? 11.594  -11.221 -6.323  1.00 24.38  ? 1061 HOH A O   1 
HETATM 1097 O  O   . HOH C 3 .   ? 4.703   -1.944  9.935   1.00 16.72  ? 1062 HOH A O   1 
HETATM 1098 O  O   . HOH C 3 .   ? 1.365   -16.130 8.779   1.00 22.79  ? 1063 HOH A O   1 
HETATM 1099 O  O   . HOH C 3 .   ? -5.214  11.667  9.201   1.00 40.30  ? 1064 HOH A O   1 
HETATM 1100 O  O   . HOH C 3 .   ? 5.832   -11.023 -11.639 1.00 26.57  ? 1066 HOH A O   1 
HETATM 1101 O  O   . HOH C 3 .   ? 6.761   -9.998  7.031   1.00 12.98  ? 1067 HOH A O   1 
HETATM 1102 O  O   . HOH C 3 .   ? -13.212 -7.197  5.437   1.00 14.42  ? 1068 HOH A O   1 
HETATM 1103 O  O   . HOH C 3 .   ? -5.429  1.279   15.593  1.00 22.93  ? 1069 HOH A O   1 
HETATM 1104 O  O   . HOH C 3 .   ? 3.279   9.836   -12.460 1.00 21.32  ? 1070 HOH A O   1 
HETATM 1105 O  O   . HOH C 3 .   ? -6.930  -11.681 0.843   1.00 14.00  ? 1071 HOH A O   1 
HETATM 1106 O  O   . HOH C 3 .   ? -8.563  -12.244 2.717   1.00 15.18  ? 1072 HOH A O   1 
HETATM 1107 O  O   . HOH C 3 .   ? 16.662  -6.624  8.618   1.00 15.89  ? 1073 HOH A O   1 
HETATM 1108 O  O   . HOH C 3 .   ? 4.469   -15.344 -0.316  1.00 17.95  ? 1074 HOH A O   1 
HETATM 1109 O  O   . HOH C 3 .   ? 10.273  6.750   -6.896  1.00 24.13  ? 1075 HOH A O   1 
HETATM 1110 O  O   . HOH C 3 .   ? 6.370   6.783   16.454  1.00 25.69  ? 1076 HOH A O   1 
HETATM 1111 O  O   . HOH C 3 .   ? 12.147  -6.633  8.942   1.00 31.75  ? 1077 HOH A O   1 
HETATM 1112 O  O   . HOH C 3 .   ? 4.321   6.905   14.186  1.00 18.55  ? 1078 HOH A O   1 
HETATM 1113 O  O   . HOH C 3 .   ? -11.413 7.358   -8.744  1.00 16.82  ? 1079 HOH A O   1 
HETATM 1114 O  O   . HOH C 3 .   ? -12.509 7.248   -11.169 1.00 19.84  ? 1080 HOH A O   1 
HETATM 1115 O  O   . HOH C 3 .   ? -7.208  10.446  0.208   1.00 26.87  ? 1081 HOH A O   1 
HETATM 1116 O  O   . HOH C 3 .   ? -5.493  7.160   7.594   1.00 25.02  ? 1082 HOH A O   1 
HETATM 1117 O  O   . HOH C 3 .   ? 17.266  -8.618  5.001   1.00 30.65  ? 1083 HOH A O   1 
HETATM 1118 O  O   . HOH C 3 .   ? -3.350  -16.407 4.395   1.00 32.67  ? 1084 HOH A O   1 
HETATM 1119 O  O   . HOH C 3 .   ? -10.955 -7.884  12.815  1.00 30.51  ? 1085 HOH A O   1 
HETATM 1120 O  O   . HOH C 3 .   ? -9.150  6.834   -12.786 1.00 24.68  ? 1086 HOH A O   1 
HETATM 1121 O  O   . HOH C 3 .   ? 11.023  -15.579 0.789   1.00 24.85  ? 1087 HOH A O   1 
HETATM 1122 O  O   . HOH C 3 .   ? 6.159   -15.296 14.549  1.00 29.82  ? 1088 HOH A O   1 
HETATM 1123 O  O   . HOH C 3 .   ? 8.102   -16.923 0.442   1.00 38.80  ? 1089 HOH A O   1 
HETATM 1124 O  O   . HOH C 3 .   ? 2.831   -10.375 12.318  1.00 33.98  ? 1090 HOH A O   1 
HETATM 1125 O  O   . HOH C 3 .   ? 20.719  -6.131  -2.980  1.00 24.03  ? 1091 HOH A O   1 
HETATM 1126 O  O   . HOH C 3 .   ? -7.399  -9.066  -6.853  1.00 26.26  ? 1092 HOH A O   1 
HETATM 1127 O  O   . HOH C 3 .   ? -4.350  9.065   9.128   1.00 30.30  ? 1093 HOH A O   1 
HETATM 1128 O  O   . HOH C 3 .   ? -6.615  -1.417  -7.901  1.00 17.82  ? 1094 HOH A O   1 
HETATM 1129 O  O   . HOH C 3 .   ? 12.556  -12.298 -2.247  1.00 22.93  ? 1095 HOH A O   1 
HETATM 1130 O  O   . HOH C 3 .   ? -1.809  11.118  -15.394 1.00 24.03  ? 1096 HOH A O   1 
HETATM 1131 O  O   . HOH C 3 .   ? 8.522   -5.947  -14.511 1.00 27.69  ? 1097 HOH A O   1 
HETATM 1132 O  O   . HOH C 3 .   ? 3.798   -17.792 -0.922  1.00 27.55  ? 1098 HOH A O   1 
HETATM 1133 O  O   . HOH C 3 .   ? 15.084  -9.412  11.505  1.00 36.95  ? 1099 HOH A O   1 
HETATM 1134 O  O   . HOH C 3 .   ? -8.382  -12.821 -1.371  1.00 26.16  ? 1100 HOH A O   1 
HETATM 1135 O  O   . HOH C 3 .   ? 10.575  2.446   -8.896  1.00 31.76  ? 1101 HOH A O   1 
HETATM 1136 O  O   . HOH C 3 .   ? 17.312  -7.818  -3.289  1.00 26.65  ? 1102 HOH A O   1 
HETATM 1137 O  O   . HOH C 3 .   ? 11.340  -14.258 -3.861  1.00 30.24  ? 1103 HOH A O   1 
HETATM 1138 O  O   . HOH C 3 .   ? 5.792   12.787  -4.053  1.00 39.35  ? 1104 HOH A O   1 
HETATM 1139 O  O   . HOH C 3 .   ? -9.522  8.164   8.050   1.00 52.72  ? 1105 HOH A O   1 
HETATM 1140 O  O   . HOH C 3 .   ? -0.093  -17.765 6.278   1.00 30.42  ? 1106 HOH A O   1 
HETATM 1141 O  O   . HOH C 3 .   ? 23.309  -4.999  -2.503  1.00 24.22  ? 1107 HOH A O   1 
HETATM 1142 O  O   . HOH C 3 .   ? 8.380   2.827   -10.860 1.00 29.16  ? 1108 HOH A O   1 
HETATM 1143 O  O   . HOH C 3 .   ? 5.181   -5.388  13.921  1.00 32.34  ? 1109 HOH A O   1 
HETATM 1144 O  O   . HOH C 3 .   ? -12.258 9.522   0.595   1.00 24.51  ? 1110 HOH A O   1 
HETATM 1145 O  O   . HOH C 3 .   ? -4.445  8.144   -14.616 1.00 32.75  ? 1111 HOH A O   1 
HETATM 1146 O  O   . HOH C 3 .   ? 16.490  -11.131 -5.228  1.00 83.92  ? 1112 HOH A O   1 
HETATM 1147 O  O   . HOH C 3 .   ? 8.295   -16.484 -1.912  1.00 37.10  ? 1113 HOH A O   1 
HETATM 1148 O  O   . HOH C 3 .   ? 14.045  1.357   -5.666  1.00 28.44  ? 1114 HOH A O   1 
HETATM 1149 O  O   . HOH C 3 .   ? 8.408   -10.029 -14.283 1.00 37.87  ? 1115 HOH A O   1 
HETATM 1150 O  O   . HOH C 3 .   ? -0.519  3.835   -14.263 1.00 30.76  ? 1116 HOH A O   1 
HETATM 1151 O  O   . HOH C 3 .   ? 1.960   7.727   -14.114 1.00 28.55  ? 1118 HOH A O   1 
HETATM 1152 O  O   . HOH C 3 .   ? 5.268   6.098   -11.595 1.00 16.22  ? 1119 HOH A O   1 
HETATM 1153 O  O   . HOH C 3 .   ? -1.297  13.950  -2.672  1.00 26.21  ? 1120 HOH A O   1 
HETATM 1154 O  O   . HOH C 3 .   ? 14.447  -10.191 8.428   1.00 21.79  ? 1121 HOH A O   1 
HETATM 1155 O  O   . HOH C 3 .   ? -7.265  6.452   11.867  1.00 37.92  ? 1122 HOH A O   1 
HETATM 1156 O  O   . HOH C 3 .   ? -2.381  13.734  2.210   1.00 24.33  ? 1123 HOH A O   1 
HETATM 1157 O  O   . HOH C 3 .   ? 7.551   8.071   9.190   1.00 31.13  ? 1124 HOH A O   1 
HETATM 1158 O  O   . HOH C 3 .   ? 9.080   6.576   4.544   1.00 40.41  ? 1126 HOH A O   1 
HETATM 1159 O  O   . HOH C 3 .   ? 1.230   -18.492 0.880   1.00 35.44  ? 1128 HOH A O   1 
HETATM 1160 O  O   . HOH C 3 .   ? 16.585  -10.472 2.784   1.00 33.40  ? 1135 HOH A O   1 
HETATM 1161 O  O   . HOH C 3 .   ? 17.839  -6.869  -5.570  1.00 58.97  ? 1141 HOH A O   1 
HETATM 1162 O  O   . HOH C 3 .   ? 6.114   -14.557 -9.403  1.00 41.75  ? 1143 HOH A O   1 
HETATM 1163 O  O   . HOH C 3 .   ? 12.073  4.345   16.121  1.00 31.15  ? 1144 HOH A O   1 
HETATM 1164 O  O   . HOH C 3 .   ? -3.101  -11.034 14.158  1.00 29.73  ? 1145 HOH A O   1 
HETATM 1165 O  O   . HOH C 3 .   ? -12.802 5.873   -2.242  1.00 32.10  ? 1146 HOH A O   1 
HETATM 1166 O  O   . HOH C 3 .   ? -4.383  -12.967 0.729   1.00 39.58  ? 1147 HOH A O   1 
HETATM 1167 O  O   . HOH C 3 .   ? -7.481  5.603   8.850   1.00 54.74  ? 1153 HOH A O   1 
HETATM 1168 O  O   . HOH C 3 .   ? 13.002  -8.250  -8.192  1.00 25.18  ? 1214 HOH A O   1 
HETATM 1169 O  O   . HOH C 3 .   ? 2.754   -7.262  15.868  1.00 35.28  ? 1215 HOH A O   1 
HETATM 1170 O  O   . HOH C 3 .   ? 11.337  -8.882  11.867  1.00 50.67  ? 1218 HOH A O   1 
HETATM 1171 O  O   . HOH C 3 .   ? -1.146  -14.008 -5.425  1.00 37.57  ? 1225 HOH A O   1 
# 
loop_
_atom_site_anisotrop.id 
_atom_site_anisotrop.type_symbol 
_atom_site_anisotrop.pdbx_label_atom_id 
_atom_site_anisotrop.pdbx_label_alt_id 
_atom_site_anisotrop.pdbx_label_comp_id 
_atom_site_anisotrop.pdbx_label_asym_id 
_atom_site_anisotrop.pdbx_label_seq_id 
_atom_site_anisotrop.pdbx_PDB_ins_code 
_atom_site_anisotrop.U[1][1] 
_atom_site_anisotrop.U[2][2] 
_atom_site_anisotrop.U[3][3] 
_atom_site_anisotrop.U[1][2] 
_atom_site_anisotrop.U[1][3] 
_atom_site_anisotrop.U[2][3] 
_atom_site_anisotrop.pdbx_auth_seq_id 
_atom_site_anisotrop.pdbx_auth_comp_id 
_atom_site_anisotrop.pdbx_auth_asym_id 
_atom_site_anisotrop.pdbx_auth_atom_id 
84  S  SG . CYS A 14 ? 0.0580 0.2182 0.1686 -0.0594 -0.0914 0.0519 14  CYS A SG 
450 S  SD . MET A 63 ? 1.6022 0.5512 2.5954 0.1252  0.5524  0.7102 63  MET A SD 
501 S  SD . MET A 69 ? 0.0809 0.0893 0.1308 -0.0124 -0.0017 0.0267 69  MET A SD 
993 FE FE . HFM B .  ? 0.0232 0.1546 0.1379 0.0042  -0.0558 0.0142 200 HFM A FE 
# 
